data_2C1Q
# 
_entry.id   2C1Q 
# 
_audit_conform.dict_name       mmcif_pdbx.dic 
_audit_conform.dict_version    5.397 
_audit_conform.dict_location   http://mmcif.pdb.org/dictionaries/ascii/mmcif_pdbx.dic 
# 
loop_
_database_2.database_id 
_database_2.database_code 
_database_2.pdbx_database_accession 
_database_2.pdbx_DOI 
PDB   2C1Q         pdb_00002c1q 10.2210/pdb2c1q/pdb 
PDBE  EBI-25691    ?            ?                   
WWPDB D_1290025691 ?            ?                   
# 
loop_
_pdbx_audit_revision_history.ordinal 
_pdbx_audit_revision_history.data_content_type 
_pdbx_audit_revision_history.major_revision 
_pdbx_audit_revision_history.minor_revision 
_pdbx_audit_revision_history.revision_date 
1 'Structure model' 1 0 2007-02-20 
2 'Structure model' 1 1 2011-05-08 
3 'Structure model' 1 2 2011-07-13 
4 'Structure model' 1 3 2018-01-17 
5 'Structure model' 1 4 2023-12-13 
6 'Structure model' 1 5 2024-10-09 
# 
_pdbx_audit_revision_details.ordinal             1 
_pdbx_audit_revision_details.revision_ordinal    1 
_pdbx_audit_revision_details.data_content_type   'Structure model' 
_pdbx_audit_revision_details.provider            repository 
_pdbx_audit_revision_details.type                'Initial release' 
_pdbx_audit_revision_details.description         ? 
_pdbx_audit_revision_details.details             ? 
# 
loop_
_pdbx_audit_revision_group.ordinal 
_pdbx_audit_revision_group.revision_ordinal 
_pdbx_audit_revision_group.data_content_type 
_pdbx_audit_revision_group.group 
1 2 'Structure model' 'Version format compliance' 
2 3 'Structure model' 'Version format compliance' 
3 4 'Structure model' 'Data collection'           
4 5 'Structure model' 'Data collection'           
5 5 'Structure model' 'Database references'       
6 5 'Structure model' Other                       
7 5 'Structure model' 'Refinement description'    
8 6 'Structure model' 'Structure summary'         
# 
loop_
_pdbx_audit_revision_category.ordinal 
_pdbx_audit_revision_category.revision_ordinal 
_pdbx_audit_revision_category.data_content_type 
_pdbx_audit_revision_category.category 
1 4 'Structure model' diffrn_source                 
2 5 'Structure model' chem_comp_atom                
3 5 'Structure model' chem_comp_bond                
4 5 'Structure model' database_2                    
5 5 'Structure model' pdbx_database_status          
6 5 'Structure model' pdbx_initial_refinement_model 
7 6 'Structure model' pdbx_entry_details            
8 6 'Structure model' pdbx_modification_feature     
# 
loop_
_pdbx_audit_revision_item.ordinal 
_pdbx_audit_revision_item.revision_ordinal 
_pdbx_audit_revision_item.data_content_type 
_pdbx_audit_revision_item.item 
1 4 'Structure model' '_diffrn_source.pdbx_synchrotron_site' 
2 5 'Structure model' '_database_2.pdbx_DOI'                 
3 5 'Structure model' '_database_2.pdbx_database_accession'  
4 5 'Structure model' '_pdbx_database_status.status_code_sf' 
# 
_pdbx_database_status.status_code                     REL 
_pdbx_database_status.entry_id                        2C1Q 
_pdbx_database_status.deposit_site                    PDBE 
_pdbx_database_status.process_site                    PDBE 
_pdbx_database_status.SG_entry                        . 
_pdbx_database_status.recvd_initial_deposition_date   2005-09-19 
_pdbx_database_status.pdb_format_compatible           Y 
_pdbx_database_status.status_code_sf                  REL 
_pdbx_database_status.status_code_mr                  ? 
_pdbx_database_status.status_code_cs                  ? 
_pdbx_database_status.methods_development_category    ? 
_pdbx_database_status.status_code_nmr_data            ? 
# 
_pdbx_database_related.db_name        PDB 
_pdbx_database_related.db_id          2C1S 
_pdbx_database_related.content_type   unspecified 
_pdbx_database_related.details        'X-RAY STRUCTURE OF BIOTIN BINDING PROTEIN FROM CHICKEN' 
# 
loop_
_audit_author.name 
_audit_author.pdbx_ordinal 
'Hytonen, V.P.'   1  
'Niskanen, E.A.'  2  
'Maatta, J.A.E.'  3  
'Huuskonen, J.'   4  
'Helttunen, K.J.' 5  
'Halling, K.K.'   6  
'Slotte, J.P.'    7  
'Nordlund, H.R.'  8  
'Rissanen, K.'    9  
'Johnson, M.S.'   10 
'Salminen, T.A.'  11 
'Kulomaa, M.S.'   12 
'Laitinen, O.H.'  13 
'Airenne, T.T.'   14 
# 
_citation.id                        primary 
_citation.title                     'Structure and Characterization of a Novel Chicken Biotin-Binding Protein a (Bbp-A).' 
_citation.journal_abbrev            'Bmc Struct.Biol.' 
_citation.journal_volume            7 
_citation.page_first                8 
_citation.page_last                 ? 
_citation.year                      2007 
_citation.journal_id_ASTM           ? 
_citation.country                   UK 
_citation.journal_id_ISSN           1472-6807 
_citation.journal_id_CSD            ? 
_citation.book_publisher            ? 
_citation.pdbx_database_id_PubMed   17343730 
_citation.pdbx_database_id_DOI      10.1186/1472-6807-7-8 
# 
loop_
_citation_author.citation_id 
_citation_author.name 
_citation_author.ordinal 
_citation_author.identifier_ORCID 
primary 'Hytonen, V.P.'   1  ? 
primary 'Maatta, J.A.E.'  2  ? 
primary 'Niskanen, E.A.'  3  ? 
primary 'Huuskonen, J.'   4  ? 
primary 'Helttunen, K.J.' 5  ? 
primary 'Halling, K.K.'   6  ? 
primary 'Nordlund, H.R.'  7  ? 
primary 'Rissanen, K.'    8  ? 
primary 'Johnson, M.S.'   9  ? 
primary 'Salminen, T.A.'  10 ? 
primary 'Kulomaa, M.S.'   11 ? 
primary 'Laitinen, O.H.'  12 ? 
primary 'Airenne, T.T.'   13 ? 
# 
loop_
_entity.id 
_entity.type 
_entity.src_method 
_entity.pdbx_description 
_entity.formula_weight 
_entity.pdbx_number_of_molecules 
_entity.pdbx_ec 
_entity.pdbx_mutation 
_entity.pdbx_fragment 
_entity.details 
1 polymer     man 'BIOTIN BINDING PROTEIN A' 14019.936 1  ? ? ? ? 
2 non-polymer syn BIOTIN                     244.311   1  ? ? ? ? 
3 non-polymer syn GLYCEROL                   92.094    1  ? ? ? ? 
4 water       nat water                      18.015    61 ? ? ? ? 
# 
_entity_poly.entity_id                      1 
_entity_poly.type                           'polypeptide(L)' 
_entity_poly.nstd_linkage                   no 
_entity_poly.nstd_monomer                   no 
_entity_poly.pdbx_seq_one_letter_code       
;GTRKCELQGLWRNELGSNMTISALDVAGTFSGSYQTAVTATNKQILVSPLKGAQQPPGTKGQQPTFGFTVQWQFADSTTV
FVGQCFVDRRGKEMLEMAWLLREEVPSRKDTWKATRVGTNVFTRVK
;
_entity_poly.pdbx_seq_one_letter_code_can   
;GTRKCELQGLWRNELGSNMTISALDVAGTFSGSYQTAVTATNKQILVSPLKGAQQPPGTKGQQPTFGFTVQWQFADSTTV
FVGQCFVDRRGKEMLEMAWLLREEVPSRKDTWKATRVGTNVFTRVK
;
_entity_poly.pdbx_strand_id                 A 
_entity_poly.pdbx_target_identifier         ? 
# 
loop_
_pdbx_entity_nonpoly.entity_id 
_pdbx_entity_nonpoly.name 
_pdbx_entity_nonpoly.comp_id 
2 BIOTIN   BTN 
3 GLYCEROL GOL 
4 water    HOH 
# 
loop_
_entity_poly_seq.entity_id 
_entity_poly_seq.num 
_entity_poly_seq.mon_id 
_entity_poly_seq.hetero 
1 1   GLY n 
1 2   THR n 
1 3   ARG n 
1 4   LYS n 
1 5   CYS n 
1 6   GLU n 
1 7   LEU n 
1 8   GLN n 
1 9   GLY n 
1 10  LEU n 
1 11  TRP n 
1 12  ARG n 
1 13  ASN n 
1 14  GLU n 
1 15  LEU n 
1 16  GLY n 
1 17  SER n 
1 18  ASN n 
1 19  MET n 
1 20  THR n 
1 21  ILE n 
1 22  SER n 
1 23  ALA n 
1 24  LEU n 
1 25  ASP n 
1 26  VAL n 
1 27  ALA n 
1 28  GLY n 
1 29  THR n 
1 30  PHE n 
1 31  SER n 
1 32  GLY n 
1 33  SER n 
1 34  TYR n 
1 35  GLN n 
1 36  THR n 
1 37  ALA n 
1 38  VAL n 
1 39  THR n 
1 40  ALA n 
1 41  THR n 
1 42  ASN n 
1 43  LYS n 
1 44  GLN n 
1 45  ILE n 
1 46  LEU n 
1 47  VAL n 
1 48  SER n 
1 49  PRO n 
1 50  LEU n 
1 51  LYS n 
1 52  GLY n 
1 53  ALA n 
1 54  GLN n 
1 55  GLN n 
1 56  PRO n 
1 57  PRO n 
1 58  GLY n 
1 59  THR n 
1 60  LYS n 
1 61  GLY n 
1 62  GLN n 
1 63  GLN n 
1 64  PRO n 
1 65  THR n 
1 66  PHE n 
1 67  GLY n 
1 68  PHE n 
1 69  THR n 
1 70  VAL n 
1 71  GLN n 
1 72  TRP n 
1 73  GLN n 
1 74  PHE n 
1 75  ALA n 
1 76  ASP n 
1 77  SER n 
1 78  THR n 
1 79  THR n 
1 80  VAL n 
1 81  PHE n 
1 82  VAL n 
1 83  GLY n 
1 84  GLN n 
1 85  CYS n 
1 86  PHE n 
1 87  VAL n 
1 88  ASP n 
1 89  ARG n 
1 90  ARG n 
1 91  GLY n 
1 92  LYS n 
1 93  GLU n 
1 94  MET n 
1 95  LEU n 
1 96  GLU n 
1 97  MET n 
1 98  ALA n 
1 99  TRP n 
1 100 LEU n 
1 101 LEU n 
1 102 ARG n 
1 103 GLU n 
1 104 GLU n 
1 105 VAL n 
1 106 PRO n 
1 107 SER n 
1 108 ARG n 
1 109 LYS n 
1 110 ASP n 
1 111 THR n 
1 112 TRP n 
1 113 LYS n 
1 114 ALA n 
1 115 THR n 
1 116 ARG n 
1 117 VAL n 
1 118 GLY n 
1 119 THR n 
1 120 ASN n 
1 121 VAL n 
1 122 PHE n 
1 123 THR n 
1 124 ARG n 
1 125 VAL n 
1 126 LYS n 
# 
_entity_src_gen.entity_id                          1 
_entity_src_gen.pdbx_src_id                        1 
_entity_src_gen.pdbx_alt_source_flag               sample 
_entity_src_gen.pdbx_seq_type                      ? 
_entity_src_gen.pdbx_beg_seq_num                   ? 
_entity_src_gen.pdbx_end_seq_num                   ? 
_entity_src_gen.gene_src_common_name               CHICKEN 
_entity_src_gen.gene_src_genus                     ? 
_entity_src_gen.pdbx_gene_src_gene                 ? 
_entity_src_gen.gene_src_species                   ? 
_entity_src_gen.gene_src_strain                    ? 
_entity_src_gen.gene_src_tissue                    ? 
_entity_src_gen.gene_src_tissue_fraction           ? 
_entity_src_gen.gene_src_details                   ? 
_entity_src_gen.pdbx_gene_src_fragment             ? 
_entity_src_gen.pdbx_gene_src_scientific_name      'GALLUS GALLUS' 
_entity_src_gen.pdbx_gene_src_ncbi_taxonomy_id     9031 
_entity_src_gen.pdbx_gene_src_variant              ? 
_entity_src_gen.pdbx_gene_src_cell_line            ? 
_entity_src_gen.pdbx_gene_src_atcc                 ? 
_entity_src_gen.pdbx_gene_src_organ                ? 
_entity_src_gen.pdbx_gene_src_organelle            ? 
_entity_src_gen.pdbx_gene_src_cell                 ? 
_entity_src_gen.pdbx_gene_src_cellular_location    ? 
_entity_src_gen.host_org_common_name               ? 
_entity_src_gen.pdbx_host_org_scientific_name      'ESCHERICHIA COLI' 
_entity_src_gen.pdbx_host_org_ncbi_taxonomy_id     562 
_entity_src_gen.host_org_genus                     ? 
_entity_src_gen.pdbx_host_org_gene                 ? 
_entity_src_gen.pdbx_host_org_organ                ? 
_entity_src_gen.host_org_species                   ? 
_entity_src_gen.pdbx_host_org_tissue               ? 
_entity_src_gen.pdbx_host_org_tissue_fraction      ? 
_entity_src_gen.pdbx_host_org_strain               ? 
_entity_src_gen.pdbx_host_org_variant              ? 
_entity_src_gen.pdbx_host_org_cell_line            ? 
_entity_src_gen.pdbx_host_org_atcc                 ? 
_entity_src_gen.pdbx_host_org_culture_collection   ? 
_entity_src_gen.pdbx_host_org_cell                 ? 
_entity_src_gen.pdbx_host_org_organelle            ? 
_entity_src_gen.pdbx_host_org_cellular_location    ? 
_entity_src_gen.pdbx_host_org_vector_type          ? 
_entity_src_gen.pdbx_host_org_vector               ? 
_entity_src_gen.host_org_details                   ? 
_entity_src_gen.expression_system_id               ? 
_entity_src_gen.plasmid_name                       ? 
_entity_src_gen.plasmid_details                    ? 
_entity_src_gen.pdbx_description                   ? 
# 
loop_
_chem_comp.id 
_chem_comp.type 
_chem_comp.mon_nstd_flag 
_chem_comp.name 
_chem_comp.pdbx_synonyms 
_chem_comp.formula 
_chem_comp.formula_weight 
ALA 'L-peptide linking' y ALANINE         ?                               'C3 H7 N O2'      89.093  
ARG 'L-peptide linking' y ARGININE        ?                               'C6 H15 N4 O2 1'  175.209 
ASN 'L-peptide linking' y ASPARAGINE      ?                               'C4 H8 N2 O3'     132.118 
ASP 'L-peptide linking' y 'ASPARTIC ACID' ?                               'C4 H7 N O4'      133.103 
BTN non-polymer         . BIOTIN          ?                               'C10 H16 N2 O3 S' 244.311 
CYS 'L-peptide linking' y CYSTEINE        ?                               'C3 H7 N O2 S'    121.158 
GLN 'L-peptide linking' y GLUTAMINE       ?                               'C5 H10 N2 O3'    146.144 
GLU 'L-peptide linking' y 'GLUTAMIC ACID' ?                               'C5 H9 N O4'      147.129 
GLY 'peptide linking'   y GLYCINE         ?                               'C2 H5 N O2'      75.067  
GOL non-polymer         . GLYCEROL        'GLYCERIN; PROPANE-1,2,3-TRIOL' 'C3 H8 O3'        92.094  
HOH non-polymer         . WATER           ?                               'H2 O'            18.015  
ILE 'L-peptide linking' y ISOLEUCINE      ?                               'C6 H13 N O2'     131.173 
LEU 'L-peptide linking' y LEUCINE         ?                               'C6 H13 N O2'     131.173 
LYS 'L-peptide linking' y LYSINE          ?                               'C6 H15 N2 O2 1'  147.195 
MET 'L-peptide linking' y METHIONINE      ?                               'C5 H11 N O2 S'   149.211 
PHE 'L-peptide linking' y PHENYLALANINE   ?                               'C9 H11 N O2'     165.189 
PRO 'L-peptide linking' y PROLINE         ?                               'C5 H9 N O2'      115.130 
SER 'L-peptide linking' y SERINE          ?                               'C3 H7 N O3'      105.093 
THR 'L-peptide linking' y THREONINE       ?                               'C4 H9 N O3'      119.119 
TRP 'L-peptide linking' y TRYPTOPHAN      ?                               'C11 H12 N2 O2'   204.225 
TYR 'L-peptide linking' y TYROSINE        ?                               'C9 H11 N O3'     181.189 
VAL 'L-peptide linking' y VALINE          ?                               'C5 H11 N O2'     117.146 
# 
loop_
_pdbx_poly_seq_scheme.asym_id 
_pdbx_poly_seq_scheme.entity_id 
_pdbx_poly_seq_scheme.seq_id 
_pdbx_poly_seq_scheme.mon_id 
_pdbx_poly_seq_scheme.ndb_seq_num 
_pdbx_poly_seq_scheme.pdb_seq_num 
_pdbx_poly_seq_scheme.auth_seq_num 
_pdbx_poly_seq_scheme.pdb_mon_id 
_pdbx_poly_seq_scheme.auth_mon_id 
_pdbx_poly_seq_scheme.pdb_strand_id 
_pdbx_poly_seq_scheme.pdb_ins_code 
_pdbx_poly_seq_scheme.hetero 
A 1 1   GLY 1   -1  ?   ?   ?   A . n 
A 1 2   THR 2   1   1   THR THR A . n 
A 1 3   ARG 3   2   2   ARG ARG A . n 
A 1 4   LYS 4   3   3   LYS LYS A . n 
A 1 5   CYS 5   4   4   CYS CYS A . n 
A 1 6   GLU 6   5   5   GLU GLU A . n 
A 1 7   LEU 7   6   6   LEU LEU A . n 
A 1 8   GLN 8   7   7   GLN GLN A . n 
A 1 9   GLY 9   8   8   GLY GLY A . n 
A 1 10  LEU 10  9   9   LEU LEU A . n 
A 1 11  TRP 11  10  10  TRP TRP A . n 
A 1 12  ARG 12  11  11  ARG ARG A . n 
A 1 13  ASN 13  12  12  ASN ASN A . n 
A 1 14  GLU 14  13  13  GLU GLU A . n 
A 1 15  LEU 15  14  14  LEU LEU A . n 
A 1 16  GLY 16  15  15  GLY GLY A . n 
A 1 17  SER 17  16  16  SER SER A . n 
A 1 18  ASN 18  17  17  ASN ASN A . n 
A 1 19  MET 19  18  18  MET MET A . n 
A 1 20  THR 20  19  19  THR THR A . n 
A 1 21  ILE 21  20  20  ILE ILE A . n 
A 1 22  SER 22  21  21  SER SER A . n 
A 1 23  ALA 23  22  22  ALA ALA A . n 
A 1 24  LEU 24  23  23  LEU LEU A . n 
A 1 25  ASP 25  24  24  ASP ASP A . n 
A 1 26  VAL 26  25  25  VAL VAL A . n 
A 1 27  ALA 27  26  26  ALA ALA A . n 
A 1 28  GLY 28  27  27  GLY GLY A . n 
A 1 29  THR 29  28  28  THR THR A . n 
A 1 30  PHE 30  29  29  PHE PHE A . n 
A 1 31  SER 31  30  30  SER SER A . n 
A 1 32  GLY 32  31  31  GLY GLY A . n 
A 1 33  SER 33  32  32  SER SER A . n 
A 1 34  TYR 34  33  33  TYR TYR A . n 
A 1 35  GLN 35  34  34  GLN GLN A . n 
A 1 36  THR 36  35  35  THR THR A . n 
A 1 37  ALA 37  36  36  ALA ALA A . n 
A 1 38  VAL 38  37  37  VAL VAL A . n 
A 1 39  THR 39  38  38  THR THR A . n 
A 1 40  ALA 40  39  39  ALA ALA A . n 
A 1 41  THR 41  40  40  THR THR A . n 
A 1 42  ASN 42  41  41  ASN ASN A . n 
A 1 43  LYS 43  42  42  LYS LYS A . n 
A 1 44  GLN 44  43  43  GLN GLN A . n 
A 1 45  ILE 45  44  44  ILE ILE A . n 
A 1 46  LEU 46  45  45  LEU LEU A . n 
A 1 47  VAL 47  46  46  VAL VAL A . n 
A 1 48  SER 48  47  47  SER SER A . n 
A 1 49  PRO 49  48  48  PRO PRO A . n 
A 1 50  LEU 50  49  49  LEU LEU A . n 
A 1 51  LYS 51  50  50  LYS LYS A . n 
A 1 52  GLY 52  51  51  GLY GLY A . n 
A 1 53  ALA 53  52  52  ALA ALA A . n 
A 1 54  GLN 54  53  53  GLN GLN A . n 
A 1 55  GLN 55  54  54  GLN GLN A . n 
A 1 56  PRO 56  55  55  PRO PRO A . n 
A 1 57  PRO 57  56  56  PRO PRO A . n 
A 1 58  GLY 58  57  ?   ?   ?   A . n 
A 1 59  THR 59  58  ?   ?   ?   A . n 
A 1 60  LYS 60  59  59  LYS LYS A . n 
A 1 61  GLY 61  60  60  GLY GLY A . n 
A 1 62  GLN 62  61  61  GLN GLN A . n 
A 1 63  GLN 63  62  62  GLN GLN A . n 
A 1 64  PRO 64  63  63  PRO PRO A . n 
A 1 65  THR 65  64  64  THR THR A . n 
A 1 66  PHE 66  65  65  PHE PHE A . n 
A 1 67  GLY 67  66  66  GLY GLY A . n 
A 1 68  PHE 68  67  67  PHE PHE A . n 
A 1 69  THR 69  68  68  THR THR A . n 
A 1 70  VAL 70  69  69  VAL VAL A . n 
A 1 71  GLN 71  70  70  GLN GLN A . n 
A 1 72  TRP 72  71  71  TRP TRP A . n 
A 1 73  GLN 73  72  72  GLN GLN A . n 
A 1 74  PHE 74  73  73  PHE PHE A . n 
A 1 75  ALA 75  74  74  ALA ALA A . n 
A 1 76  ASP 76  75  75  ASP ASP A . n 
A 1 77  SER 77  76  76  SER SER A . n 
A 1 78  THR 78  77  77  THR THR A . n 
A 1 79  THR 79  78  78  THR THR A . n 
A 1 80  VAL 80  79  79  VAL VAL A . n 
A 1 81  PHE 81  80  80  PHE PHE A . n 
A 1 82  VAL 82  81  81  VAL VAL A . n 
A 1 83  GLY 83  82  82  GLY GLY A . n 
A 1 84  GLN 84  83  83  GLN GLN A . n 
A 1 85  CYS 85  84  84  CYS CYS A . n 
A 1 86  PHE 86  85  85  PHE PHE A . n 
A 1 87  VAL 87  86  86  VAL VAL A . n 
A 1 88  ASP 88  87  87  ASP ASP A . n 
A 1 89  ARG 89  88  88  ARG ARG A . n 
A 1 90  ARG 90  89  89  ARG ARG A . n 
A 1 91  GLY 91  90  90  GLY GLY A . n 
A 1 92  LYS 92  91  91  LYS LYS A . n 
A 1 93  GLU 93  92  92  GLU GLU A . n 
A 1 94  MET 94  93  93  MET MET A . n 
A 1 95  LEU 95  94  94  LEU LEU A . n 
A 1 96  GLU 96  95  95  GLU GLU A . n 
A 1 97  MET 97  96  96  MET MET A . n 
A 1 98  ALA 98  97  97  ALA ALA A . n 
A 1 99  TRP 99  98  98  TRP TRP A . n 
A 1 100 LEU 100 99  99  LEU LEU A . n 
A 1 101 LEU 101 100 100 LEU LEU A . n 
A 1 102 ARG 102 101 101 ARG ARG A . n 
A 1 103 GLU 103 102 102 GLU GLU A . n 
A 1 104 GLU 104 103 103 GLU GLU A . n 
A 1 105 VAL 105 104 104 VAL VAL A . n 
A 1 106 PRO 106 105 105 PRO PRO A . n 
A 1 107 SER 107 106 106 SER SER A . n 
A 1 108 ARG 108 107 107 ARG ARG A . n 
A 1 109 LYS 109 108 108 LYS LYS A . n 
A 1 110 ASP 110 109 109 ASP ASP A . n 
A 1 111 THR 111 110 110 THR THR A . n 
A 1 112 TRP 112 111 111 TRP TRP A . n 
A 1 113 LYS 113 112 112 LYS LYS A . n 
A 1 114 ALA 114 113 113 ALA ALA A . n 
A 1 115 THR 115 114 114 THR THR A . n 
A 1 116 ARG 116 115 115 ARG ARG A . n 
A 1 117 VAL 117 116 116 VAL VAL A . n 
A 1 118 GLY 118 117 117 GLY GLY A . n 
A 1 119 THR 119 118 118 THR THR A . n 
A 1 120 ASN 120 119 119 ASN ASN A . n 
A 1 121 VAL 121 120 120 VAL VAL A . n 
A 1 122 PHE 122 121 121 PHE PHE A . n 
A 1 123 THR 123 122 122 THR THR A . n 
A 1 124 ARG 124 123 123 ARG ARG A . n 
A 1 125 VAL 125 124 124 VAL VAL A . n 
A 1 126 LYS 126 125 125 LYS LYS A . n 
# 
loop_
_pdbx_nonpoly_scheme.asym_id 
_pdbx_nonpoly_scheme.entity_id 
_pdbx_nonpoly_scheme.mon_id 
_pdbx_nonpoly_scheme.ndb_seq_num 
_pdbx_nonpoly_scheme.pdb_seq_num 
_pdbx_nonpoly_scheme.auth_seq_num 
_pdbx_nonpoly_scheme.pdb_mon_id 
_pdbx_nonpoly_scheme.auth_mon_id 
_pdbx_nonpoly_scheme.pdb_strand_id 
_pdbx_nonpoly_scheme.pdb_ins_code 
B 2 BTN 1  1126 1126 BTN BTN A . 
C 3 GOL 1  1127 1127 GOL GOL A . 
D 4 HOH 1  2001 2001 HOH HOH A . 
D 4 HOH 2  2002 2002 HOH HOH A . 
D 4 HOH 3  2003 2003 HOH HOH A . 
D 4 HOH 4  2004 2004 HOH HOH A . 
D 4 HOH 5  2005 2005 HOH HOH A . 
D 4 HOH 6  2006 2006 HOH HOH A . 
D 4 HOH 7  2007 2007 HOH HOH A . 
D 4 HOH 8  2008 2008 HOH HOH A . 
D 4 HOH 9  2009 2009 HOH HOH A . 
D 4 HOH 10 2010 2010 HOH HOH A . 
D 4 HOH 11 2011 2011 HOH HOH A . 
D 4 HOH 12 2012 2012 HOH HOH A . 
D 4 HOH 13 2013 2013 HOH HOH A . 
D 4 HOH 14 2014 2014 HOH HOH A . 
D 4 HOH 15 2015 2015 HOH HOH A . 
D 4 HOH 16 2016 2016 HOH HOH A . 
D 4 HOH 17 2017 2017 HOH HOH A . 
D 4 HOH 18 2018 2018 HOH HOH A . 
D 4 HOH 19 2019 2019 HOH HOH A . 
D 4 HOH 20 2020 2020 HOH HOH A . 
D 4 HOH 21 2021 2021 HOH HOH A . 
D 4 HOH 22 2022 2022 HOH HOH A . 
D 4 HOH 23 2023 2023 HOH HOH A . 
D 4 HOH 24 2024 2024 HOH HOH A . 
D 4 HOH 25 2025 2025 HOH HOH A . 
D 4 HOH 26 2026 2026 HOH HOH A . 
D 4 HOH 27 2027 2027 HOH HOH A . 
D 4 HOH 28 2028 2028 HOH HOH A . 
D 4 HOH 29 2029 2029 HOH HOH A . 
D 4 HOH 30 2030 2030 HOH HOH A . 
D 4 HOH 31 2031 2031 HOH HOH A . 
D 4 HOH 32 2032 2032 HOH HOH A . 
D 4 HOH 33 2033 2033 HOH HOH A . 
D 4 HOH 34 2034 2034 HOH HOH A . 
D 4 HOH 35 2035 2035 HOH HOH A . 
D 4 HOH 36 2036 2036 HOH HOH A . 
D 4 HOH 37 2037 2037 HOH HOH A . 
D 4 HOH 38 2038 2038 HOH HOH A . 
D 4 HOH 39 2039 2039 HOH HOH A . 
D 4 HOH 40 2040 2040 HOH HOH A . 
D 4 HOH 41 2041 2041 HOH HOH A . 
D 4 HOH 42 2042 2042 HOH HOH A . 
D 4 HOH 43 2043 2043 HOH HOH A . 
D 4 HOH 44 2044 2044 HOH HOH A . 
D 4 HOH 45 2045 2045 HOH HOH A . 
D 4 HOH 46 2046 2046 HOH HOH A . 
D 4 HOH 47 2047 2047 HOH HOH A . 
D 4 HOH 48 2048 2048 HOH HOH A . 
D 4 HOH 49 2049 2049 HOH HOH A . 
D 4 HOH 50 2050 2050 HOH HOH A . 
D 4 HOH 51 2051 2051 HOH HOH A . 
D 4 HOH 52 2052 2052 HOH HOH A . 
D 4 HOH 53 2053 2053 HOH HOH A . 
D 4 HOH 54 2054 2054 HOH HOH A . 
D 4 HOH 55 2055 2055 HOH HOH A . 
D 4 HOH 56 2056 2056 HOH HOH A . 
D 4 HOH 57 2057 2057 HOH HOH A . 
D 4 HOH 58 2058 2058 HOH HOH A . 
D 4 HOH 59 2059 2059 HOH HOH A . 
D 4 HOH 60 2060 2060 HOH HOH A . 
D 4 HOH 61 2061 2061 HOH HOH A . 
# 
_pdbx_unobs_or_zero_occ_atoms.id               1 
_pdbx_unobs_or_zero_occ_atoms.PDB_model_num    1 
_pdbx_unobs_or_zero_occ_atoms.polymer_flag     Y 
_pdbx_unobs_or_zero_occ_atoms.occupancy_flag   1 
_pdbx_unobs_or_zero_occ_atoms.auth_asym_id     A 
_pdbx_unobs_or_zero_occ_atoms.auth_comp_id     THR 
_pdbx_unobs_or_zero_occ_atoms.auth_seq_id      1 
_pdbx_unobs_or_zero_occ_atoms.PDB_ins_code     ? 
_pdbx_unobs_or_zero_occ_atoms.auth_atom_id     CG2 
_pdbx_unobs_or_zero_occ_atoms.label_alt_id     ? 
_pdbx_unobs_or_zero_occ_atoms.label_asym_id    A 
_pdbx_unobs_or_zero_occ_atoms.label_comp_id    THR 
_pdbx_unobs_or_zero_occ_atoms.label_seq_id     2 
_pdbx_unobs_or_zero_occ_atoms.label_atom_id    CG2 
# 
loop_
_software.name 
_software.classification 
_software.version 
_software.citation_id 
_software.pdbx_ordinal 
REFMAC refinement       5.2.0005 ? 1 
XDS    'data reduction' .        ? 2 
XSCALE 'data scaling'   .        ? 3 
AMoRE  phasing          .        ? 4 
# 
_cell.entry_id           2C1Q 
_cell.length_a           61.653 
_cell.length_b           61.653 
_cell.length_c           179.659 
_cell.angle_alpha        90.00 
_cell.angle_beta         90.00 
_cell.angle_gamma        90.00 
_cell.Z_PDB              16 
_cell.pdbx_unique_axis   ? 
# 
_symmetry.entry_id                         2C1Q 
_symmetry.space_group_name_H-M             'I 41 2 2' 
_symmetry.pdbx_full_space_group_name_H-M   ? 
_symmetry.cell_setting                     ? 
_symmetry.Int_Tables_number                98 
# 
_exptl.entry_id          2C1Q 
_exptl.method            'X-RAY DIFFRACTION' 
_exptl.crystals_number   1 
# 
_exptl_crystal.id                    1 
_exptl_crystal.density_meas          ? 
_exptl_crystal.density_Matthews      2.90 
_exptl_crystal.density_percent_sol   57.22 
_exptl_crystal.description           ? 
# 
_diffrn.id                     1 
_diffrn.ambient_temp           100.0 
_diffrn.ambient_temp_details   ? 
_diffrn.crystal_id             1 
# 
_diffrn_detector.diffrn_id              1 
_diffrn_detector.detector               CCD 
_diffrn_detector.type                   MARRESEARCH 
_diffrn_detector.pdbx_collection_date   2005-04-21 
_diffrn_detector.details                ? 
# 
_diffrn_radiation.diffrn_id                        1 
_diffrn_radiation.wavelength_id                    1 
_diffrn_radiation.pdbx_monochromatic_or_laue_m_l   M 
_diffrn_radiation.monochromator                    ? 
_diffrn_radiation.pdbx_diffrn_protocol             'SINGLE WAVELENGTH' 
_diffrn_radiation.pdbx_scattering_type             x-ray 
# 
_diffrn_radiation_wavelength.id           1 
_diffrn_radiation_wavelength.wavelength   1.063 
_diffrn_radiation_wavelength.wt           1.0 
# 
_diffrn_source.diffrn_id                   1 
_diffrn_source.source                      SYNCHROTRON 
_diffrn_source.type                        'MAX II BEAMLINE I711' 
_diffrn_source.pdbx_synchrotron_site       'MAX II' 
_diffrn_source.pdbx_synchrotron_beamline   I711 
_diffrn_source.pdbx_wavelength             1.063 
_diffrn_source.pdbx_wavelength_list        ? 
# 
_reflns.pdbx_diffrn_id               1 
_reflns.pdbx_ordinal                 1 
_reflns.entry_id                     2C1Q 
_reflns.observed_criterion_sigma_I   -3.000 
_reflns.observed_criterion_sigma_F   ? 
_reflns.d_resolution_low             25.000 
_reflns.d_resolution_high            2.100 
_reflns.number_obs                   10571 
_reflns.number_all                   ? 
_reflns.percent_possible_obs         99.9 
_reflns.pdbx_Rmerge_I_obs            0.01000 
_reflns.pdbx_Rsym_value              ? 
_reflns.pdbx_netI_over_sigmaI        14.0000 
_reflns.B_iso_Wilson_estimate        ? 
_reflns.pdbx_redundancy              8.600 
# 
_reflns_shell.pdbx_diffrn_id         1 
_reflns_shell.pdbx_ordinal           1 
_reflns_shell.d_res_high             2.10 
_reflns_shell.d_res_low              2.20 
_reflns_shell.percent_possible_all   100.0 
_reflns_shell.Rmerge_I_obs           0.05000 
_reflns_shell.pdbx_Rsym_value        ? 
_reflns_shell.meanI_over_sigI_obs    4.000 
_reflns_shell.pdbx_redundancy        8.70 
# 
_refine.pdbx_refine_id                           'X-RAY DIFFRACTION' 
_refine.entry_id                                 2C1Q 
_refine.pdbx_diffrn_id                           1 
_refine.pdbx_TLS_residual_ADP_flag               ? 
_refine.ls_number_reflns_obs                     10066 
_refine.ls_number_reflns_all                     ? 
_refine.pdbx_ls_sigma_I                          ? 
_refine.pdbx_ls_sigma_F                          ? 
_refine.pdbx_data_cutoff_high_absF               ? 
_refine.pdbx_data_cutoff_low_absF                ? 
_refine.pdbx_data_cutoff_high_rms_absF           ? 
_refine.ls_d_res_low                             25.00 
_refine.ls_d_res_high                            2.10 
_refine.ls_percent_reflns_obs                    99.9 
_refine.ls_R_factor_obs                          0.196 
_refine.ls_R_factor_all                          ? 
_refine.ls_R_factor_R_work                       0.195 
_refine.ls_R_factor_R_free                       0.220 
_refine.ls_R_factor_R_free_error                 ? 
_refine.ls_R_factor_R_free_error_details         ? 
_refine.ls_percent_reflns_R_free                 4.800 
_refine.ls_number_reflns_R_free                  505 
_refine.ls_number_parameters                     ? 
_refine.ls_number_restraints                     ? 
_refine.occupancy_min                            ? 
_refine.occupancy_max                            ? 
_refine.correlation_coeff_Fo_to_Fc               0.950 
_refine.correlation_coeff_Fo_to_Fc_free          0.940 
_refine.B_iso_mean                               30.98 
_refine.aniso_B[1][1]                            1.45000 
_refine.aniso_B[2][2]                            1.45000 
_refine.aniso_B[3][3]                            -2.89000 
_refine.aniso_B[1][2]                            0.00000 
_refine.aniso_B[1][3]                            0.00000 
_refine.aniso_B[2][3]                            0.00000 
_refine.solvent_model_details                    MASK 
_refine.solvent_model_param_ksol                 ? 
_refine.solvent_model_param_bsol                 ? 
_refine.pdbx_solvent_vdw_probe_radii             1.20 
_refine.pdbx_solvent_ion_probe_radii             0.80 
_refine.pdbx_solvent_shrinkage_radii             0.80 
_refine.pdbx_ls_cross_valid_method               THROUGHOUT 
_refine.details                                  'HYDROGENS HAVE BEEN ADDED IN THE RIDING POSITIONS.' 
_refine.pdbx_starting_model                      'PDB ENTRY 1WBI' 
_refine.pdbx_method_to_determine_struct          'MOLECULAR REPLACEMENT' 
_refine.pdbx_isotropic_thermal_model             ? 
_refine.pdbx_stereochemistry_target_values       'MAXIMUM LIKELIHOOD' 
_refine.pdbx_stereochem_target_val_spec_case     ? 
_refine.pdbx_R_Free_selection_details            RANDOM 
_refine.pdbx_overall_ESU_R                       0.176 
_refine.pdbx_overall_ESU_R_Free                  0.152 
_refine.overall_SU_ML                            0.107 
_refine.pdbx_overall_phase_error                 ? 
_refine.overall_SU_B                             4.002 
_refine.overall_SU_R_Cruickshank_DPI             ? 
_refine.pdbx_overall_SU_R_free_Cruickshank_DPI   ? 
_refine.pdbx_overall_SU_R_Blow_DPI               ? 
_refine.pdbx_overall_SU_R_free_Blow_DPI          ? 
# 
_refine_hist.pdbx_refine_id                   'X-RAY DIFFRACTION' 
_refine_hist.cycle_id                         LAST 
_refine_hist.pdbx_number_atoms_protein        969 
_refine_hist.pdbx_number_atoms_nucleic_acid   0 
_refine_hist.pdbx_number_atoms_ligand         22 
_refine_hist.number_atoms_solvent             61 
_refine_hist.number_atoms_total               1052 
_refine_hist.d_res_high                       2.10 
_refine_hist.d_res_low                        25.00 
# 
loop_
_refine_ls_restr.type 
_refine_ls_restr.dev_ideal 
_refine_ls_restr.dev_ideal_target 
_refine_ls_restr.weight 
_refine_ls_restr.number 
_refine_ls_restr.pdbx_refine_id 
_refine_ls_restr.pdbx_restraint_function 
r_bond_refined_d             0.014  0.022  ? 1011 'X-RAY DIFFRACTION' ? 
r_bond_other_d               ?      ?      ? ?    'X-RAY DIFFRACTION' ? 
r_angle_refined_deg          1.593  1.959  ? 1365 'X-RAY DIFFRACTION' ? 
r_angle_other_deg            ?      ?      ? ?    'X-RAY DIFFRACTION' ? 
r_dihedral_angle_1_deg       6.370  5.000  ? 121  'X-RAY DIFFRACTION' ? 
r_dihedral_angle_2_deg       30.510 23.636 ? 44   'X-RAY DIFFRACTION' ? 
r_dihedral_angle_3_deg       16.219 15.000 ? 173  'X-RAY DIFFRACTION' ? 
r_dihedral_angle_4_deg       21.844 15.000 ? 8    'X-RAY DIFFRACTION' ? 
r_chiral_restr               0.106  0.200  ? 151  'X-RAY DIFFRACTION' ? 
r_gen_planes_refined         0.006  0.020  ? 749  'X-RAY DIFFRACTION' ? 
r_gen_planes_other           ?      ?      ? ?    'X-RAY DIFFRACTION' ? 
r_nbd_refined                0.216  0.200  ? 419  'X-RAY DIFFRACTION' ? 
r_nbd_other                  ?      ?      ? ?    'X-RAY DIFFRACTION' ? 
r_nbtor_refined              0.306  0.200  ? 690  'X-RAY DIFFRACTION' ? 
r_nbtor_other                ?      ?      ? ?    'X-RAY DIFFRACTION' ? 
r_xyhbond_nbd_refined        0.121  0.200  ? 62   'X-RAY DIFFRACTION' ? 
r_xyhbond_nbd_other          ?      ?      ? ?    'X-RAY DIFFRACTION' ? 
r_metal_ion_refined          ?      ?      ? ?    'X-RAY DIFFRACTION' ? 
r_metal_ion_other            ?      ?      ? ?    'X-RAY DIFFRACTION' ? 
r_symmetry_vdw_refined       0.230  0.200  ? 78   'X-RAY DIFFRACTION' ? 
r_symmetry_vdw_other         ?      ?      ? ?    'X-RAY DIFFRACTION' ? 
r_symmetry_hbond_refined     0.168  0.200  ? 15   'X-RAY DIFFRACTION' ? 
r_symmetry_hbond_other       ?      ?      ? ?    'X-RAY DIFFRACTION' ? 
r_symmetry_metal_ion_refined ?      ?      ? ?    'X-RAY DIFFRACTION' ? 
r_symmetry_metal_ion_other   ?      ?      ? ?    'X-RAY DIFFRACTION' ? 
r_mcbond_it                  1.186  1.500  ? 628  'X-RAY DIFFRACTION' ? 
r_mcbond_other               ?      ?      ? ?    'X-RAY DIFFRACTION' ? 
r_mcangle_it                 1.948  2.000  ? 983  'X-RAY DIFFRACTION' ? 
r_mcangle_other              ?      ?      ? ?    'X-RAY DIFFRACTION' ? 
r_scbond_it                  2.329  3.000  ? 441  'X-RAY DIFFRACTION' ? 
r_scbond_other               ?      ?      ? ?    'X-RAY DIFFRACTION' ? 
r_scangle_it                 3.709  4.500  ? 382  'X-RAY DIFFRACTION' ? 
r_scangle_other              ?      ?      ? ?    'X-RAY DIFFRACTION' ? 
r_long_range_B_refined       ?      ?      ? ?    'X-RAY DIFFRACTION' ? 
r_long_range_B_other         ?      ?      ? ?    'X-RAY DIFFRACTION' ? 
r_rigid_bond_restr           ?      ?      ? ?    'X-RAY DIFFRACTION' ? 
r_sphericity_free            ?      ?      ? ?    'X-RAY DIFFRACTION' ? 
r_sphericity_bonded          ?      ?      ? ?    'X-RAY DIFFRACTION' ? 
# 
_refine_ls_shell.pdbx_refine_id                   'X-RAY DIFFRACTION' 
_refine_ls_shell.pdbx_total_number_of_bins_used   20 
_refine_ls_shell.d_res_high                       2.10 
_refine_ls_shell.d_res_low                        2.15 
_refine_ls_shell.number_reflns_R_work             730 
_refine_ls_shell.R_factor_R_work                  0.2380 
_refine_ls_shell.percent_reflns_obs               ? 
_refine_ls_shell.R_factor_R_free                  0.2670 
_refine_ls_shell.R_factor_R_free_error            ? 
_refine_ls_shell.percent_reflns_R_free            ? 
_refine_ls_shell.number_reflns_R_free             30 
_refine_ls_shell.number_reflns_all                ? 
_refine_ls_shell.R_factor_all                     ? 
# 
_struct.entry_id                  2C1Q 
_struct.title                     'X-ray structure of biotin binding protein from chicken' 
_struct.pdbx_model_details        ? 
_struct.pdbx_CASP_flag            ? 
_struct.pdbx_model_type_details   ? 
# 
_struct_keywords.entry_id        2C1Q 
_struct_keywords.pdbx_keywords   'BIOTIN BINDING PROTEIN' 
_struct_keywords.text            'BIOTIN BINDING PROTEIN' 
# 
loop_
_struct_asym.id 
_struct_asym.pdbx_blank_PDB_chainid_flag 
_struct_asym.pdbx_modified 
_struct_asym.entity_id 
_struct_asym.details 
A N N 1 ? 
B N N 2 ? 
C N N 3 ? 
D N N 4 ? 
# 
_struct_ref.id                         1 
_struct_ref.db_name                    PDB 
_struct_ref.db_code                    2C1Q 
_struct_ref.entity_id                  1 
_struct_ref.pdbx_seq_one_letter_code   ? 
_struct_ref.pdbx_align_begin           ? 
_struct_ref.pdbx_db_accession          2C1Q 
_struct_ref.pdbx_db_isoform            ? 
# 
_struct_ref_seq.align_id                      1 
_struct_ref_seq.ref_id                        1 
_struct_ref_seq.pdbx_PDB_id_code              2C1Q 
_struct_ref_seq.pdbx_strand_id                A 
_struct_ref_seq.seq_align_beg                 1 
_struct_ref_seq.pdbx_seq_align_beg_ins_code   ? 
_struct_ref_seq.seq_align_end                 126 
_struct_ref_seq.pdbx_seq_align_end_ins_code   ? 
_struct_ref_seq.pdbx_db_accession             2C1Q 
_struct_ref_seq.db_align_beg                  -1 
_struct_ref_seq.pdbx_db_align_beg_ins_code    ? 
_struct_ref_seq.db_align_end                  125 
_struct_ref_seq.pdbx_db_align_end_ins_code    ? 
_struct_ref_seq.pdbx_auth_seq_align_beg       -1 
_struct_ref_seq.pdbx_auth_seq_align_end       125 
# 
_pdbx_struct_assembly.id                   1 
_pdbx_struct_assembly.details              author_and_software_defined_assembly 
_pdbx_struct_assembly.method_details       PQS 
_pdbx_struct_assembly.oligomeric_details   tetrameric 
_pdbx_struct_assembly.oligomeric_count     4 
# 
_pdbx_struct_assembly_gen.assembly_id       1 
_pdbx_struct_assembly_gen.oper_expression   1,2,3,4 
_pdbx_struct_assembly_gen.asym_id_list      A,B,C,D 
# 
loop_
_pdbx_struct_oper_list.id 
_pdbx_struct_oper_list.type 
_pdbx_struct_oper_list.name 
_pdbx_struct_oper_list.symmetry_operation 
_pdbx_struct_oper_list.matrix[1][1] 
_pdbx_struct_oper_list.matrix[1][2] 
_pdbx_struct_oper_list.matrix[1][3] 
_pdbx_struct_oper_list.vector[1] 
_pdbx_struct_oper_list.matrix[2][1] 
_pdbx_struct_oper_list.matrix[2][2] 
_pdbx_struct_oper_list.matrix[2][3] 
_pdbx_struct_oper_list.vector[2] 
_pdbx_struct_oper_list.matrix[3][1] 
_pdbx_struct_oper_list.matrix[3][2] 
_pdbx_struct_oper_list.matrix[3][3] 
_pdbx_struct_oper_list.vector[3] 
1 'identity operation'         1_555  x,y,z    1.0000000000  0.0000000000  0.0000000000  0.0000000000   0.0000000000  1.0000000000  0.0000000000  0.0000000000  0.0000000000  0.0000000000  1.0000000000  0.0000000000  
2 'crystal symmetry operation' 15_555 y,x,-z   -0.9944700724 0.1039440520  0.0149969722  -18.6875458559 0.1039440520  0.9537988028  0.2818926707  -1.7765850208 0.0149969722  0.2818926707  -0.9593287304 19.2042911638 
3 'crystal symmetry operation' 10_555 -x,-y,z  0.2626956510  0.0716509651  -0.9622147027 3.2769674759   0.0716509651  -0.9959342057 -0.0546003402 15.6460413175 -0.9622147027 -0.0546003402 -0.2667614453 5.4653774531  
4 'crystal symmetry operation' 8_555  -y,-x,-z -0.2682255786 -0.1755950171 0.9472177305  -20.2381148928 -0.1755950171 -0.9578645971 -0.2272923305 15.0278615810 0.9472177305  -0.2272923305 0.2260901757  18.4208465132 
# 
_struct_biol.id   1 
# 
_struct_conf.conf_type_id            HELX_P 
_struct_conf.id                      HELX_P1 
_struct_conf.pdbx_PDB_helix_id       1 
_struct_conf.beg_label_comp_id       SER 
_struct_conf.beg_label_asym_id       A 
_struct_conf.beg_label_seq_id        107 
_struct_conf.pdbx_beg_PDB_ins_code   ? 
_struct_conf.end_label_comp_id       LYS 
_struct_conf.end_label_asym_id       A 
_struct_conf.end_label_seq_id        113 
_struct_conf.pdbx_end_PDB_ins_code   ? 
_struct_conf.beg_auth_comp_id        SER 
_struct_conf.beg_auth_asym_id        A 
_struct_conf.beg_auth_seq_id         106 
_struct_conf.end_auth_comp_id        LYS 
_struct_conf.end_auth_asym_id        A 
_struct_conf.end_auth_seq_id         112 
_struct_conf.pdbx_PDB_helix_class    5 
_struct_conf.details                 ? 
_struct_conf.pdbx_PDB_helix_length   7 
# 
_struct_conf_type.id          HELX_P 
_struct_conf_type.criteria    ? 
_struct_conf_type.reference   ? 
# 
_struct_conn.id                            disulf1 
_struct_conn.conn_type_id                  disulf 
_struct_conn.pdbx_leaving_atom_flag        ? 
_struct_conn.pdbx_PDB_id                   ? 
_struct_conn.ptnr1_label_asym_id           A 
_struct_conn.ptnr1_label_comp_id           CYS 
_struct_conn.ptnr1_label_seq_id            5 
_struct_conn.ptnr1_label_atom_id           SG 
_struct_conn.pdbx_ptnr1_label_alt_id       ? 
_struct_conn.pdbx_ptnr1_PDB_ins_code       ? 
_struct_conn.pdbx_ptnr1_standard_comp_id   ? 
_struct_conn.ptnr1_symmetry                1_555 
_struct_conn.ptnr2_label_asym_id           A 
_struct_conn.ptnr2_label_comp_id           CYS 
_struct_conn.ptnr2_label_seq_id            85 
_struct_conn.ptnr2_label_atom_id           SG 
_struct_conn.pdbx_ptnr2_label_alt_id       ? 
_struct_conn.pdbx_ptnr2_PDB_ins_code       ? 
_struct_conn.ptnr1_auth_asym_id            A 
_struct_conn.ptnr1_auth_comp_id            CYS 
_struct_conn.ptnr1_auth_seq_id             4 
_struct_conn.ptnr2_auth_asym_id            A 
_struct_conn.ptnr2_auth_comp_id            CYS 
_struct_conn.ptnr2_auth_seq_id             84 
_struct_conn.ptnr2_symmetry                1_555 
_struct_conn.pdbx_ptnr3_label_atom_id      ? 
_struct_conn.pdbx_ptnr3_label_seq_id       ? 
_struct_conn.pdbx_ptnr3_label_comp_id      ? 
_struct_conn.pdbx_ptnr3_label_asym_id      ? 
_struct_conn.pdbx_ptnr3_label_alt_id       ? 
_struct_conn.pdbx_ptnr3_PDB_ins_code       ? 
_struct_conn.details                       ? 
_struct_conn.pdbx_dist_value               2.086 
_struct_conn.pdbx_value_order              ? 
_struct_conn.pdbx_role                     ? 
# 
_struct_conn_type.id          disulf 
_struct_conn_type.criteria    ? 
_struct_conn_type.reference   ? 
# 
_pdbx_modification_feature.ordinal                            1 
_pdbx_modification_feature.label_comp_id                      CYS 
_pdbx_modification_feature.label_asym_id                      A 
_pdbx_modification_feature.label_seq_id                       5 
_pdbx_modification_feature.label_alt_id                       ? 
_pdbx_modification_feature.modified_residue_label_comp_id     CYS 
_pdbx_modification_feature.modified_residue_label_asym_id     A 
_pdbx_modification_feature.modified_residue_label_seq_id      85 
_pdbx_modification_feature.modified_residue_label_alt_id      ? 
_pdbx_modification_feature.auth_comp_id                       CYS 
_pdbx_modification_feature.auth_asym_id                       A 
_pdbx_modification_feature.auth_seq_id                        4 
_pdbx_modification_feature.PDB_ins_code                       ? 
_pdbx_modification_feature.symmetry                           1_555 
_pdbx_modification_feature.modified_residue_auth_comp_id      CYS 
_pdbx_modification_feature.modified_residue_auth_asym_id      A 
_pdbx_modification_feature.modified_residue_auth_seq_id       84 
_pdbx_modification_feature.modified_residue_PDB_ins_code      ? 
_pdbx_modification_feature.modified_residue_symmetry          1_555 
_pdbx_modification_feature.comp_id_linking_atom               SG 
_pdbx_modification_feature.modified_residue_id_linking_atom   SG 
_pdbx_modification_feature.modified_residue_id                . 
_pdbx_modification_feature.ref_pcm_id                         . 
_pdbx_modification_feature.ref_comp_id                        . 
_pdbx_modification_feature.type                               None 
_pdbx_modification_feature.category                           'Disulfide bridge' 
# 
_struct_sheet.id               AA 
_struct_sheet.type             ? 
_struct_sheet.number_strands   10 
_struct_sheet.details          ? 
# 
loop_
_struct_sheet_order.sheet_id 
_struct_sheet_order.range_id_1 
_struct_sheet_order.range_id_2 
_struct_sheet_order.offset 
_struct_sheet_order.sense 
AA 1 2 ? anti-parallel 
AA 2 3 ? anti-parallel 
AA 3 4 ? anti-parallel 
AA 4 5 ? anti-parallel 
AA 5 6 ? anti-parallel 
AA 6 7 ? anti-parallel 
AA 7 8 ? anti-parallel 
AA 8 9 ? anti-parallel 
# 
loop_
_struct_sheet_range.sheet_id 
_struct_sheet_range.id 
_struct_sheet_range.beg_label_comp_id 
_struct_sheet_range.beg_label_asym_id 
_struct_sheet_range.beg_label_seq_id 
_struct_sheet_range.pdbx_beg_PDB_ins_code 
_struct_sheet_range.end_label_comp_id 
_struct_sheet_range.end_label_asym_id 
_struct_sheet_range.end_label_seq_id 
_struct_sheet_range.pdbx_end_PDB_ins_code 
_struct_sheet_range.beg_auth_comp_id 
_struct_sheet_range.beg_auth_asym_id 
_struct_sheet_range.beg_auth_seq_id 
_struct_sheet_range.end_auth_comp_id 
_struct_sheet_range.end_auth_asym_id 
_struct_sheet_range.end_auth_seq_id 
AA 1  GLY A 9   ? ASN A 13  ? GLY A 8   ASN A 12  
AA 2  ASN A 18  ? ILE A 21  ? ASN A 17  ILE A 20  
AA 3  THR A 29  ? GLN A 35  ? THR A 28  GLN A 34  
AA 4  SER A 48  ? GLN A 54  ? SER A 47  GLN A 53  
AA 5  PHE A 66  ? GLN A 71  ? PHE A 65  GLN A 70  
AA 6  THR A 78  ? VAL A 87  ? THR A 77  VAL A 86  
AA 7  GLU A 93  ? ARG A 102 ? GLU A 92  ARG A 101 
AA 8  THR A 115 ? ARG A 124 ? THR A 114 ARG A 123 
AA 9  GLY A 9   ? ASN A 13  ? GLY A 8   ASN A 12  
AA 10 GLY A 9   ? ASN A 13  ? GLY A 8   ASN A 12  
# 
loop_
_pdbx_struct_sheet_hbond.sheet_id 
_pdbx_struct_sheet_hbond.range_id_1 
_pdbx_struct_sheet_hbond.range_id_2 
_pdbx_struct_sheet_hbond.range_1_label_atom_id 
_pdbx_struct_sheet_hbond.range_1_label_comp_id 
_pdbx_struct_sheet_hbond.range_1_label_asym_id 
_pdbx_struct_sheet_hbond.range_1_label_seq_id 
_pdbx_struct_sheet_hbond.range_1_PDB_ins_code 
_pdbx_struct_sheet_hbond.range_1_auth_atom_id 
_pdbx_struct_sheet_hbond.range_1_auth_comp_id 
_pdbx_struct_sheet_hbond.range_1_auth_asym_id 
_pdbx_struct_sheet_hbond.range_1_auth_seq_id 
_pdbx_struct_sheet_hbond.range_2_label_atom_id 
_pdbx_struct_sheet_hbond.range_2_label_comp_id 
_pdbx_struct_sheet_hbond.range_2_label_asym_id 
_pdbx_struct_sheet_hbond.range_2_label_seq_id 
_pdbx_struct_sheet_hbond.range_2_PDB_ins_code 
_pdbx_struct_sheet_hbond.range_2_auth_atom_id 
_pdbx_struct_sheet_hbond.range_2_auth_comp_id 
_pdbx_struct_sheet_hbond.range_2_auth_asym_id 
_pdbx_struct_sheet_hbond.range_2_auth_seq_id 
AA 1 2 N TRP A 11  ? N TRP A 10  O MET A 19  ? O MET A 18  
AA 2 3 N THR A 20  ? N THR A 19  O SER A 33  ? O SER A 32  
AA 3 4 N TYR A 34  ? N TYR A 33  O SER A 48  ? O SER A 47  
AA 4 5 N ALA A 53  ? N ALA A 52  O GLY A 67  ? O GLY A 66  
AA 5 6 N VAL A 70  ? N VAL A 69  O THR A 79  ? O THR A 78  
AA 6 7 N PHE A 86  ? N PHE A 85  O MET A 94  ? O MET A 93  
AA 7 8 N LEU A 101 ? N LEU A 100 O ARG A 116 ? O ARG A 115 
AA 8 9 N THR A 123 ? N THR A 122 O ARG A 12  ? O ARG A 11  
# 
loop_
_struct_site.id 
_struct_site.pdbx_evidence_code 
_struct_site.pdbx_auth_asym_id 
_struct_site.pdbx_auth_comp_id 
_struct_site.pdbx_auth_seq_id 
_struct_site.pdbx_auth_ins_code 
_struct_site.pdbx_num_residues 
_struct_site.details 
AC1 Software ? ? ? ? 16 'BINDING SITE FOR RESIDUE BTN A1126' 
AC2 Software ? ? ? ? 4  'BINDING SITE FOR RESIDUE GOL A1127' 
# 
loop_
_struct_site_gen.id 
_struct_site_gen.site_id 
_struct_site_gen.pdbx_num_res 
_struct_site_gen.label_comp_id 
_struct_site_gen.label_asym_id 
_struct_site_gen.label_seq_id 
_struct_site_gen.pdbx_auth_ins_code 
_struct_site_gen.auth_comp_id 
_struct_site_gen.auth_asym_id 
_struct_site_gen.auth_seq_id 
_struct_site_gen.label_atom_id 
_struct_site_gen.label_alt_id 
_struct_site_gen.symmetry 
_struct_site_gen.details 
1  AC1 16 ASN A 13  ? ASN A 12  . ? 1_555 ? 
2  AC1 16 LEU A 15  ? LEU A 14  . ? 1_555 ? 
3  AC1 16 SER A 17  ? SER A 16  . ? 1_555 ? 
4  AC1 16 TYR A 34  ? TYR A 33  . ? 1_555 ? 
5  AC1 16 THR A 36  ? THR A 35  . ? 1_555 ? 
6  AC1 16 VAL A 38  ? VAL A 37  . ? 1_555 ? 
7  AC1 16 THR A 39  ? THR A 38  . ? 1_555 ? 
8  AC1 16 ALA A 40  ? ALA A 39  . ? 1_555 ? 
9  AC1 16 TRP A 72  ? TRP A 71  . ? 1_555 ? 
10 AC1 16 ALA A 75  ? ALA A 74  . ? 1_555 ? 
11 AC1 16 SER A 77  ? SER A 76  . ? 1_555 ? 
12 AC1 16 THR A 79  ? THR A 78  . ? 1_555 ? 
13 AC1 16 TRP A 99  ? TRP A 98  . ? 1_555 ? 
14 AC1 16 GLU A 103 ? GLU A 102 . ? 1_555 ? 
15 AC1 16 TRP A 112 ? TRP A 111 . ? 1_555 ? 
16 AC1 16 ASN A 120 ? ASN A 119 . ? 1_555 ? 
17 AC2 4  ASP A 25  ? ASP A 24  . ? 1_555 ? 
18 AC2 4  ALA A 27  ? ALA A 26  . ? 1_555 ? 
19 AC2 4  THR A 29  ? THR A 28  . ? 1_555 ? 
20 AC2 4  LYS A 51  ? LYS A 50  . ? 1_555 ? 
# 
_pdbx_entry_details.entry_id                   2C1Q 
_pdbx_entry_details.compound_details           ? 
_pdbx_entry_details.source_details             ? 
_pdbx_entry_details.nonpolymer_details         ? 
_pdbx_entry_details.sequence_details           ? 
_pdbx_entry_details.has_ligand_of_interest     ? 
_pdbx_entry_details.has_protein_modification   Y 
# 
loop_
_pdbx_validate_torsion.id 
_pdbx_validate_torsion.PDB_model_num 
_pdbx_validate_torsion.auth_comp_id 
_pdbx_validate_torsion.auth_asym_id 
_pdbx_validate_torsion.auth_seq_id 
_pdbx_validate_torsion.PDB_ins_code 
_pdbx_validate_torsion.label_alt_id 
_pdbx_validate_torsion.phi 
_pdbx_validate_torsion.psi 
1 1 GLN A 7  ? ? -35.70 125.49 
2 1 ARG A 89 ? ? -78.80 28.58  
# 
_pdbx_struct_special_symmetry.id              1 
_pdbx_struct_special_symmetry.PDB_model_num   1 
_pdbx_struct_special_symmetry.auth_asym_id    A 
_pdbx_struct_special_symmetry.auth_comp_id    HOH 
_pdbx_struct_special_symmetry.auth_seq_id     2024 
_pdbx_struct_special_symmetry.PDB_ins_code    ? 
_pdbx_struct_special_symmetry.label_asym_id   D 
_pdbx_struct_special_symmetry.label_comp_id   HOH 
_pdbx_struct_special_symmetry.label_seq_id    . 
# 
_pdbx_database_remark.id     700 
_pdbx_database_remark.text   
;
SHEET
DETERMINATION METHOD: DSSP
THE SHEETS PRESENTED AS "AA" IN EACH CHAIN ON SHEET RECORDS
BELOW IS ACTUALLY AN  9-STRANDED BARREL THIS IS REPRESENTED BY
A 10-STRANDED SHEET IN WHICH THE FIRST AND LAST STRANDS
ARE IDENTICAL.
;
# 
loop_
_pdbx_unobs_or_zero_occ_residues.id 
_pdbx_unobs_or_zero_occ_residues.PDB_model_num 
_pdbx_unobs_or_zero_occ_residues.polymer_flag 
_pdbx_unobs_or_zero_occ_residues.occupancy_flag 
_pdbx_unobs_or_zero_occ_residues.auth_asym_id 
_pdbx_unobs_or_zero_occ_residues.auth_comp_id 
_pdbx_unobs_or_zero_occ_residues.auth_seq_id 
_pdbx_unobs_or_zero_occ_residues.PDB_ins_code 
_pdbx_unobs_or_zero_occ_residues.label_asym_id 
_pdbx_unobs_or_zero_occ_residues.label_comp_id 
_pdbx_unobs_or_zero_occ_residues.label_seq_id 
1 1 Y 1 A GLY -1 ? A GLY 1  
2 1 Y 1 A GLY 57 ? A GLY 58 
3 1 Y 1 A THR 58 ? A THR 59 
# 
loop_
_chem_comp_atom.comp_id 
_chem_comp_atom.atom_id 
_chem_comp_atom.type_symbol 
_chem_comp_atom.pdbx_aromatic_flag 
_chem_comp_atom.pdbx_stereo_config 
_chem_comp_atom.pdbx_ordinal 
ALA N    N N N 1   
ALA CA   C N S 2   
ALA C    C N N 3   
ALA O    O N N 4   
ALA CB   C N N 5   
ALA OXT  O N N 6   
ALA H    H N N 7   
ALA H2   H N N 8   
ALA HA   H N N 9   
ALA HB1  H N N 10  
ALA HB2  H N N 11  
ALA HB3  H N N 12  
ALA HXT  H N N 13  
ARG N    N N N 14  
ARG CA   C N S 15  
ARG C    C N N 16  
ARG O    O N N 17  
ARG CB   C N N 18  
ARG CG   C N N 19  
ARG CD   C N N 20  
ARG NE   N N N 21  
ARG CZ   C N N 22  
ARG NH1  N N N 23  
ARG NH2  N N N 24  
ARG OXT  O N N 25  
ARG H    H N N 26  
ARG H2   H N N 27  
ARG HA   H N N 28  
ARG HB2  H N N 29  
ARG HB3  H N N 30  
ARG HG2  H N N 31  
ARG HG3  H N N 32  
ARG HD2  H N N 33  
ARG HD3  H N N 34  
ARG HE   H N N 35  
ARG HH11 H N N 36  
ARG HH12 H N N 37  
ARG HH21 H N N 38  
ARG HH22 H N N 39  
ARG HXT  H N N 40  
ASN N    N N N 41  
ASN CA   C N S 42  
ASN C    C N N 43  
ASN O    O N N 44  
ASN CB   C N N 45  
ASN CG   C N N 46  
ASN OD1  O N N 47  
ASN ND2  N N N 48  
ASN OXT  O N N 49  
ASN H    H N N 50  
ASN H2   H N N 51  
ASN HA   H N N 52  
ASN HB2  H N N 53  
ASN HB3  H N N 54  
ASN HD21 H N N 55  
ASN HD22 H N N 56  
ASN HXT  H N N 57  
ASP N    N N N 58  
ASP CA   C N S 59  
ASP C    C N N 60  
ASP O    O N N 61  
ASP CB   C N N 62  
ASP CG   C N N 63  
ASP OD1  O N N 64  
ASP OD2  O N N 65  
ASP OXT  O N N 66  
ASP H    H N N 67  
ASP H2   H N N 68  
ASP HA   H N N 69  
ASP HB2  H N N 70  
ASP HB3  H N N 71  
ASP HD2  H N N 72  
ASP HXT  H N N 73  
BTN C11  C N N 74  
BTN O11  O N N 75  
BTN O12  O N N 76  
BTN C10  C N N 77  
BTN C9   C N N 78  
BTN C8   C N N 79  
BTN C7   C N N 80  
BTN C2   C N S 81  
BTN S1   S N N 82  
BTN C6   C N N 83  
BTN C5   C N R 84  
BTN N1   N N N 85  
BTN C3   C N N 86  
BTN O3   O N N 87  
BTN N2   N N N 88  
BTN C4   C N S 89  
BTN HO2  H N N 90  
BTN H101 H N N 91  
BTN H102 H N N 92  
BTN H91  H N N 93  
BTN H92  H N N 94  
BTN H81  H N N 95  
BTN H82  H N N 96  
BTN H71  H N N 97  
BTN H72  H N N 98  
BTN H2   H N N 99  
BTN H61  H N N 100 
BTN H62  H N N 101 
BTN H5   H N N 102 
BTN HN1  H N N 103 
BTN HN2  H N N 104 
BTN H4   H N N 105 
CYS N    N N N 106 
CYS CA   C N R 107 
CYS C    C N N 108 
CYS O    O N N 109 
CYS CB   C N N 110 
CYS SG   S N N 111 
CYS OXT  O N N 112 
CYS H    H N N 113 
CYS H2   H N N 114 
CYS HA   H N N 115 
CYS HB2  H N N 116 
CYS HB3  H N N 117 
CYS HG   H N N 118 
CYS HXT  H N N 119 
GLN N    N N N 120 
GLN CA   C N S 121 
GLN C    C N N 122 
GLN O    O N N 123 
GLN CB   C N N 124 
GLN CG   C N N 125 
GLN CD   C N N 126 
GLN OE1  O N N 127 
GLN NE2  N N N 128 
GLN OXT  O N N 129 
GLN H    H N N 130 
GLN H2   H N N 131 
GLN HA   H N N 132 
GLN HB2  H N N 133 
GLN HB3  H N N 134 
GLN HG2  H N N 135 
GLN HG3  H N N 136 
GLN HE21 H N N 137 
GLN HE22 H N N 138 
GLN HXT  H N N 139 
GLU N    N N N 140 
GLU CA   C N S 141 
GLU C    C N N 142 
GLU O    O N N 143 
GLU CB   C N N 144 
GLU CG   C N N 145 
GLU CD   C N N 146 
GLU OE1  O N N 147 
GLU OE2  O N N 148 
GLU OXT  O N N 149 
GLU H    H N N 150 
GLU H2   H N N 151 
GLU HA   H N N 152 
GLU HB2  H N N 153 
GLU HB3  H N N 154 
GLU HG2  H N N 155 
GLU HG3  H N N 156 
GLU HE2  H N N 157 
GLU HXT  H N N 158 
GLY N    N N N 159 
GLY CA   C N N 160 
GLY C    C N N 161 
GLY O    O N N 162 
GLY OXT  O N N 163 
GLY H    H N N 164 
GLY H2   H N N 165 
GLY HA2  H N N 166 
GLY HA3  H N N 167 
GLY HXT  H N N 168 
GOL C1   C N N 169 
GOL O1   O N N 170 
GOL C2   C N N 171 
GOL O2   O N N 172 
GOL C3   C N N 173 
GOL O3   O N N 174 
GOL H11  H N N 175 
GOL H12  H N N 176 
GOL HO1  H N N 177 
GOL H2   H N N 178 
GOL HO2  H N N 179 
GOL H31  H N N 180 
GOL H32  H N N 181 
GOL HO3  H N N 182 
HOH O    O N N 183 
HOH H1   H N N 184 
HOH H2   H N N 185 
ILE N    N N N 186 
ILE CA   C N S 187 
ILE C    C N N 188 
ILE O    O N N 189 
ILE CB   C N S 190 
ILE CG1  C N N 191 
ILE CG2  C N N 192 
ILE CD1  C N N 193 
ILE OXT  O N N 194 
ILE H    H N N 195 
ILE H2   H N N 196 
ILE HA   H N N 197 
ILE HB   H N N 198 
ILE HG12 H N N 199 
ILE HG13 H N N 200 
ILE HG21 H N N 201 
ILE HG22 H N N 202 
ILE HG23 H N N 203 
ILE HD11 H N N 204 
ILE HD12 H N N 205 
ILE HD13 H N N 206 
ILE HXT  H N N 207 
LEU N    N N N 208 
LEU CA   C N S 209 
LEU C    C N N 210 
LEU O    O N N 211 
LEU CB   C N N 212 
LEU CG   C N N 213 
LEU CD1  C N N 214 
LEU CD2  C N N 215 
LEU OXT  O N N 216 
LEU H    H N N 217 
LEU H2   H N N 218 
LEU HA   H N N 219 
LEU HB2  H N N 220 
LEU HB3  H N N 221 
LEU HG   H N N 222 
LEU HD11 H N N 223 
LEU HD12 H N N 224 
LEU HD13 H N N 225 
LEU HD21 H N N 226 
LEU HD22 H N N 227 
LEU HD23 H N N 228 
LEU HXT  H N N 229 
LYS N    N N N 230 
LYS CA   C N S 231 
LYS C    C N N 232 
LYS O    O N N 233 
LYS CB   C N N 234 
LYS CG   C N N 235 
LYS CD   C N N 236 
LYS CE   C N N 237 
LYS NZ   N N N 238 
LYS OXT  O N N 239 
LYS H    H N N 240 
LYS H2   H N N 241 
LYS HA   H N N 242 
LYS HB2  H N N 243 
LYS HB3  H N N 244 
LYS HG2  H N N 245 
LYS HG3  H N N 246 
LYS HD2  H N N 247 
LYS HD3  H N N 248 
LYS HE2  H N N 249 
LYS HE3  H N N 250 
LYS HZ1  H N N 251 
LYS HZ2  H N N 252 
LYS HZ3  H N N 253 
LYS HXT  H N N 254 
MET N    N N N 255 
MET CA   C N S 256 
MET C    C N N 257 
MET O    O N N 258 
MET CB   C N N 259 
MET CG   C N N 260 
MET SD   S N N 261 
MET CE   C N N 262 
MET OXT  O N N 263 
MET H    H N N 264 
MET H2   H N N 265 
MET HA   H N N 266 
MET HB2  H N N 267 
MET HB3  H N N 268 
MET HG2  H N N 269 
MET HG3  H N N 270 
MET HE1  H N N 271 
MET HE2  H N N 272 
MET HE3  H N N 273 
MET HXT  H N N 274 
PHE N    N N N 275 
PHE CA   C N S 276 
PHE C    C N N 277 
PHE O    O N N 278 
PHE CB   C N N 279 
PHE CG   C Y N 280 
PHE CD1  C Y N 281 
PHE CD2  C Y N 282 
PHE CE1  C Y N 283 
PHE CE2  C Y N 284 
PHE CZ   C Y N 285 
PHE OXT  O N N 286 
PHE H    H N N 287 
PHE H2   H N N 288 
PHE HA   H N N 289 
PHE HB2  H N N 290 
PHE HB3  H N N 291 
PHE HD1  H N N 292 
PHE HD2  H N N 293 
PHE HE1  H N N 294 
PHE HE2  H N N 295 
PHE HZ   H N N 296 
PHE HXT  H N N 297 
PRO N    N N N 298 
PRO CA   C N S 299 
PRO C    C N N 300 
PRO O    O N N 301 
PRO CB   C N N 302 
PRO CG   C N N 303 
PRO CD   C N N 304 
PRO OXT  O N N 305 
PRO H    H N N 306 
PRO HA   H N N 307 
PRO HB2  H N N 308 
PRO HB3  H N N 309 
PRO HG2  H N N 310 
PRO HG3  H N N 311 
PRO HD2  H N N 312 
PRO HD3  H N N 313 
PRO HXT  H N N 314 
SER N    N N N 315 
SER CA   C N S 316 
SER C    C N N 317 
SER O    O N N 318 
SER CB   C N N 319 
SER OG   O N N 320 
SER OXT  O N N 321 
SER H    H N N 322 
SER H2   H N N 323 
SER HA   H N N 324 
SER HB2  H N N 325 
SER HB3  H N N 326 
SER HG   H N N 327 
SER HXT  H N N 328 
THR N    N N N 329 
THR CA   C N S 330 
THR C    C N N 331 
THR O    O N N 332 
THR CB   C N R 333 
THR OG1  O N N 334 
THR CG2  C N N 335 
THR OXT  O N N 336 
THR H    H N N 337 
THR H2   H N N 338 
THR HA   H N N 339 
THR HB   H N N 340 
THR HG1  H N N 341 
THR HG21 H N N 342 
THR HG22 H N N 343 
THR HG23 H N N 344 
THR HXT  H N N 345 
TRP N    N N N 346 
TRP CA   C N S 347 
TRP C    C N N 348 
TRP O    O N N 349 
TRP CB   C N N 350 
TRP CG   C Y N 351 
TRP CD1  C Y N 352 
TRP CD2  C Y N 353 
TRP NE1  N Y N 354 
TRP CE2  C Y N 355 
TRP CE3  C Y N 356 
TRP CZ2  C Y N 357 
TRP CZ3  C Y N 358 
TRP CH2  C Y N 359 
TRP OXT  O N N 360 
TRP H    H N N 361 
TRP H2   H N N 362 
TRP HA   H N N 363 
TRP HB2  H N N 364 
TRP HB3  H N N 365 
TRP HD1  H N N 366 
TRP HE1  H N N 367 
TRP HE3  H N N 368 
TRP HZ2  H N N 369 
TRP HZ3  H N N 370 
TRP HH2  H N N 371 
TRP HXT  H N N 372 
TYR N    N N N 373 
TYR CA   C N S 374 
TYR C    C N N 375 
TYR O    O N N 376 
TYR CB   C N N 377 
TYR CG   C Y N 378 
TYR CD1  C Y N 379 
TYR CD2  C Y N 380 
TYR CE1  C Y N 381 
TYR CE2  C Y N 382 
TYR CZ   C Y N 383 
TYR OH   O N N 384 
TYR OXT  O N N 385 
TYR H    H N N 386 
TYR H2   H N N 387 
TYR HA   H N N 388 
TYR HB2  H N N 389 
TYR HB3  H N N 390 
TYR HD1  H N N 391 
TYR HD2  H N N 392 
TYR HE1  H N N 393 
TYR HE2  H N N 394 
TYR HH   H N N 395 
TYR HXT  H N N 396 
VAL N    N N N 397 
VAL CA   C N S 398 
VAL C    C N N 399 
VAL O    O N N 400 
VAL CB   C N N 401 
VAL CG1  C N N 402 
VAL CG2  C N N 403 
VAL OXT  O N N 404 
VAL H    H N N 405 
VAL H2   H N N 406 
VAL HA   H N N 407 
VAL HB   H N N 408 
VAL HG11 H N N 409 
VAL HG12 H N N 410 
VAL HG13 H N N 411 
VAL HG21 H N N 412 
VAL HG22 H N N 413 
VAL HG23 H N N 414 
VAL HXT  H N N 415 
# 
loop_
_chem_comp_bond.comp_id 
_chem_comp_bond.atom_id_1 
_chem_comp_bond.atom_id_2 
_chem_comp_bond.value_order 
_chem_comp_bond.pdbx_aromatic_flag 
_chem_comp_bond.pdbx_stereo_config 
_chem_comp_bond.pdbx_ordinal 
ALA N   CA   sing N N 1   
ALA N   H    sing N N 2   
ALA N   H2   sing N N 3   
ALA CA  C    sing N N 4   
ALA CA  CB   sing N N 5   
ALA CA  HA   sing N N 6   
ALA C   O    doub N N 7   
ALA C   OXT  sing N N 8   
ALA CB  HB1  sing N N 9   
ALA CB  HB2  sing N N 10  
ALA CB  HB3  sing N N 11  
ALA OXT HXT  sing N N 12  
ARG N   CA   sing N N 13  
ARG N   H    sing N N 14  
ARG N   H2   sing N N 15  
ARG CA  C    sing N N 16  
ARG CA  CB   sing N N 17  
ARG CA  HA   sing N N 18  
ARG C   O    doub N N 19  
ARG C   OXT  sing N N 20  
ARG CB  CG   sing N N 21  
ARG CB  HB2  sing N N 22  
ARG CB  HB3  sing N N 23  
ARG CG  CD   sing N N 24  
ARG CG  HG2  sing N N 25  
ARG CG  HG3  sing N N 26  
ARG CD  NE   sing N N 27  
ARG CD  HD2  sing N N 28  
ARG CD  HD3  sing N N 29  
ARG NE  CZ   sing N N 30  
ARG NE  HE   sing N N 31  
ARG CZ  NH1  sing N N 32  
ARG CZ  NH2  doub N N 33  
ARG NH1 HH11 sing N N 34  
ARG NH1 HH12 sing N N 35  
ARG NH2 HH21 sing N N 36  
ARG NH2 HH22 sing N N 37  
ARG OXT HXT  sing N N 38  
ASN N   CA   sing N N 39  
ASN N   H    sing N N 40  
ASN N   H2   sing N N 41  
ASN CA  C    sing N N 42  
ASN CA  CB   sing N N 43  
ASN CA  HA   sing N N 44  
ASN C   O    doub N N 45  
ASN C   OXT  sing N N 46  
ASN CB  CG   sing N N 47  
ASN CB  HB2  sing N N 48  
ASN CB  HB3  sing N N 49  
ASN CG  OD1  doub N N 50  
ASN CG  ND2  sing N N 51  
ASN ND2 HD21 sing N N 52  
ASN ND2 HD22 sing N N 53  
ASN OXT HXT  sing N N 54  
ASP N   CA   sing N N 55  
ASP N   H    sing N N 56  
ASP N   H2   sing N N 57  
ASP CA  C    sing N N 58  
ASP CA  CB   sing N N 59  
ASP CA  HA   sing N N 60  
ASP C   O    doub N N 61  
ASP C   OXT  sing N N 62  
ASP CB  CG   sing N N 63  
ASP CB  HB2  sing N N 64  
ASP CB  HB3  sing N N 65  
ASP CG  OD1  doub N N 66  
ASP CG  OD2  sing N N 67  
ASP OD2 HD2  sing N N 68  
ASP OXT HXT  sing N N 69  
BTN C11 O11  doub N N 70  
BTN C11 O12  sing N N 71  
BTN C11 C10  sing N N 72  
BTN O12 HO2  sing N N 73  
BTN C10 C9   sing N N 74  
BTN C10 H101 sing N N 75  
BTN C10 H102 sing N N 76  
BTN C9  C8   sing N N 77  
BTN C9  H91  sing N N 78  
BTN C9  H92  sing N N 79  
BTN C8  C7   sing N N 80  
BTN C8  H81  sing N N 81  
BTN C8  H82  sing N N 82  
BTN C7  C2   sing N N 83  
BTN C7  H71  sing N N 84  
BTN C7  H72  sing N N 85  
BTN C2  S1   sing N N 86  
BTN C2  C4   sing N N 87  
BTN C2  H2   sing N N 88  
BTN S1  C6   sing N N 89  
BTN C6  C5   sing N N 90  
BTN C6  H61  sing N N 91  
BTN C6  H62  sing N N 92  
BTN C5  N1   sing N N 93  
BTN C5  C4   sing N N 94  
BTN C5  H5   sing N N 95  
BTN N1  C3   sing N N 96  
BTN N1  HN1  sing N N 97  
BTN C3  O3   doub N N 98  
BTN C3  N2   sing N N 99  
BTN N2  C4   sing N N 100 
BTN N2  HN2  sing N N 101 
BTN C4  H4   sing N N 102 
CYS N   CA   sing N N 103 
CYS N   H    sing N N 104 
CYS N   H2   sing N N 105 
CYS CA  C    sing N N 106 
CYS CA  CB   sing N N 107 
CYS CA  HA   sing N N 108 
CYS C   O    doub N N 109 
CYS C   OXT  sing N N 110 
CYS CB  SG   sing N N 111 
CYS CB  HB2  sing N N 112 
CYS CB  HB3  sing N N 113 
CYS SG  HG   sing N N 114 
CYS OXT HXT  sing N N 115 
GLN N   CA   sing N N 116 
GLN N   H    sing N N 117 
GLN N   H2   sing N N 118 
GLN CA  C    sing N N 119 
GLN CA  CB   sing N N 120 
GLN CA  HA   sing N N 121 
GLN C   O    doub N N 122 
GLN C   OXT  sing N N 123 
GLN CB  CG   sing N N 124 
GLN CB  HB2  sing N N 125 
GLN CB  HB3  sing N N 126 
GLN CG  CD   sing N N 127 
GLN CG  HG2  sing N N 128 
GLN CG  HG3  sing N N 129 
GLN CD  OE1  doub N N 130 
GLN CD  NE2  sing N N 131 
GLN NE2 HE21 sing N N 132 
GLN NE2 HE22 sing N N 133 
GLN OXT HXT  sing N N 134 
GLU N   CA   sing N N 135 
GLU N   H    sing N N 136 
GLU N   H2   sing N N 137 
GLU CA  C    sing N N 138 
GLU CA  CB   sing N N 139 
GLU CA  HA   sing N N 140 
GLU C   O    doub N N 141 
GLU C   OXT  sing N N 142 
GLU CB  CG   sing N N 143 
GLU CB  HB2  sing N N 144 
GLU CB  HB3  sing N N 145 
GLU CG  CD   sing N N 146 
GLU CG  HG2  sing N N 147 
GLU CG  HG3  sing N N 148 
GLU CD  OE1  doub N N 149 
GLU CD  OE2  sing N N 150 
GLU OE2 HE2  sing N N 151 
GLU OXT HXT  sing N N 152 
GLY N   CA   sing N N 153 
GLY N   H    sing N N 154 
GLY N   H2   sing N N 155 
GLY CA  C    sing N N 156 
GLY CA  HA2  sing N N 157 
GLY CA  HA3  sing N N 158 
GLY C   O    doub N N 159 
GLY C   OXT  sing N N 160 
GLY OXT HXT  sing N N 161 
GOL C1  O1   sing N N 162 
GOL C1  C2   sing N N 163 
GOL C1  H11  sing N N 164 
GOL C1  H12  sing N N 165 
GOL O1  HO1  sing N N 166 
GOL C2  O2   sing N N 167 
GOL C2  C3   sing N N 168 
GOL C2  H2   sing N N 169 
GOL O2  HO2  sing N N 170 
GOL C3  O3   sing N N 171 
GOL C3  H31  sing N N 172 
GOL C3  H32  sing N N 173 
GOL O3  HO3  sing N N 174 
HOH O   H1   sing N N 175 
HOH O   H2   sing N N 176 
ILE N   CA   sing N N 177 
ILE N   H    sing N N 178 
ILE N   H2   sing N N 179 
ILE CA  C    sing N N 180 
ILE CA  CB   sing N N 181 
ILE CA  HA   sing N N 182 
ILE C   O    doub N N 183 
ILE C   OXT  sing N N 184 
ILE CB  CG1  sing N N 185 
ILE CB  CG2  sing N N 186 
ILE CB  HB   sing N N 187 
ILE CG1 CD1  sing N N 188 
ILE CG1 HG12 sing N N 189 
ILE CG1 HG13 sing N N 190 
ILE CG2 HG21 sing N N 191 
ILE CG2 HG22 sing N N 192 
ILE CG2 HG23 sing N N 193 
ILE CD1 HD11 sing N N 194 
ILE CD1 HD12 sing N N 195 
ILE CD1 HD13 sing N N 196 
ILE OXT HXT  sing N N 197 
LEU N   CA   sing N N 198 
LEU N   H    sing N N 199 
LEU N   H2   sing N N 200 
LEU CA  C    sing N N 201 
LEU CA  CB   sing N N 202 
LEU CA  HA   sing N N 203 
LEU C   O    doub N N 204 
LEU C   OXT  sing N N 205 
LEU CB  CG   sing N N 206 
LEU CB  HB2  sing N N 207 
LEU CB  HB3  sing N N 208 
LEU CG  CD1  sing N N 209 
LEU CG  CD2  sing N N 210 
LEU CG  HG   sing N N 211 
LEU CD1 HD11 sing N N 212 
LEU CD1 HD12 sing N N 213 
LEU CD1 HD13 sing N N 214 
LEU CD2 HD21 sing N N 215 
LEU CD2 HD22 sing N N 216 
LEU CD2 HD23 sing N N 217 
LEU OXT HXT  sing N N 218 
LYS N   CA   sing N N 219 
LYS N   H    sing N N 220 
LYS N   H2   sing N N 221 
LYS CA  C    sing N N 222 
LYS CA  CB   sing N N 223 
LYS CA  HA   sing N N 224 
LYS C   O    doub N N 225 
LYS C   OXT  sing N N 226 
LYS CB  CG   sing N N 227 
LYS CB  HB2  sing N N 228 
LYS CB  HB3  sing N N 229 
LYS CG  CD   sing N N 230 
LYS CG  HG2  sing N N 231 
LYS CG  HG3  sing N N 232 
LYS CD  CE   sing N N 233 
LYS CD  HD2  sing N N 234 
LYS CD  HD3  sing N N 235 
LYS CE  NZ   sing N N 236 
LYS CE  HE2  sing N N 237 
LYS CE  HE3  sing N N 238 
LYS NZ  HZ1  sing N N 239 
LYS NZ  HZ2  sing N N 240 
LYS NZ  HZ3  sing N N 241 
LYS OXT HXT  sing N N 242 
MET N   CA   sing N N 243 
MET N   H    sing N N 244 
MET N   H2   sing N N 245 
MET CA  C    sing N N 246 
MET CA  CB   sing N N 247 
MET CA  HA   sing N N 248 
MET C   O    doub N N 249 
MET C   OXT  sing N N 250 
MET CB  CG   sing N N 251 
MET CB  HB2  sing N N 252 
MET CB  HB3  sing N N 253 
MET CG  SD   sing N N 254 
MET CG  HG2  sing N N 255 
MET CG  HG3  sing N N 256 
MET SD  CE   sing N N 257 
MET CE  HE1  sing N N 258 
MET CE  HE2  sing N N 259 
MET CE  HE3  sing N N 260 
MET OXT HXT  sing N N 261 
PHE N   CA   sing N N 262 
PHE N   H    sing N N 263 
PHE N   H2   sing N N 264 
PHE CA  C    sing N N 265 
PHE CA  CB   sing N N 266 
PHE CA  HA   sing N N 267 
PHE C   O    doub N N 268 
PHE C   OXT  sing N N 269 
PHE CB  CG   sing N N 270 
PHE CB  HB2  sing N N 271 
PHE CB  HB3  sing N N 272 
PHE CG  CD1  doub Y N 273 
PHE CG  CD2  sing Y N 274 
PHE CD1 CE1  sing Y N 275 
PHE CD1 HD1  sing N N 276 
PHE CD2 CE2  doub Y N 277 
PHE CD2 HD2  sing N N 278 
PHE CE1 CZ   doub Y N 279 
PHE CE1 HE1  sing N N 280 
PHE CE2 CZ   sing Y N 281 
PHE CE2 HE2  sing N N 282 
PHE CZ  HZ   sing N N 283 
PHE OXT HXT  sing N N 284 
PRO N   CA   sing N N 285 
PRO N   CD   sing N N 286 
PRO N   H    sing N N 287 
PRO CA  C    sing N N 288 
PRO CA  CB   sing N N 289 
PRO CA  HA   sing N N 290 
PRO C   O    doub N N 291 
PRO C   OXT  sing N N 292 
PRO CB  CG   sing N N 293 
PRO CB  HB2  sing N N 294 
PRO CB  HB3  sing N N 295 
PRO CG  CD   sing N N 296 
PRO CG  HG2  sing N N 297 
PRO CG  HG3  sing N N 298 
PRO CD  HD2  sing N N 299 
PRO CD  HD3  sing N N 300 
PRO OXT HXT  sing N N 301 
SER N   CA   sing N N 302 
SER N   H    sing N N 303 
SER N   H2   sing N N 304 
SER CA  C    sing N N 305 
SER CA  CB   sing N N 306 
SER CA  HA   sing N N 307 
SER C   O    doub N N 308 
SER C   OXT  sing N N 309 
SER CB  OG   sing N N 310 
SER CB  HB2  sing N N 311 
SER CB  HB3  sing N N 312 
SER OG  HG   sing N N 313 
SER OXT HXT  sing N N 314 
THR N   CA   sing N N 315 
THR N   H    sing N N 316 
THR N   H2   sing N N 317 
THR CA  C    sing N N 318 
THR CA  CB   sing N N 319 
THR CA  HA   sing N N 320 
THR C   O    doub N N 321 
THR C   OXT  sing N N 322 
THR CB  OG1  sing N N 323 
THR CB  CG2  sing N N 324 
THR CB  HB   sing N N 325 
THR OG1 HG1  sing N N 326 
THR CG2 HG21 sing N N 327 
THR CG2 HG22 sing N N 328 
THR CG2 HG23 sing N N 329 
THR OXT HXT  sing N N 330 
TRP N   CA   sing N N 331 
TRP N   H    sing N N 332 
TRP N   H2   sing N N 333 
TRP CA  C    sing N N 334 
TRP CA  CB   sing N N 335 
TRP CA  HA   sing N N 336 
TRP C   O    doub N N 337 
TRP C   OXT  sing N N 338 
TRP CB  CG   sing N N 339 
TRP CB  HB2  sing N N 340 
TRP CB  HB3  sing N N 341 
TRP CG  CD1  doub Y N 342 
TRP CG  CD2  sing Y N 343 
TRP CD1 NE1  sing Y N 344 
TRP CD1 HD1  sing N N 345 
TRP CD2 CE2  doub Y N 346 
TRP CD2 CE3  sing Y N 347 
TRP NE1 CE2  sing Y N 348 
TRP NE1 HE1  sing N N 349 
TRP CE2 CZ2  sing Y N 350 
TRP CE3 CZ3  doub Y N 351 
TRP CE3 HE3  sing N N 352 
TRP CZ2 CH2  doub Y N 353 
TRP CZ2 HZ2  sing N N 354 
TRP CZ3 CH2  sing Y N 355 
TRP CZ3 HZ3  sing N N 356 
TRP CH2 HH2  sing N N 357 
TRP OXT HXT  sing N N 358 
TYR N   CA   sing N N 359 
TYR N   H    sing N N 360 
TYR N   H2   sing N N 361 
TYR CA  C    sing N N 362 
TYR CA  CB   sing N N 363 
TYR CA  HA   sing N N 364 
TYR C   O    doub N N 365 
TYR C   OXT  sing N N 366 
TYR CB  CG   sing N N 367 
TYR CB  HB2  sing N N 368 
TYR CB  HB3  sing N N 369 
TYR CG  CD1  doub Y N 370 
TYR CG  CD2  sing Y N 371 
TYR CD1 CE1  sing Y N 372 
TYR CD1 HD1  sing N N 373 
TYR CD2 CE2  doub Y N 374 
TYR CD2 HD2  sing N N 375 
TYR CE1 CZ   doub Y N 376 
TYR CE1 HE1  sing N N 377 
TYR CE2 CZ   sing Y N 378 
TYR CE2 HE2  sing N N 379 
TYR CZ  OH   sing N N 380 
TYR OH  HH   sing N N 381 
TYR OXT HXT  sing N N 382 
VAL N   CA   sing N N 383 
VAL N   H    sing N N 384 
VAL N   H2   sing N N 385 
VAL CA  C    sing N N 386 
VAL CA  CB   sing N N 387 
VAL CA  HA   sing N N 388 
VAL C   O    doub N N 389 
VAL C   OXT  sing N N 390 
VAL CB  CG1  sing N N 391 
VAL CB  CG2  sing N N 392 
VAL CB  HB   sing N N 393 
VAL CG1 HG11 sing N N 394 
VAL CG1 HG12 sing N N 395 
VAL CG1 HG13 sing N N 396 
VAL CG2 HG21 sing N N 397 
VAL CG2 HG22 sing N N 398 
VAL CG2 HG23 sing N N 399 
VAL OXT HXT  sing N N 400 
# 
_pdbx_initial_refinement_model.id               1 
_pdbx_initial_refinement_model.entity_id_list   ? 
_pdbx_initial_refinement_model.type             'experimental model' 
_pdbx_initial_refinement_model.source_name      PDB 
_pdbx_initial_refinement_model.accession_code   1WBI 
_pdbx_initial_refinement_model.details          'PDB ENTRY 1WBI' 
# 
_atom_sites.entry_id                    2C1Q 
_atom_sites.fract_transf_matrix[1][1]   0.00633452 
_atom_sites.fract_transf_matrix[1][2]   -0.01300076 
_atom_sites.fract_transf_matrix[1][3]   0.00734456 
_atom_sites.fract_transf_matrix[2][1]   -0.00754069 
_atom_sites.fract_transf_matrix[2][2]   -0.00967129 
_atom_sites.fract_transf_matrix[2][3]   -0.01061567 
_atom_sites.fract_transf_matrix[3][1]   0.00442260 
_atom_sites.fract_transf_matrix[3][2]   0.00025096 
_atom_sites.fract_transf_matrix[3][3]   -0.00337016 
_atom_sites.fract_transf_vector[1]      0.071256 
_atom_sites.fract_transf_vector[2]      0.117023 
_atom_sites.fract_transf_vector[3]      0.073907 
# 
loop_
_atom_type.symbol 
C 
N 
O 
S 
# 
loop_
_atom_site.group_PDB 
_atom_site.id 
_atom_site.type_symbol 
_atom_site.label_atom_id 
_atom_site.label_alt_id 
_atom_site.label_comp_id 
_atom_site.label_asym_id 
_atom_site.label_entity_id 
_atom_site.label_seq_id 
_atom_site.pdbx_PDB_ins_code 
_atom_site.Cartn_x 
_atom_site.Cartn_y 
_atom_site.Cartn_z 
_atom_site.occupancy 
_atom_site.B_iso_or_equiv 
_atom_site.pdbx_formal_charge 
_atom_site.auth_seq_id 
_atom_site.auth_comp_id 
_atom_site.auth_asym_id 
_atom_site.auth_atom_id 
_atom_site.pdbx_PDB_model_num 
ATOM   1    N N   . THR A 1 2   ? 17.946  -14.449 5.702   1.00 51.26 ? 1    THR A N   1 
ATOM   2    C CA  . THR A 1 2   ? 16.463  -14.606 5.533   1.00 51.11 ? 1    THR A CA  1 
ATOM   3    C C   . THR A 1 2   ? 15.840  -13.437 4.759   1.00 50.17 ? 1    THR A C   1 
ATOM   4    O O   . THR A 1 2   ? 16.002  -12.258 5.125   1.00 50.34 ? 1    THR A O   1 
ATOM   5    C CB  . THR A 1 2   ? 15.765  -14.769 6.892   1.00 51.54 ? 1    THR A CB  1 
ATOM   6    O OG1 . THR A 1 2   ? 14.390  -15.090 6.727   1.00 52.85 ? 1    THR A OG1 1 
ATOM   7    N N   . ARG A 1 3   ? 15.127  -13.783 3.687   1.00 48.67 ? 2    ARG A N   1 
ATOM   8    C CA  . ARG A 1 3   ? 14.404  -12.804 2.898   1.00 46.71 ? 2    ARG A CA  1 
ATOM   9    C C   . ARG A 1 3   ? 12.943  -12.701 3.372   1.00 45.14 ? 2    ARG A C   1 
ATOM   10   O O   . ARG A 1 3   ? 12.132  -12.010 2.744   1.00 43.52 ? 2    ARG A O   1 
ATOM   11   C CB  . ARG A 1 3   ? 14.497  -13.148 1.400   1.00 46.88 ? 2    ARG A CB  1 
ATOM   12   C CG  . ARG A 1 3   ? 15.830  -12.736 0.775   1.00 47.39 ? 2    ARG A CG  1 
ATOM   13   C CD  . ARG A 1 3   ? 15.992  -13.229 -0.666  1.00 47.18 ? 2    ARG A CD  1 
ATOM   14   N NE  . ARG A 1 3   ? 17.212  -12.698 -1.297  1.00 48.44 ? 2    ARG A NE  1 
ATOM   15   C CZ  . ARG A 1 3   ? 17.340  -11.463 -1.793  1.00 49.46 ? 2    ARG A CZ  1 
ATOM   16   N NH1 . ARG A 1 3   ? 16.320  -10.609 -1.749  1.00 49.21 ? 2    ARG A NH1 1 
ATOM   17   N NH2 . ARG A 1 3   ? 18.490  -11.074 -2.346  1.00 49.18 ? 2    ARG A NH2 1 
ATOM   18   N N   . LYS A 1 4   ? 12.622  -13.381 4.481   1.00 43.07 ? 3    LYS A N   1 
ATOM   19   C CA  . LYS A 1 4   ? 11.269  -13.331 5.048   1.00 41.86 ? 3    LYS A CA  1 
ATOM   20   C C   . LYS A 1 4   ? 10.880  -11.895 5.423   1.00 40.30 ? 3    LYS A C   1 
ATOM   21   O O   . LYS A 1 4   ? 11.636  -11.189 6.114   1.00 39.60 ? 3    LYS A O   1 
ATOM   22   C CB  . LYS A 1 4   ? 11.115  -14.274 6.252   1.00 42.26 ? 3    LYS A CB  1 
ATOM   23   C CG  . LYS A 1 4   ? 10.981  -15.769 5.889   1.00 43.05 ? 3    LYS A CG  1 
ATOM   24   C CD  . LYS A 1 4   ? 9.560   -16.178 5.489   1.00 42.32 ? 3    LYS A CD  1 
ATOM   25   C CE  . LYS A 1 4   ? 9.544   -17.551 4.817   1.00 44.55 ? 3    LYS A CE  1 
ATOM   26   N NZ  . LYS A 1 4   ? 8.195   -17.963 4.276   1.00 43.60 ? 3    LYS A NZ  1 
ATOM   27   N N   . CYS A 1 5   ? 9.714   -11.476 4.923   1.00 38.50 ? 4    CYS A N   1 
ATOM   28   C CA  . CYS A 1 5   ? 9.151   -10.130 5.150   1.00 37.03 ? 4    CYS A CA  1 
ATOM   29   C C   . CYS A 1 5   ? 9.813   -9.001  4.362   1.00 35.70 ? 4    CYS A C   1 
ATOM   30   O O   . CYS A 1 5   ? 9.551   -7.830  4.631   1.00 35.94 ? 4    CYS A O   1 
ATOM   31   C CB  . CYS A 1 5   ? 9.063   -9.784  6.640   1.00 36.43 ? 4    CYS A CB  1 
ATOM   32   S SG  . CYS A 1 5   ? 7.460   -10.220 7.371   1.00 39.34 ? 4    CYS A SG  1 
ATOM   33   N N   . GLU A 1 6   ? 10.662  -9.357  3.400   1.00 33.79 ? 5    GLU A N   1 
ATOM   34   C CA  . GLU A 1 6   ? 11.187  -8.405  2.449   1.00 33.14 ? 5    GLU A CA  1 
ATOM   35   C C   . GLU A 1 6   ? 9.998   -7.834  1.680   1.00 31.39 ? 5    GLU A C   1 
ATOM   36   O O   . GLU A 1 6   ? 9.092   -8.561  1.222   1.00 30.07 ? 5    GLU A O   1 
ATOM   37   C CB  . GLU A 1 6   ? 12.196  -9.049  1.492   1.00 32.51 ? 5    GLU A CB  1 
ATOM   38   C CG  . GLU A 1 6   ? 11.550  -9.909  0.407   1.00 34.47 ? 5    GLU A CG  1 
ATOM   39   C CD  . GLU A 1 6   ? 12.538  -10.557 -0.519  1.00 35.64 ? 5    GLU A CD  1 
ATOM   40   O OE1 . GLU A 1 6   ? 13.768  -10.316 -0.373  1.00 38.67 ? 5    GLU A OE1 1 
ATOM   41   O OE2 . GLU A 1 6   ? 12.072  -11.305 -1.393  1.00 37.01 ? 5    GLU A OE2 1 
ATOM   42   N N   . LEU A 1 7   ? 9.978   -6.526  1.558   1.00 29.51 ? 6    LEU A N   1 
ATOM   43   C CA  . LEU A 1 7   ? 8.815   -5.902  0.977   1.00 28.59 ? 6    LEU A CA  1 
ATOM   44   C C   . LEU A 1 7   ? 8.746   -6.195  -0.499  1.00 28.35 ? 6    LEU A C   1 
ATOM   45   O O   . LEU A 1 7   ? 7.687   -6.416  -1.037  1.00 28.14 ? 6    LEU A O   1 
ATOM   46   C CB  . LEU A 1 7   ? 8.825   -4.408  1.261   1.00 28.15 ? 6    LEU A CB  1 
ATOM   47   C CG  . LEU A 1 7   ? 8.623   -4.061  2.730   1.00 27.21 ? 6    LEU A CG  1 
ATOM   48   C CD1 . LEU A 1 7   ? 8.455   -2.553  2.806   1.00 24.98 ? 6    LEU A CD1 1 
ATOM   49   C CD2 . LEU A 1 7   ? 7.408   -4.802  3.345   1.00 24.32 ? 6    LEU A CD2 1 
ATOM   50   N N   . GLN A 1 8   ? 9.904   -6.171  -1.138  1.00 29.11 ? 7    GLN A N   1 
ATOM   51   C CA  . GLN A 1 8   ? 10.109  -6.595  -2.533  1.00 30.67 ? 7    GLN A CA  1 
ATOM   52   C C   . GLN A 1 8   ? 9.217   -7.794  -2.892  1.00 29.16 ? 7    GLN A C   1 
ATOM   53   O O   . GLN A 1 8   ? 9.227   -8.797  -2.209  1.00 28.85 ? 7    GLN A O   1 
ATOM   54   C CB  . GLN A 1 8   ? 11.597  -6.970  -2.649  1.00 30.83 ? 7    GLN A CB  1 
ATOM   55   C CG  . GLN A 1 8   ? 12.115  -7.275  -3.997  1.00 34.76 ? 7    GLN A CG  1 
ATOM   56   C CD  . GLN A 1 8   ? 13.633  -7.440  -3.986  1.00 34.64 ? 7    GLN A CD  1 
ATOM   57   O OE1 . GLN A 1 8   ? 14.187  -8.150  -3.150  1.00 40.36 ? 7    GLN A OE1 1 
ATOM   58   N NE2 . GLN A 1 8   ? 14.304  -6.792  -4.927  1.00 39.51 ? 7    GLN A NE2 1 
ATOM   59   N N   . GLY A 1 9   ? 8.426   -7.690  -3.944  1.00 28.79 ? 8    GLY A N   1 
ATOM   60   C CA  . GLY A 1 9   ? 7.525   -8.787  -4.259  1.00 28.62 ? 8    GLY A CA  1 
ATOM   61   C C   . GLY A 1 9   ? 6.150   -8.388  -4.757  1.00 28.84 ? 8    GLY A C   1 
ATOM   62   O O   . GLY A 1 9   ? 5.813   -7.208  -4.903  1.00 28.53 ? 8    GLY A O   1 
ATOM   63   N N   . LEU A 1 10  ? 5.354   -9.404  -5.036  1.00 28.81 ? 9    LEU A N   1 
ATOM   64   C CA  . LEU A 1 10  ? 3.981   -9.215  -5.414  1.00 28.45 ? 9    LEU A CA  1 
ATOM   65   C C   . LEU A 1 10  ? 3.161   -9.631  -4.192  1.00 27.52 ? 9    LEU A C   1 
ATOM   66   O O   . LEU A 1 10  ? 3.397   -10.689 -3.606  1.00 26.73 ? 9    LEU A O   1 
ATOM   67   C CB  . LEU A 1 10  ? 3.679   -10.057 -6.662  1.00 28.71 ? 9    LEU A CB  1 
ATOM   68   C CG  . LEU A 1 10  ? 2.285   -10.189 -7.255  1.00 30.76 ? 9    LEU A CG  1 
ATOM   69   C CD1 . LEU A 1 10  ? 1.626   -8.825  -7.609  1.00 31.77 ? 9    LEU A CD1 1 
ATOM   70   C CD2 . LEU A 1 10  ? 2.360   -11.167 -8.485  1.00 28.78 ? 9    LEU A CD2 1 
ATOM   71   N N   . TRP A 1 11  ? 2.248   -8.755  -3.779  1.00 26.56 ? 10   TRP A N   1 
ATOM   72   C CA  . TRP A 1 11  ? 1.383   -8.989  -2.633  1.00 26.01 ? 10   TRP A CA  1 
ATOM   73   C C   . TRP A 1 11  ? -0.069  -8.897  -3.076  1.00 27.50 ? 10   TRP A C   1 
ATOM   74   O O   . TRP A 1 11  ? -0.367  -8.246  -4.076  1.00 27.55 ? 10   TRP A O   1 
ATOM   75   C CB  . TRP A 1 11  ? 1.669   -7.952  -1.556  1.00 25.84 ? 10   TRP A CB  1 
ATOM   76   C CG  . TRP A 1 11  ? 3.061   -8.004  -1.013  1.00 24.08 ? 10   TRP A CG  1 
ATOM   77   C CD1 . TRP A 1 11  ? 4.170   -7.358  -1.493  1.00 24.29 ? 10   TRP A CD1 1 
ATOM   78   C CD2 . TRP A 1 11  ? 3.491   -8.751  0.128   1.00 23.95 ? 10   TRP A CD2 1 
ATOM   79   N NE1 . TRP A 1 11  ? 5.273   -7.665  -0.700  1.00 23.33 ? 10   TRP A NE1 1 
ATOM   80   C CE2 . TRP A 1 11  ? 4.873   -8.507  0.302   1.00 21.39 ? 10   TRP A CE2 1 
ATOM   81   C CE3 . TRP A 1 11  ? 2.833   -9.597  1.033   1.00 24.36 ? 10   TRP A CE3 1 
ATOM   82   C CZ2 . TRP A 1 11  ? 5.616   -9.101  1.323   1.00 23.35 ? 10   TRP A CZ2 1 
ATOM   83   C CZ3 . TRP A 1 11  ? 3.564   -10.176 2.055   1.00 23.60 ? 10   TRP A CZ3 1 
ATOM   84   C CH2 . TRP A 1 11  ? 4.943   -9.923  2.195   1.00 23.84 ? 10   TRP A CH2 1 
ATOM   85   N N   . ARG A 1 12  ? -0.976  -9.540  -2.337  1.00 28.56 ? 11   ARG A N   1 
ATOM   86   C CA  . ARG A 1 12  ? -2.419  -9.391  -2.603  1.00 29.52 ? 11   ARG A CA  1 
ATOM   87   C C   . ARG A 1 12  ? -3.161  -9.127  -1.292  1.00 27.47 ? 11   ARG A C   1 
ATOM   88   O O   . ARG A 1 12  ? -2.736  -9.583  -0.234  1.00 27.55 ? 11   ARG A O   1 
ATOM   89   C CB  . ARG A 1 12  ? -2.972  -10.651 -3.280  1.00 29.50 ? 11   ARG A CB  1 
ATOM   90   C CG  . ARG A 1 12  ? -4.438  -10.544 -3.641  1.00 32.37 ? 11   ARG A CG  1 
ATOM   91   C CD  . ARG A 1 12  ? -5.042  -11.855 -4.133  1.00 34.45 ? 11   ARG A CD  1 
ATOM   92   N NE  . ARG A 1 12  ? -4.658  -12.104 -5.523  1.00 44.57 ? 11   ARG A NE  1 
ATOM   93   C CZ  . ARG A 1 12  ? -5.387  -11.789 -6.598  1.00 47.04 ? 11   ARG A CZ  1 
ATOM   94   N NH1 . ARG A 1 12  ? -6.584  -11.200 -6.482  1.00 47.62 ? 11   ARG A NH1 1 
ATOM   95   N NH2 . ARG A 1 12  ? -4.903  -12.073 -7.807  1.00 49.57 ? 11   ARG A NH2 1 
ATOM   96   N N   . ASN A 1 13  ? -4.256  -8.385  -1.343  1.00 26.62 ? 12   ASN A N   1 
ATOM   97   C CA  . ASN A 1 13  ? -5.022  -8.139  -0.121  1.00 25.81 ? 12   ASN A CA  1 
ATOM   98   C C   . ASN A 1 13  ? -6.392  -8.815  -0.155  1.00 26.21 ? 12   ASN A C   1 
ATOM   99   O O   . ASN A 1 13  ? -6.754  -9.430  -1.170  1.00 26.56 ? 12   ASN A O   1 
ATOM   100  C CB  . ASN A 1 13  ? -5.051  -6.638  0.241   1.00 25.20 ? 12   ASN A CB  1 
ATOM   101  C CG  . ASN A 1 13  ? -5.934  -5.816  -0.669  1.00 24.19 ? 12   ASN A CG  1 
ATOM   102  O OD1 . ASN A 1 13  ? -6.785  -6.355  -1.343  1.00 22.78 ? 12   ASN A OD1 1 
ATOM   103  N ND2 . ASN A 1 13  ? -5.759  -4.483  -0.663  1.00 21.97 ? 12   ASN A ND2 1 
ATOM   104  N N   . GLU A 1 14  ? -7.134  -8.713  0.946   1.00 26.66 ? 13   GLU A N   1 
ATOM   105  C CA  . GLU A 1 14  ? -8.433  -9.361  1.121   1.00 26.96 ? 13   GLU A CA  1 
ATOM   106  C C   . GLU A 1 14  ? -9.476  -8.867  0.131   1.00 27.56 ? 13   GLU A C   1 
ATOM   107  O O   . GLU A 1 14  ? -10.490 -9.547  -0.090  1.00 27.86 ? 13   GLU A O   1 
ATOM   108  C CB  . GLU A 1 14  ? -8.948  -9.189  2.565   1.00 26.95 ? 13   GLU A CB  1 
ATOM   109  C CG  . GLU A 1 14  ? -9.531  -7.777  2.888   1.00 28.44 ? 13   GLU A CG  1 
ATOM   110  C CD  . GLU A 1 14  ? -8.478  -6.722  3.295   1.00 27.82 ? 13   GLU A CD  1 
ATOM   111  O OE1 . GLU A 1 14  ? -7.296  -6.839  2.953   1.00 26.56 ? 13   GLU A OE1 1 
ATOM   112  O OE2 . GLU A 1 14  ? -8.845  -5.775  4.003   1.00 31.41 ? 13   GLU A OE2 1 
ATOM   113  N N   . LEU A 1 15  ? -9.246  -7.686  -0.459  1.00 26.96 ? 14   LEU A N   1 
ATOM   114  C CA  . LEU A 1 15  ? -10.156 -7.146  -1.474  1.00 26.39 ? 14   LEU A CA  1 
ATOM   115  C C   . LEU A 1 15  ? -9.822  -7.719  -2.835  1.00 26.85 ? 14   LEU A C   1 
ATOM   116  O O   . LEU A 1 15  ? -10.541 -7.486  -3.799  1.00 26.92 ? 14   LEU A O   1 
ATOM   117  C CB  . LEU A 1 15  ? -10.044 -5.626  -1.567  1.00 25.99 ? 14   LEU A CB  1 
ATOM   118  C CG  . LEU A 1 15  ? -10.471 -4.811  -0.346  1.00 27.08 ? 14   LEU A CG  1 
ATOM   119  C CD1 . LEU A 1 15  ? -10.185 -3.332  -0.545  1.00 25.24 ? 14   LEU A CD1 1 
ATOM   120  C CD2 . LEU A 1 15  ? -11.937 -5.049  0.000   1.00 27.13 ? 14   LEU A CD2 1 
ATOM   121  N N   . GLY A 1 16  ? -8.702  -8.431  -2.920  1.00 26.91 ? 15   GLY A N   1 
ATOM   122  C CA  . GLY A 1 16  ? -8.231  -8.972  -4.192  1.00 27.91 ? 15   GLY A CA  1 
ATOM   123  C C   . GLY A 1 16  ? -7.377  -7.973  -4.966  1.00 28.25 ? 15   GLY A C   1 
ATOM   124  O O   . GLY A 1 16  ? -7.118  -8.167  -6.153  1.00 28.14 ? 15   GLY A O   1 
ATOM   125  N N   . SER A 1 17  ? -6.930  -6.906  -4.302  1.00 27.72 ? 16   SER A N   1 
ATOM   126  C CA  . SER A 1 17  ? -5.992  -5.979  -4.936  1.00 27.42 ? 16   SER A CA  1 
ATOM   127  C C   . SER A 1 17  ? -4.626  -6.609  -5.071  1.00 27.97 ? 16   SER A C   1 
ATOM   128  O O   . SER A 1 17  ? -4.211  -7.393  -4.203  1.00 28.82 ? 16   SER A O   1 
ATOM   129  C CB  . SER A 1 17  ? -5.878  -4.685  -4.120  1.00 27.18 ? 16   SER A CB  1 
ATOM   130  O OG  . SER A 1 17  ? -7.086  -3.948  -4.188  1.00 25.28 ? 16   SER A OG  1 
ATOM   131  N N   . ASN A 1 18  ? -3.901  -6.237  -6.125  1.00 28.18 ? 17   ASN A N   1 
ATOM   132  C CA  . ASN A 1 18  ? -2.508  -6.652  -6.282  1.00 28.66 ? 17   ASN A CA  1 
ATOM   133  C C   . ASN A 1 18  ? -1.563  -5.478  -6.165  1.00 27.68 ? 17   ASN A C   1 
ATOM   134  O O   . ASN A 1 18  ? -1.847  -4.360  -6.633  1.00 28.44 ? 17   ASN A O   1 
ATOM   135  C CB  . ASN A 1 18  ? -2.287  -7.356  -7.633  1.00 29.42 ? 17   ASN A CB  1 
ATOM   136  C CG  . ASN A 1 18  ? -3.098  -8.619  -7.755  1.00 32.57 ? 17   ASN A CG  1 
ATOM   137  O OD1 . ASN A 1 18  ? -2.770  -9.640  -7.150  1.00 36.39 ? 17   ASN A OD1 1 
ATOM   138  N ND2 . ASN A 1 18  ? -4.197  -8.541  -8.495  1.00 35.79 ? 17   ASN A ND2 1 
ATOM   139  N N   . MET A 1 19  ? -0.416  -5.750  -5.580  1.00 26.33 ? 18   MET A N   1 
ATOM   140  C CA  . MET A 1 19  ? 0.572   -4.726  -5.350  1.00 26.31 ? 18   MET A CA  1 
ATOM   141  C C   . MET A 1 19  ? 1.953   -5.311  -5.634  1.00 25.52 ? 18   MET A C   1 
ATOM   142  O O   . MET A 1 19  ? 2.250   -6.419  -5.193  1.00 24.02 ? 18   MET A O   1 
ATOM   143  C CB  . MET A 1 19  ? 0.466   -4.261  -3.877  1.00 25.18 ? 18   MET A CB  1 
ATOM   144  C CG  . MET A 1 19  ? 1.713   -3.636  -3.402  1.00 27.35 ? 18   MET A CG  1 
ATOM   145  S SD  . MET A 1 19  ? 1.611   -2.741  -1.850  1.00 27.40 ? 18   MET A SD  1 
ATOM   146  C CE  . MET A 1 19  ? 1.815   -4.043  -0.644  1.00 24.94 ? 18   MET A CE  1 
ATOM   147  N N   . THR A 1 20  ? 2.783   -4.567  -6.372  1.00 25.40 ? 19   THR A N   1 
ATOM   148  C CA  . THR A 1 20  ? 4.190   -4.926  -6.558  1.00 25.05 ? 19   THR A CA  1 
ATOM   149  C C   . THR A 1 20  ? 5.071   -3.877  -5.874  1.00 24.90 ? 19   THR A C   1 
ATOM   150  O O   . THR A 1 20  ? 4.863   -2.683  -6.044  1.00 25.20 ? 19   THR A O   1 
ATOM   151  C CB  . THR A 1 20  ? 4.601   -4.992  -8.056  1.00 24.59 ? 19   THR A CB  1 
ATOM   152  O OG1 . THR A 1 20  ? 3.797   -5.965  -8.736  1.00 25.19 ? 19   THR A OG1 1 
ATOM   153  C CG2 . THR A 1 20  ? 6.073   -5.389  -8.183  1.00 25.67 ? 19   THR A CG2 1 
ATOM   154  N N   . ILE A 1 21  ? 6.044   -4.335  -5.109  1.00 24.31 ? 20   ILE A N   1 
ATOM   155  C CA  . ILE A 1 21  ? 7.049   -3.449  -4.565  1.00 26.02 ? 20   ILE A CA  1 
ATOM   156  C C   . ILE A 1 21  ? 8.362   -3.887  -5.164  1.00 27.71 ? 20   ILE A C   1 
ATOM   157  O O   . ILE A 1 21  ? 8.753   -5.058  -5.054  1.00 28.50 ? 20   ILE A O   1 
ATOM   158  C CB  . ILE A 1 21  ? 7.058   -3.441  -2.990  1.00 25.69 ? 20   ILE A CB  1 
ATOM   159  C CG1 . ILE A 1 21  ? 5.765   -2.788  -2.471  1.00 23.04 ? 20   ILE A CG1 1 
ATOM   160  C CG2 . ILE A 1 21  ? 8.289   -2.692  -2.442  1.00 24.77 ? 20   ILE A CG2 1 
ATOM   161  C CD1 . ILE A 1 21  ? 5.501   -2.970  -1.002  1.00 25.73 ? 20   ILE A CD1 1 
ATOM   162  N N   . SER A 1 22  ? 9.012   -2.967  -5.859  1.00 30.07 ? 21   SER A N   1 
ATOM   163  C CA  . SER A 1 22  ? 10.300  -3.265  -6.478  1.00 33.23 ? 21   SER A CA  1 
ATOM   164  C C   . SER A 1 22  ? 11.364  -3.226  -5.384  1.00 34.01 ? 21   SER A C   1 
ATOM   165  O O   . SER A 1 22  ? 11.055  -2.839  -4.238  1.00 34.27 ? 21   SER A O   1 
ATOM   166  C CB  . SER A 1 22  ? 10.586  -2.264  -7.604  1.00 34.10 ? 21   SER A CB  1 
ATOM   167  O OG  . SER A 1 22  ? 9.554   -2.336  -8.607  1.00 37.20 ? 21   SER A OG  1 
ATOM   168  N N   . ALA A 1 23  ? 12.595  -3.645  -5.701  1.00 34.59 ? 22   ALA A N   1 
ATOM   169  C CA  . ALA A 1 23  ? 13.676  -3.623  -4.693  1.00 34.80 ? 22   ALA A CA  1 
ATOM   170  C C   . ALA A 1 23  ? 13.788  -2.260  -3.993  1.00 34.99 ? 22   ALA A C   1 
ATOM   171  O O   . ALA A 1 23  ? 13.611  -1.204  -4.598  1.00 34.63 ? 22   ALA A O   1 
ATOM   172  C CB  . ALA A 1 23  ? 15.036  -4.021  -5.316  1.00 35.06 ? 22   ALA A CB  1 
ATOM   173  N N   . LEU A 1 24  ? 14.079  -2.313  -2.708  1.00 35.11 ? 23   LEU A N   1 
ATOM   174  C CA  . LEU A 1 24  ? 14.393  -1.134  -1.951  1.00 35.54 ? 23   LEU A CA  1 
ATOM   175  C C   . LEU A 1 24  ? 15.804  -0.672  -2.265  1.00 36.21 ? 23   LEU A C   1 
ATOM   176  O O   . LEU A 1 24  ? 16.717  -1.496  -2.419  1.00 35.56 ? 23   LEU A O   1 
ATOM   177  C CB  . LEU A 1 24  ? 14.252  -1.427  -0.448  1.00 35.45 ? 23   LEU A CB  1 
ATOM   178  C CG  . LEU A 1 24  ? 12.822  -1.318  0.122   1.00 36.02 ? 23   LEU A CG  1 
ATOM   179  C CD1 . LEU A 1 24  ? 11.827  -2.269  -0.567  1.00 35.65 ? 23   LEU A CD1 1 
ATOM   180  C CD2 . LEU A 1 24  ? 12.849  -1.556  1.606   1.00 35.97 ? 23   LEU A CD2 1 
ATOM   181  N N   . ASP A 1 25  ? 15.984  0.644   -2.372  1.00 36.61 ? 24   ASP A N   1 
ATOM   182  C CA  . ASP A 1 25  ? 17.331  1.192   -2.359  1.00 36.94 ? 24   ASP A CA  1 
ATOM   183  C C   . ASP A 1 25  ? 17.868  1.190   -0.918  1.00 36.93 ? 24   ASP A C   1 
ATOM   184  O O   . ASP A 1 25  ? 17.152  0.779   -0.001  1.00 36.82 ? 24   ASP A O   1 
ATOM   185  C CB  . ASP A 1 25  ? 17.385  2.551   -3.067  1.00 36.92 ? 24   ASP A CB  1 
ATOM   186  C CG  . ASP A 1 25  ? 16.759  3.670   -2.273  1.00 37.71 ? 24   ASP A CG  1 
ATOM   187  O OD1 . ASP A 1 25  ? 16.520  3.511   -1.059  1.00 38.74 ? 24   ASP A OD1 1 
ATOM   188  O OD2 . ASP A 1 25  ? 16.507  4.737   -2.885  1.00 37.55 ? 24   ASP A OD2 1 
ATOM   189  N N   . VAL A 1 26  ? 19.112  1.638   -0.709  1.00 37.35 ? 25   VAL A N   1 
ATOM   190  C CA  . VAL A 1 26  ? 19.775  1.502   0.612   1.00 36.83 ? 25   VAL A CA  1 
ATOM   191  C C   . VAL A 1 26  ? 19.257  2.546   1.621   1.00 36.29 ? 25   VAL A C   1 
ATOM   192  O O   . VAL A 1 26  ? 19.255  2.313   2.836   1.00 36.13 ? 25   VAL A O   1 
ATOM   193  C CB  . VAL A 1 26  ? 21.360  1.414   0.489   1.00 37.49 ? 25   VAL A CB  1 
ATOM   194  C CG1 . VAL A 1 26  ? 21.847  1.853   -0.900  1.00 39.63 ? 25   VAL A CG1 1 
ATOM   195  C CG2 . VAL A 1 26  ? 22.096  2.168   1.602   1.00 37.77 ? 25   VAL A CG2 1 
ATOM   196  N N   . ALA A 1 27  ? 18.787  3.678   1.103   1.00 34.98 ? 26   ALA A N   1 
ATOM   197  C CA  . ALA A 1 27  ? 18.008  4.635   1.887   1.00 34.50 ? 26   ALA A CA  1 
ATOM   198  C C   . ALA A 1 27  ? 16.643  4.081   2.393   1.00 34.30 ? 26   ALA A C   1 
ATOM   199  O O   . ALA A 1 27  ? 16.038  4.655   3.297   1.00 34.40 ? 26   ALA A O   1 
ATOM   200  C CB  . ALA A 1 27  ? 17.810  5.917   1.101   1.00 34.21 ? 26   ALA A CB  1 
ATOM   201  N N   . GLY A 1 28  ? 16.178  2.967   1.818   1.00 33.38 ? 27   GLY A N   1 
ATOM   202  C CA  . GLY A 1 28  ? 14.964  2.308   2.287   1.00 31.46 ? 27   GLY A CA  1 
ATOM   203  C C   . GLY A 1 28  ? 13.752  2.753   1.497   1.00 30.83 ? 27   GLY A C   1 
ATOM   204  O O   . GLY A 1 28  ? 12.614  2.348   1.793   1.00 30.22 ? 27   GLY A O   1 
ATOM   205  N N   . THR A 1 29  ? 13.982  3.584   0.485   1.00 29.28 ? 28   THR A N   1 
ATOM   206  C CA  . THR A 1 29  ? 12.881  4.020   -0.338  1.00 30.09 ? 28   THR A CA  1 
ATOM   207  C C   . THR A 1 29  ? 12.605  2.937   -1.385  1.00 28.41 ? 28   THR A C   1 
ATOM   208  O O   . THR A 1 29  ? 13.506  2.231   -1.837  1.00 28.36 ? 28   THR A O   1 
ATOM   209  C CB  . THR A 1 29  ? 13.128  5.400   -0.977  1.00 29.82 ? 28   THR A CB  1 
ATOM   210  O OG1 . THR A 1 29  ? 14.294  5.328   -1.768  1.00 33.79 ? 28   THR A OG1 1 
ATOM   211  C CG2 . THR A 1 29  ? 13.375  6.478   0.090   1.00 31.96 ? 28   THR A CG2 1 
ATOM   212  N N   . PHE A 1 30  ? 11.351  2.795   -1.759  1.00 27.66 ? 29   PHE A N   1 
ATOM   213  C CA  . PHE A 1 30  ? 10.984  1.837   -2.784  1.00 25.78 ? 29   PHE A CA  1 
ATOM   214  C C   . PHE A 1 30  ? 9.923   2.404   -3.681  1.00 25.99 ? 29   PHE A C   1 
ATOM   215  O O   . PHE A 1 30  ? 9.274   3.388   -3.346  1.00 25.56 ? 29   PHE A O   1 
ATOM   216  C CB  . PHE A 1 30  ? 10.495  0.531   -2.148  1.00 25.55 ? 29   PHE A CB  1 
ATOM   217  C CG  . PHE A 1 30  ? 9.356   0.703   -1.163  1.00 24.89 ? 29   PHE A CG  1 
ATOM   218  C CD1 . PHE A 1 30  ? 8.040   0.682   -1.582  1.00 23.93 ? 29   PHE A CD1 1 
ATOM   219  C CD2 . PHE A 1 30  ? 9.610   0.839   0.190   1.00 25.15 ? 29   PHE A CD2 1 
ATOM   220  C CE1 . PHE A 1 30  ? 6.984   0.814   -0.659  1.00 23.54 ? 29   PHE A CE1 1 
ATOM   221  C CE2 . PHE A 1 30  ? 8.574   0.978   1.098   1.00 26.51 ? 29   PHE A CE2 1 
ATOM   222  C CZ  . PHE A 1 30  ? 7.261   0.968   0.671   1.00 23.98 ? 29   PHE A CZ  1 
ATOM   223  N N   . SER A 1 31  ? 9.733   1.769   -4.830  1.00 25.09 ? 30   SER A N   1 
ATOM   224  C CA  . SER A 1 31  ? 8.653   2.153   -5.709  1.00 26.29 ? 30   SER A CA  1 
ATOM   225  C C   . SER A 1 31  ? 7.951   0.873   -6.149  1.00 24.41 ? 30   SER A C   1 
ATOM   226  O O   . SER A 1 31  ? 8.281   -0.197  -5.687  1.00 24.51 ? 30   SER A O   1 
ATOM   227  C CB  . SER A 1 31  ? 9.158   3.018   -6.875  1.00 26.56 ? 30   SER A CB  1 
ATOM   228  O OG  . SER A 1 31  ? 10.019  2.272   -7.700  1.00 31.55 ? 30   SER A OG  1 
ATOM   229  N N   . GLY A 1 32  ? 6.948   0.977   -6.993  1.00 24.20 ? 31   GLY A N   1 
ATOM   230  C CA  . GLY A 1 32  ? 6.235   -0.214  -7.396  1.00 22.25 ? 31   GLY A CA  1 
ATOM   231  C C   . GLY A 1 32  ? 4.934   0.194   -8.012  1.00 22.49 ? 31   GLY A C   1 
ATOM   232  O O   . GLY A 1 32  ? 4.782   1.314   -8.482  1.00 21.18 ? 31   GLY A O   1 
ATOM   233  N N   . SER A 1 33  ? 3.986   -0.727  -8.007  1.00 21.90 ? 32   SER A N   1 
ATOM   234  C CA  . SER A 1 33  ? 2.711   -0.414  -8.580  1.00 22.38 ? 32   SER A CA  1 
ATOM   235  C C   . SER A 1 33  ? 1.631   -1.170  -7.859  1.00 21.73 ? 32   SER A C   1 
ATOM   236  O O   . SER A 1 33  ? 1.871   -2.191  -7.197  1.00 21.80 ? 32   SER A O   1 
ATOM   237  C CB  . SER A 1 33  ? 2.698   -0.733  -10.089 1.00 22.70 ? 32   SER A CB  1 
ATOM   238  O OG  . SER A 1 33  ? 2.898   -2.115  -10.271 1.00 23.46 ? 32   SER A OG  1 
ATOM   239  N N   . TYR A 1 34  ? 0.434   -0.664  -8.032  1.00 21.61 ? 33   TYR A N   1 
ATOM   240  C CA  . TYR A 1 34  ? -0.712  -1.135  -7.312  1.00 22.31 ? 33   TYR A CA  1 
ATOM   241  C C   . TYR A 1 34  ? -1.834  -1.329  -8.302  1.00 22.69 ? 33   TYR A C   1 
ATOM   242  O O   . TYR A 1 34  ? -2.188  -0.402  -9.039  1.00 22.51 ? 33   TYR A O   1 
ATOM   243  C CB  . TYR A 1 34  ? -1.148  -0.071  -6.291  1.00 21.28 ? 33   TYR A CB  1 
ATOM   244  C CG  . TYR A 1 34  ? -1.915  -0.619  -5.125  1.00 21.63 ? 33   TYR A CG  1 
ATOM   245  C CD1 . TYR A 1 34  ? -1.255  -0.960  -3.935  1.00 24.49 ? 33   TYR A CD1 1 
ATOM   246  C CD2 . TYR A 1 34  ? -3.295  -0.796  -5.188  1.00 21.11 ? 33   TYR A CD2 1 
ATOM   247  C CE1 . TYR A 1 34  ? -1.976  -1.476  -2.838  1.00 23.67 ? 33   TYR A CE1 1 
ATOM   248  C CE2 . TYR A 1 34  ? -4.012  -1.305  -4.099  1.00 19.42 ? 33   TYR A CE2 1 
ATOM   249  C CZ  . TYR A 1 34  ? -3.349  -1.650  -2.953  1.00 21.76 ? 33   TYR A CZ  1 
ATOM   250  O OH  . TYR A 1 34  ? -4.059  -2.148  -1.904  1.00 19.44 ? 33   TYR A OH  1 
ATOM   251  N N   . GLN A 1 35  ? -2.427  -2.510  -8.270  1.00 24.22 ? 34   GLN A N   1 
ATOM   252  C CA  . GLN A 1 35  ? -3.646  -2.789  -9.052  1.00 25.13 ? 34   GLN A CA  1 
ATOM   253  C C   . GLN A 1 35  ? -4.845  -3.026  -8.115  1.00 24.82 ? 34   GLN A C   1 
ATOM   254  O O   . GLN A 1 35  ? -5.001  -4.111  -7.562  1.00 26.12 ? 34   GLN A O   1 
ATOM   255  C CB  . GLN A 1 35  ? -3.418  -4.028  -9.899  1.00 26.04 ? 34   GLN A CB  1 
ATOM   256  C CG  . GLN A 1 35  ? -4.622  -4.422  -10.760 1.00 27.31 ? 34   GLN A CG  1 
ATOM   257  C CD  . GLN A 1 35  ? -4.781  -3.496  -11.930 1.00 32.48 ? 34   GLN A CD  1 
ATOM   258  O OE1 . GLN A 1 35  ? -3.794  -3.070  -12.533 1.00 38.03 ? 34   GLN A OE1 1 
ATOM   259  N NE2 . GLN A 1 35  ? -6.017  -3.162  -12.256 1.00 34.66 ? 34   GLN A NE2 1 
ATOM   260  N N   . THR A 1 36  ? -5.671  -2.016  -7.907  1.00 24.53 ? 35   THR A N   1 
ATOM   261  C CA  . THR A 1 36  ? -6.771  -2.157  -6.965  1.00 25.09 ? 35   THR A CA  1 
ATOM   262  C C   . THR A 1 36  ? -7.876  -2.936  -7.635  1.00 25.39 ? 35   THR A C   1 
ATOM   263  O O   . THR A 1 36  ? -8.121  -2.754  -8.816  1.00 26.64 ? 35   THR A O   1 
ATOM   264  C CB  . THR A 1 36  ? -7.307  -0.815  -6.439  1.00 24.44 ? 35   THR A CB  1 
ATOM   265  O OG1 . THR A 1 36  ? -8.439  -1.055  -5.605  1.00 26.38 ? 35   THR A OG1 1 
ATOM   266  C CG2 . THR A 1 36  ? -7.748  0.087   -7.568  1.00 23.04 ? 35   THR A CG2 1 
ATOM   267  N N   . ALA A 1 37  ? -8.565  -3.758  -6.862  1.00 25.92 ? 36   ALA A N   1 
ATOM   268  C CA  . ALA A 1 37  ? -9.711  -4.499  -7.365  1.00 25.90 ? 36   ALA A CA  1 
ATOM   269  C C   . ALA A 1 37  ? -10.958 -3.659  -7.279  1.00 26.11 ? 36   ALA A C   1 
ATOM   270  O O   . ALA A 1 37  ? -11.951 -3.986  -7.908  1.00 26.10 ? 36   ALA A O   1 
ATOM   271  C CB  . ALA A 1 37  ? -9.901  -5.802  -6.588  1.00 25.71 ? 36   ALA A CB  1 
ATOM   272  N N   . VAL A 1 38  ? -10.893 -2.551  -6.527  1.00 25.67 ? 37   VAL A N   1 
ATOM   273  C CA  . VAL A 1 38  ? -12.087 -1.768  -6.211  1.00 25.22 ? 37   VAL A CA  1 
ATOM   274  C C   . VAL A 1 38  ? -11.829 -0.268  -6.419  1.00 25.20 ? 37   VAL A C   1 
ATOM   275  O O   . VAL A 1 38  ? -10.701 0.224   -6.324  1.00 24.67 ? 37   VAL A O   1 
ATOM   276  C CB  . VAL A 1 38  ? -12.595 -2.065  -4.743  1.00 25.60 ? 37   VAL A CB  1 
ATOM   277  C CG1 . VAL A 1 38  ? -13.092 -3.543  -4.575  1.00 24.63 ? 37   VAL A CG1 1 
ATOM   278  C CG2 . VAL A 1 38  ? -11.508 -1.775  -3.742  1.00 23.75 ? 37   VAL A CG2 1 
ATOM   279  N N   . THR A 1 39  ? -12.885 0.476   -6.672  1.00 26.42 ? 38   THR A N   1 
ATOM   280  C CA  . THR A 1 39  ? -12.726 1.901   -6.774  1.00 27.12 ? 38   THR A CA  1 
ATOM   281  C C   . THR A 1 39  ? -13.990 2.559   -6.269  1.00 29.19 ? 38   THR A C   1 
ATOM   282  O O   . THR A 1 39  ? -15.036 1.931   -6.272  1.00 29.71 ? 38   THR A O   1 
ATOM   283  C CB  . THR A 1 39  ? -12.384 2.323   -8.205  1.00 26.82 ? 38   THR A CB  1 
ATOM   284  O OG1 . THR A 1 39  ? -12.308 3.752   -8.270  1.00 25.24 ? 38   THR A OG1 1 
ATOM   285  C CG2 . THR A 1 39  ? -13.439 1.822   -9.198  1.00 26.28 ? 38   THR A CG2 1 
ATOM   286  N N   . ALA A 1 40  ? -13.886 3.801   -5.808  1.00 31.17 ? 39   ALA A N   1 
ATOM   287  C CA  . ALA A 1 40  ? -15.062 4.578   -5.388  1.00 33.34 ? 39   ALA A CA  1 
ATOM   288  C C   . ALA A 1 40  ? -15.521 5.493   -6.505  1.00 34.96 ? 39   ALA A C   1 
ATOM   289  O O   . ALA A 1 40  ? -16.487 6.244   -6.346  1.00 35.64 ? 39   ALA A O   1 
ATOM   290  C CB  . ALA A 1 40  ? -14.755 5.388   -4.145  1.00 32.74 ? 39   ALA A CB  1 
ATOM   291  N N   . THR A 1 41  ? -14.829 5.437   -7.637  1.00 36.71 ? 40   THR A N   1 
ATOM   292  C CA  . THR A 1 41  ? -15.223 6.205   -8.807  1.00 38.67 ? 40   THR A CA  1 
ATOM   293  C C   . THR A 1 41  ? -15.942 5.284   -9.765  1.00 40.05 ? 40   THR A C   1 
ATOM   294  O O   . THR A 1 41  ? -16.057 4.075   -9.513  1.00 40.64 ? 40   THR A O   1 
ATOM   295  C CB  . THR A 1 41  ? -14.018 6.794   -9.542  1.00 38.59 ? 40   THR A CB  1 
ATOM   296  O OG1 . THR A 1 41  ? -13.239 5.722   -10.082 1.00 39.59 ? 40   THR A OG1 1 
ATOM   297  C CG2 . THR A 1 41  ? -13.156 7.639   -8.609  1.00 38.89 ? 40   THR A CG2 1 
ATOM   298  N N   . ASN A 1 42  ? -16.444 5.875   -10.848 1.00 41.36 ? 41   ASN A N   1 
ATOM   299  C CA  . ASN A 1 42  ? -17.066 5.157   -11.967 1.00 42.70 ? 41   ASN A CA  1 
ATOM   300  C C   . ASN A 1 42  ? -16.075 5.082   -13.139 1.00 42.59 ? 41   ASN A C   1 
ATOM   301  O O   . ASN A 1 42  ? -16.465 5.034   -14.305 1.00 42.90 ? 41   ASN A O   1 
ATOM   302  C CB  . ASN A 1 42  ? -18.359 5.878   -12.402 1.00 43.18 ? 41   ASN A CB  1 
ATOM   303  C CG  . ASN A 1 42  ? -18.162 7.402   -12.591 1.00 46.44 ? 41   ASN A CG  1 
ATOM   304  O OD1 . ASN A 1 42  ? -17.028 7.928   -12.536 1.00 47.99 ? 41   ASN A OD1 1 
ATOM   305  N ND2 . ASN A 1 42  ? -19.278 8.121   -12.812 1.00 50.13 ? 41   ASN A ND2 1 
ATOM   306  N N   . LYS A 1 43  ? -14.787 5.110   -12.823 1.00 42.19 ? 42   LYS A N   1 
ATOM   307  C CA  . LYS A 1 43  ? -13.771 5.069   -13.853 1.00 41.51 ? 42   LYS A CA  1 
ATOM   308  C C   . LYS A 1 43  ? -13.181 3.691   -13.923 1.00 40.76 ? 42   LYS A C   1 
ATOM   309  O O   . LYS A 1 43  ? -13.208 2.946   -12.947 1.00 40.55 ? 42   LYS A O   1 
ATOM   310  C CB  . LYS A 1 43  ? -12.679 6.097   -13.583 1.00 42.12 ? 42   LYS A CB  1 
ATOM   311  C CG  . LYS A 1 43  ? -13.074 7.480   -13.988 1.00 41.54 ? 42   LYS A CG  1 
ATOM   312  C CD  . LYS A 1 43  ? -12.892 8.458   -12.839 1.00 45.27 ? 42   LYS A CD  1 
ATOM   313  C CE  . LYS A 1 43  ? -13.023 9.908   -13.329 1.00 47.28 ? 42   LYS A CE  1 
ATOM   314  N NZ  . LYS A 1 43  ? -14.214 10.066  -14.225 1.00 46.03 ? 42   LYS A NZ  1 
ATOM   315  N N   . GLN A 1 44  ? -12.691 3.359   -15.113 1.00 39.90 ? 43   GLN A N   1 
ATOM   316  C CA  . GLN A 1 44  ? -11.933 2.151   -15.377 1.00 38.53 ? 43   GLN A CA  1 
ATOM   317  C C   . GLN A 1 44  ? -10.682 2.169   -14.490 1.00 36.76 ? 43   GLN A C   1 
ATOM   318  O O   . GLN A 1 44  ? -9.934  3.141   -14.489 1.00 36.66 ? 43   GLN A O   1 
ATOM   319  C CB  . GLN A 1 44  ? -11.566 2.122   -16.874 1.00 38.88 ? 43   GLN A CB  1 
ATOM   320  C CG  . GLN A 1 44  ? -10.818 0.883   -17.364 1.00 40.04 ? 43   GLN A CG  1 
ATOM   321  C CD  . GLN A 1 44  ? -11.537 -0.410  -17.040 1.00 42.93 ? 43   GLN A CD  1 
ATOM   322  O OE1 . GLN A 1 44  ? -12.732 -0.572  -17.335 1.00 44.86 ? 43   GLN A OE1 1 
ATOM   323  N NE2 . GLN A 1 44  ? -10.815 -1.348  -16.424 1.00 44.96 ? 43   GLN A NE2 1 
ATOM   324  N N   . ILE A 1 45  ? -10.485 1.103   -13.725 1.00 35.18 ? 44   ILE A N   1 
ATOM   325  C CA  . ILE A 1 45  ? -9.261  0.916   -12.940 1.00 34.59 ? 44   ILE A CA  1 
ATOM   326  C C   . ILE A 1 45  ? -8.012  0.706   -13.829 1.00 34.24 ? 44   ILE A C   1 
ATOM   327  O O   . ILE A 1 45  ? -8.052  -0.089  -14.761 1.00 34.80 ? 44   ILE A O   1 
ATOM   328  C CB  . ILE A 1 45  ? -9.394  -0.269  -11.987 1.00 33.77 ? 44   ILE A CB  1 
ATOM   329  C CG1 . ILE A 1 45  ? -10.449 0.043   -10.905 1.00 34.34 ? 44   ILE A CG1 1 
ATOM   330  C CG2 . ILE A 1 45  ? -8.040  -0.566  -11.333 1.00 34.16 ? 44   ILE A CG2 1 
ATOM   331  C CD1 . ILE A 1 45  ? -11.051 -1.158  -10.251 1.00 33.04 ? 44   ILE A CD1 1 
ATOM   332  N N   . LEU A 1 46  ? -6.928  1.414   -13.520 1.00 33.31 ? 45   LEU A N   1 
ATOM   333  C CA  . LEU A 1 46  ? -5.633  1.261   -14.194 1.00 32.88 ? 45   LEU A CA  1 
ATOM   334  C C   . LEU A 1 46  ? -4.532  1.065   -13.168 1.00 31.61 ? 45   LEU A C   1 
ATOM   335  O O   . LEU A 1 46  ? -4.576  1.718   -12.104 1.00 31.24 ? 45   LEU A O   1 
ATOM   336  C CB  . LEU A 1 46  ? -5.285  2.529   -14.983 1.00 33.87 ? 45   LEU A CB  1 
ATOM   337  C CG  . LEU A 1 46  ? -6.139  2.946   -16.189 1.00 36.08 ? 45   LEU A CG  1 
ATOM   338  C CD1 . LEU A 1 46  ? -5.275  3.779   -17.114 1.00 38.96 ? 45   LEU A CD1 1 
ATOM   339  C CD2 . LEU A 1 46  ? -6.702  1.733   -16.971 1.00 38.74 ? 45   LEU A CD2 1 
ATOM   340  N N   . VAL A 1 47  ? -3.561  0.184   -13.474 1.00 29.47 ? 46   VAL A N   1 
ATOM   341  C CA  . VAL A 1 47  ? -2.342  0.048   -12.659 1.00 27.51 ? 46   VAL A CA  1 
ATOM   342  C C   . VAL A 1 47  ? -1.726  1.439   -12.410 1.00 26.16 ? 46   VAL A C   1 
ATOM   343  O O   . VAL A 1 47  ? -1.717  2.312   -13.300 1.00 24.48 ? 46   VAL A O   1 
ATOM   344  C CB  . VAL A 1 47  ? -1.273  -0.907  -13.296 1.00 28.15 ? 46   VAL A CB  1 
ATOM   345  C CG1 . VAL A 1 47  ? -0.851  -0.440  -14.724 1.00 28.60 ? 46   VAL A CG1 1 
ATOM   346  C CG2 . VAL A 1 47  ? -0.065  -1.049  -12.385 1.00 26.32 ? 46   VAL A CG2 1 
ATOM   347  N N   . SER A 1 48  ? -1.252  1.635   -11.183 1.00 24.24 ? 47   SER A N   1 
ATOM   348  C CA  . SER A 1 48  ? -0.843  2.940   -10.694 1.00 22.30 ? 47   SER A CA  1 
ATOM   349  C C   . SER A 1 48  ? 0.481   2.868   -9.977  1.00 21.65 ? 47   SER A C   1 
ATOM   350  O O   . SER A 1 48  ? 0.716   1.919   -9.234  1.00 21.90 ? 47   SER A O   1 
ATOM   351  C CB  . SER A 1 48  ? -1.915  3.478   -9.756  1.00 22.74 ? 47   SER A CB  1 
ATOM   352  O OG  . SER A 1 48  ? -3.047  3.873   -10.500 1.00 20.29 ? 47   SER A OG  1 
ATOM   353  N N   . PRO A 1 49  ? 1.360   3.874   -10.194 1.00 20.86 ? 48   PRO A N   1 
ATOM   354  C CA  . PRO A 1 49  ? 2.654   3.855   -9.535  1.00 21.36 ? 48   PRO A CA  1 
ATOM   355  C C   . PRO A 1 49  ? 2.505   4.073   -8.029  1.00 21.50 ? 48   PRO A C   1 
ATOM   356  O O   . PRO A 1 49  ? 1.581   4.751   -7.611  1.00 21.86 ? 48   PRO A O   1 
ATOM   357  C CB  . PRO A 1 49  ? 3.391   5.042   -10.178 1.00 20.69 ? 48   PRO A CB  1 
ATOM   358  C CG  . PRO A 1 49  ? 2.337   5.928   -10.652 1.00 20.74 ? 48   PRO A CG  1 
ATOM   359  C CD  . PRO A 1 49  ? 1.175   5.087   -11.020 1.00 20.10 ? 48   PRO A CD  1 
ATOM   360  N N   . LEU A 1 50  ? 3.384   3.481   -7.224  1.00 21.79 ? 49   LEU A N   1 
ATOM   361  C CA  . LEU A 1 50  ? 3.509   3.871   -5.829  1.00 22.15 ? 49   LEU A CA  1 
ATOM   362  C C   . LEU A 1 50  ? 4.962   4.242   -5.485  1.00 23.20 ? 49   LEU A C   1 
ATOM   363  O O   . LEU A 1 50  ? 5.916   3.786   -6.127  1.00 22.67 ? 49   LEU A O   1 
ATOM   364  C CB  . LEU A 1 50  ? 2.988   2.766   -4.876  1.00 22.94 ? 49   LEU A CB  1 
ATOM   365  C CG  . LEU A 1 50  ? 3.795   1.454   -4.787  1.00 21.34 ? 49   LEU A CG  1 
ATOM   366  C CD1 . LEU A 1 50  ? 4.935   1.511   -3.796  1.00 21.28 ? 49   LEU A CD1 1 
ATOM   367  C CD2 . LEU A 1 50  ? 2.886   0.292   -4.473  1.00 21.00 ? 49   LEU A CD2 1 
ATOM   368  N N   . LYS A 1 51  ? 5.094   5.056   -4.437  1.00 22.93 ? 50   LYS A N   1 
ATOM   369  C CA  . LYS A 1 51  ? 6.358   5.561   -3.927  1.00 23.78 ? 50   LYS A CA  1 
ATOM   370  C C   . LYS A 1 51  ? 6.305   5.507   -2.402  1.00 22.61 ? 50   LYS A C   1 
ATOM   371  O O   . LYS A 1 51  ? 5.417   6.110   -1.785  1.00 21.45 ? 50   LYS A O   1 
ATOM   372  C CB  . LYS A 1 51  ? 6.509   7.028   -4.345  1.00 24.53 ? 50   LYS A CB  1 
ATOM   373  C CG  . LYS A 1 51  ? 7.843   7.639   -4.037  1.00 28.85 ? 50   LYS A CG  1 
ATOM   374  C CD  . LYS A 1 51  ? 8.947   6.851   -4.738  1.00 38.71 ? 50   LYS A CD  1 
ATOM   375  C CE  . LYS A 1 51  ? 9.968   7.771   -5.374  1.00 40.50 ? 50   LYS A CE  1 
ATOM   376  N NZ  . LYS A 1 51  ? 11.311  7.101   -5.457  1.00 45.91 ? 50   LYS A NZ  1 
ATOM   377  N N   . GLY A 1 52  ? 7.256   4.819   -1.794  1.00 22.55 ? 51   GLY A N   1 
ATOM   378  C CA  . GLY A 1 52  ? 7.273   4.698   -0.351  1.00 23.18 ? 51   GLY A CA  1 
ATOM   379  C C   . GLY A 1 52  ? 8.645   4.616   0.234   1.00 23.52 ? 51   GLY A C   1 
ATOM   380  O O   . GLY A 1 52  ? 9.640   4.663   -0.486  1.00 24.15 ? 51   GLY A O   1 
ATOM   381  N N   . ALA A 1 53  ? 8.691   4.464   1.552   1.00 23.93 ? 52   ALA A N   1 
ATOM   382  C CA  . ALA A 1 53  ? 9.943   4.277   2.275   1.00 24.16 ? 52   ALA A CA  1 
ATOM   383  C C   . ALA A 1 53  ? 9.671   3.348   3.419   1.00 25.23 ? 52   ALA A C   1 
ATOM   384  O O   . ALA A 1 53  ? 8.595   3.405   4.018   1.00 25.00 ? 52   ALA A O   1 
ATOM   385  C CB  . ALA A 1 53  ? 10.500  5.606   2.824   1.00 23.61 ? 52   ALA A CB  1 
ATOM   386  N N   . GLN A 1 54  ? 10.661  2.507   3.726   1.00 26.21 ? 53   GLN A N   1 
ATOM   387  C CA  . GLN A 1 54  ? 10.653  1.683   4.908   1.00 27.33 ? 53   GLN A CA  1 
ATOM   388  C C   . GLN A 1 54  ? 11.704  2.142   5.923   1.00 29.61 ? 53   GLN A C   1 
ATOM   389  O O   . GLN A 1 54  ? 12.757  2.669   5.572   1.00 29.40 ? 53   GLN A O   1 
ATOM   390  C CB  . GLN A 1 54  ? 10.947  0.249   4.534   1.00 26.90 ? 53   GLN A CB  1 
ATOM   391  C CG  . GLN A 1 54  ? 10.829  -0.685  5.705   1.00 28.51 ? 53   GLN A CG  1 
ATOM   392  C CD  . GLN A 1 54  ? 10.897  -2.143  5.309   1.00 30.27 ? 53   GLN A CD  1 
ATOM   393  O OE1 . GLN A 1 54  ? 11.624  -2.523  4.386   1.00 27.48 ? 53   GLN A OE1 1 
ATOM   394  N NE2 . GLN A 1 54  ? 10.141  -2.966  6.009   1.00 30.08 ? 53   GLN A NE2 1 
ATOM   395  N N   . GLN A 1 55  ? 11.425  1.888   7.188   1.00 32.54 ? 54   GLN A N   1 
ATOM   396  C CA  . GLN A 1 55  ? 12.386  2.130   8.260   1.00 35.34 ? 54   GLN A CA  1 
ATOM   397  C C   . GLN A 1 55  ? 13.514  1.085   8.240   1.00 37.82 ? 54   GLN A C   1 
ATOM   398  O O   . GLN A 1 55  ? 13.318  -0.009  7.731   1.00 37.49 ? 54   GLN A O   1 
ATOM   399  C CB  . GLN A 1 55  ? 11.640  2.098   9.587   1.00 35.61 ? 54   GLN A CB  1 
ATOM   400  C CG  . GLN A 1 55  ? 10.795  3.331   9.832   1.00 34.64 ? 54   GLN A CG  1 
ATOM   401  C CD  . GLN A 1 55  ? 11.658  4.486   10.302  1.00 36.10 ? 54   GLN A CD  1 
ATOM   402  O OE1 . GLN A 1 55  ? 12.893  4.413   10.241  1.00 38.08 ? 54   GLN A OE1 1 
ATOM   403  N NE2 . GLN A 1 55  ? 11.034  5.541   10.779  1.00 31.34 ? 54   GLN A NE2 1 
ATOM   404  N N   . PRO A 1 56  ? 14.722  1.430   8.745   1.00 40.67 ? 55   PRO A N   1 
ATOM   405  C CA  . PRO A 1 56  ? 15.767  0.396   8.768   1.00 42.67 ? 55   PRO A CA  1 
ATOM   406  C C   . PRO A 1 56  ? 15.500  -0.744  9.762   1.00 44.90 ? 55   PRO A C   1 
ATOM   407  O O   . PRO A 1 56  ? 14.999  -0.494  10.872  1.00 45.29 ? 55   PRO A O   1 
ATOM   408  C CB  . PRO A 1 56  ? 17.026  1.171   9.168   1.00 42.81 ? 55   PRO A CB  1 
ATOM   409  C CG  . PRO A 1 56  ? 16.523  2.374   9.898   1.00 42.22 ? 55   PRO A CG  1 
ATOM   410  C CD  . PRO A 1 56  ? 15.232  2.734   9.220   1.00 40.74 ? 55   PRO A CD  1 
ATOM   411  N N   . PRO A 1 57  ? 15.813  -1.995  9.356   1.00 46.35 ? 56   PRO A N   1 
ATOM   412  C CA  . PRO A 1 57  ? 15.729  -3.136  10.284  1.00 47.07 ? 56   PRO A CA  1 
ATOM   413  C C   . PRO A 1 57  ? 16.899  -3.134  11.270  1.00 47.60 ? 56   PRO A C   1 
ATOM   414  O O   . PRO A 1 57  ? 16.907  -2.333  12.215  1.00 47.97 ? 56   PRO A O   1 
ATOM   415  C CB  . PRO A 1 57  ? 15.783  -4.361  9.356   1.00 47.16 ? 56   PRO A CB  1 
ATOM   416  C CG  . PRO A 1 57  ? 16.546  -3.893  8.155   1.00 47.23 ? 56   PRO A CG  1 
ATOM   417  C CD  . PRO A 1 57  ? 16.236  -2.408  8.001   1.00 46.63 ? 56   PRO A CD  1 
ATOM   418  N N   . LYS A 1 60  ? 16.080  -7.210  16.751  1.00 55.06 ? 59   LYS A N   1 
ATOM   419  C CA  . LYS A 1 60  ? 15.017  -7.134  17.764  1.00 54.81 ? 59   LYS A CA  1 
ATOM   420  C C   . LYS A 1 60  ? 13.886  -8.150  17.516  1.00 53.77 ? 59   LYS A C   1 
ATOM   421  O O   . LYS A 1 60  ? 13.043  -8.387  18.400  1.00 53.56 ? 59   LYS A O   1 
ATOM   422  C CB  . LYS A 1 60  ? 14.466  -5.697  17.893  1.00 54.69 ? 59   LYS A CB  1 
ATOM   423  C CG  . LYS A 1 60  ? 14.162  -4.990  16.565  1.00 55.29 ? 59   LYS A CG  1 
ATOM   424  C CD  . LYS A 1 60  ? 13.981  -3.494  16.788  1.00 56.04 ? 59   LYS A CD  1 
ATOM   425  C CE  . LYS A 1 60  ? 14.063  -2.703  15.471  1.00 58.64 ? 59   LYS A CE  1 
ATOM   426  N NZ  . LYS A 1 60  ? 14.095  -1.207  15.706  1.00 59.35 ? 59   LYS A NZ  1 
ATOM   427  N N   . GLY A 1 61  ? 13.899  -8.759  16.323  1.00 52.74 ? 60   GLY A N   1 
ATOM   428  C CA  . GLY A 1 61  ? 12.863  -9.709  15.900  1.00 51.12 ? 60   GLY A CA  1 
ATOM   429  C C   . GLY A 1 61  ? 11.666  -9.075  15.188  1.00 49.90 ? 60   GLY A C   1 
ATOM   430  O O   . GLY A 1 61  ? 10.761  -9.781  14.729  1.00 50.32 ? 60   GLY A O   1 
ATOM   431  N N   . GLN A 1 62  ? 11.648  -7.744  15.090  1.00 47.74 ? 61   GLN A N   1 
ATOM   432  C CA  . GLN A 1 62  ? 10.493  -7.040  14.525  1.00 45.30 ? 61   GLN A CA  1 
ATOM   433  C C   . GLN A 1 62  ? 10.797  -6.432  13.170  1.00 42.51 ? 61   GLN A C   1 
ATOM   434  O O   . GLN A 1 62  ? 11.825  -5.776  12.977  1.00 41.83 ? 61   GLN A O   1 
ATOM   435  C CB  . GLN A 1 62  ? 10.013  -5.930  15.460  1.00 45.40 ? 61   GLN A CB  1 
ATOM   436  C CG  . GLN A 1 62  ? 9.857   -6.336  16.913  1.00 46.21 ? 61   GLN A CG  1 
ATOM   437  C CD  . GLN A 1 62  ? 9.577   -5.145  17.824  1.00 46.71 ? 61   GLN A CD  1 
ATOM   438  O OE1 . GLN A 1 62  ? 9.756   -5.240  19.032  1.00 50.87 ? 61   GLN A OE1 1 
ATOM   439  N NE2 . GLN A 1 62  ? 9.119   -4.023  17.250  1.00 48.11 ? 61   GLN A NE2 1 
ATOM   440  N N   . GLN A 1 63  ? 9.880   -6.636  12.233  1.00 39.64 ? 62   GLN A N   1 
ATOM   441  C CA  . GLN A 1 63  ? 9.972   -5.963  10.954  1.00 36.44 ? 62   GLN A CA  1 
ATOM   442  C C   . GLN A 1 63  ? 9.785   -4.457  11.147  1.00 34.82 ? 62   GLN A C   1 
ATOM   443  O O   . GLN A 1 63  ? 9.014   -4.026  12.012  1.00 34.77 ? 62   GLN A O   1 
ATOM   444  C CB  . GLN A 1 63  ? 8.946   -6.538  9.977   1.00 37.10 ? 62   GLN A CB  1 
ATOM   445  C CG  . GLN A 1 63  ? 9.246   -8.002  9.594   1.00 36.46 ? 62   GLN A CG  1 
ATOM   446  C CD  . GLN A 1 63  ? 10.638  -8.173  9.022   1.00 37.34 ? 62   GLN A CD  1 
ATOM   447  O OE1 . GLN A 1 63  ? 11.007  -7.525  8.045   1.00 38.62 ? 62   GLN A OE1 1 
ATOM   448  N NE2 . GLN A 1 63  ? 11.414  -9.044  9.629   1.00 38.20 ? 62   GLN A NE2 1 
ATOM   449  N N   . PRO A 1 64  ? 10.509  -3.645  10.360  1.00 32.61 ? 63   PRO A N   1 
ATOM   450  C CA  . PRO A 1 64  ? 10.323  -2.201  10.427  1.00 30.77 ? 63   PRO A CA  1 
ATOM   451  C C   . PRO A 1 64  ? 9.007   -1.712  9.777   1.00 28.96 ? 63   PRO A C   1 
ATOM   452  O O   . PRO A 1 64  ? 8.469   -2.371  8.874   1.00 28.48 ? 63   PRO A O   1 
ATOM   453  C CB  . PRO A 1 64  ? 11.536  -1.659  9.682   1.00 30.50 ? 63   PRO A CB  1 
ATOM   454  C CG  . PRO A 1 64  ? 11.998  -2.754  8.827   1.00 32.13 ? 63   PRO A CG  1 
ATOM   455  C CD  . PRO A 1 64  ? 11.550  -4.039  9.400   1.00 32.33 ? 63   PRO A CD  1 
ATOM   456  N N   . THR A 1 65  ? 8.488   -0.589  10.273  1.00 26.95 ? 64   THR A N   1 
ATOM   457  C CA  . THR A 1 65  ? 7.277   0.021   9.708   1.00 24.58 ? 64   THR A CA  1 
ATOM   458  C C   . THR A 1 65  ? 7.597   0.592   8.335   1.00 23.47 ? 64   THR A C   1 
ATOM   459  O O   . THR A 1 65  ? 8.748   0.949   8.061   1.00 22.58 ? 64   THR A O   1 
ATOM   460  C CB  . THR A 1 65  ? 6.706   1.126   10.617  1.00 25.66 ? 64   THR A CB  1 
ATOM   461  O OG1 . THR A 1 65  ? 7.695   2.150   10.834  1.00 25.09 ? 64   THR A OG1 1 
ATOM   462  C CG2 . THR A 1 65  ? 6.239   0.559   11.970  1.00 22.28 ? 64   THR A CG2 1 
ATOM   463  N N   . PHE A 1 66  ? 6.608   0.639   7.446   1.00 21.63 ? 65   PHE A N   1 
ATOM   464  C CA  . PHE A 1 66  ? 6.789   1.333   6.173   1.00 19.97 ? 65   PHE A CA  1 
ATOM   465  C C   . PHE A 1 66  ? 5.542   2.102   5.777   1.00 18.94 ? 65   PHE A C   1 
ATOM   466  O O   . PHE A 1 66  ? 4.499   1.954   6.381   1.00 19.56 ? 65   PHE A O   1 
ATOM   467  C CB  . PHE A 1 66  ? 7.139   0.322   5.074   1.00 19.65 ? 65   PHE A CB  1 
ATOM   468  C CG  . PHE A 1 66  ? 6.110   -0.736  4.908   1.00 20.81 ? 65   PHE A CG  1 
ATOM   469  C CD1 . PHE A 1 66  ? 5.149   -0.639  3.911   1.00 22.97 ? 65   PHE A CD1 1 
ATOM   470  C CD2 . PHE A 1 66  ? 6.044   -1.815  5.792   1.00 16.79 ? 65   PHE A CD2 1 
ATOM   471  C CE1 . PHE A 1 66  ? 4.169   -1.650  3.776   1.00 21.78 ? 65   PHE A CE1 1 
ATOM   472  C CE2 . PHE A 1 66  ? 5.065   -2.809  5.657   1.00 20.30 ? 65   PHE A CE2 1 
ATOM   473  C CZ  . PHE A 1 66  ? 4.126   -2.715  4.648   1.00 20.51 ? 65   PHE A CZ  1 
ATOM   474  N N   . GLY A 1 67  ? 5.653   2.929   4.750   1.00 17.99 ? 66   GLY A N   1 
ATOM   475  C CA  . GLY A 1 67  ? 4.494   3.637   4.207   1.00 17.54 ? 66   GLY A CA  1 
ATOM   476  C C   . GLY A 1 67  ? 4.683   3.861   2.744   1.00 17.45 ? 66   GLY A C   1 
ATOM   477  O O   . GLY A 1 67  ? 5.798   3.865   2.276   1.00 18.39 ? 66   GLY A O   1 
ATOM   478  N N   . PHE A 1 68  ? 3.590   4.028   2.000   1.00 18.90 ? 67   PHE A N   1 
ATOM   479  C CA  . PHE A 1 68  ? 3.696   4.510   0.627   1.00 17.69 ? 67   PHE A CA  1 
ATOM   480  C C   . PHE A 1 68  ? 2.486   5.289   0.171   1.00 18.00 ? 67   PHE A C   1 
ATOM   481  O O   . PHE A 1 68  ? 1.429   5.223   0.782   1.00 17.54 ? 67   PHE A O   1 
ATOM   482  C CB  . PHE A 1 68  ? 3.958   3.354   -0.338  1.00 17.84 ? 67   PHE A CB  1 
ATOM   483  C CG  . PHE A 1 68  ? 2.919   2.255   -0.297  1.00 17.80 ? 67   PHE A CG  1 
ATOM   484  C CD1 . PHE A 1 68  ? 1.830   2.292   -1.145  1.00 16.28 ? 67   PHE A CD1 1 
ATOM   485  C CD2 . PHE A 1 68  ? 3.069   1.155   0.550   1.00 17.27 ? 67   PHE A CD2 1 
ATOM   486  C CE1 . PHE A 1 68  ? 0.877   1.301   -1.146  1.00 16.47 ? 67   PHE A CE1 1 
ATOM   487  C CE2 . PHE A 1 68  ? 2.111   0.122   0.535   1.00 17.31 ? 67   PHE A CE2 1 
ATOM   488  C CZ  . PHE A 1 68  ? 1.021   0.201   -0.285  1.00 17.63 ? 67   PHE A CZ  1 
ATOM   489  N N   . THR A 1 69  ? 2.666   5.985   -0.949  1.00 18.28 ? 68   THR A N   1 
ATOM   490  C CA  . THR A 1 69  ? 1.653   6.796   -1.581  1.00 18.06 ? 68   THR A CA  1 
ATOM   491  C C   . THR A 1 69  ? 1.360   6.139   -2.929  1.00 18.89 ? 68   THR A C   1 
ATOM   492  O O   . THR A 1 69  ? 2.276   5.755   -3.647  1.00 18.80 ? 68   THR A O   1 
ATOM   493  C CB  . THR A 1 69  ? 2.206   8.221   -1.820  1.00 18.43 ? 68   THR A CB  1 
ATOM   494  O OG1 . THR A 1 69  ? 2.648   8.783   -0.571  1.00 21.11 ? 68   THR A OG1 1 
ATOM   495  C CG2 . THR A 1 69  ? 1.164   9.122   -2.424  1.00 16.56 ? 68   THR A CG2 1 
ATOM   496  N N   . VAL A 1 70  ? 0.087   5.952   -3.245  1.00 18.83 ? 69   VAL A N   1 
ATOM   497  C CA  . VAL A 1 70  ? -0.301  5.476   -4.558  1.00 18.99 ? 69   VAL A CA  1 
ATOM   498  C C   . VAL A 1 70  ? -0.870  6.679   -5.325  1.00 20.87 ? 69   VAL A C   1 
ATOM   499  O O   . VAL A 1 70  ? -1.787  7.361   -4.858  1.00 20.76 ? 69   VAL A O   1 
ATOM   500  C CB  . VAL A 1 70  ? -1.386  4.369   -4.509  1.00 18.75 ? 69   VAL A CB  1 
ATOM   501  C CG1 . VAL A 1 70  ? -1.703  3.919   -5.926  1.00 16.56 ? 69   VAL A CG1 1 
ATOM   502  C CG2 . VAL A 1 70  ? -0.922  3.171   -3.639  1.00 16.38 ? 69   VAL A CG2 1 
ATOM   503  N N   . GLN A 1 71  ? -0.294  6.933   -6.488  1.00 22.33 ? 70   GLN A N   1 
ATOM   504  C CA  . GLN A 1 71  ? -0.760  7.973   -7.384  1.00 23.77 ? 70   GLN A CA  1 
ATOM   505  C C   . GLN A 1 71  ? -1.715  7.362   -8.376  1.00 23.72 ? 70   GLN A C   1 
ATOM   506  O O   . GLN A 1 71  ? -1.273  6.875   -9.411  1.00 23.90 ? 70   GLN A O   1 
ATOM   507  C CB  . GLN A 1 71  ? 0.455   8.483   -8.130  1.00 24.88 ? 70   GLN A CB  1 
ATOM   508  C CG  . GLN A 1 71  ? 0.292   9.765   -8.864  1.00 27.93 ? 70   GLN A CG  1 
ATOM   509  C CD  . GLN A 1 71  ? 1.534   10.047  -9.702  1.00 33.30 ? 70   GLN A CD  1 
ATOM   510  O OE1 . GLN A 1 71  ? 1.853   9.279   -10.616 1.00 34.84 ? 70   GLN A OE1 1 
ATOM   511  N NE2 . GLN A 1 71  ? 2.240   11.148  -9.399  1.00 32.86 ? 70   GLN A NE2 1 
ATOM   512  N N   . TRP A 1 72  ? -3.013  7.371   -8.082  1.00 23.35 ? 71   TRP A N   1 
ATOM   513  C CA  . TRP A 1 72  ? -3.968  6.664   -8.951  1.00 24.12 ? 71   TRP A CA  1 
ATOM   514  C C   . TRP A 1 72  ? -3.986  7.226   -10.362 1.00 25.74 ? 71   TRP A C   1 
ATOM   515  O O   . TRP A 1 72  ? -4.115  8.435   -10.547 1.00 24.44 ? 71   TRP A O   1 
ATOM   516  C CB  . TRP A 1 72  ? -5.381  6.662   -8.353  1.00 23.25 ? 71   TRP A CB  1 
ATOM   517  C CG  . TRP A 1 72  ? -5.404  6.037   -6.990  1.00 22.54 ? 71   TRP A CG  1 
ATOM   518  C CD1 . TRP A 1 72  ? -5.571  6.687   -5.799  1.00 22.75 ? 71   TRP A CD1 1 
ATOM   519  C CD2 . TRP A 1 72  ? -5.186  4.658   -6.669  1.00 22.30 ? 71   TRP A CD2 1 
ATOM   520  N NE1 . TRP A 1 72  ? -5.491  5.802   -4.758  1.00 23.05 ? 71   TRP A NE1 1 
ATOM   521  C CE2 . TRP A 1 72  ? -5.270  4.543   -5.261  1.00 22.75 ? 71   TRP A CE2 1 
ATOM   522  C CE3 . TRP A 1 72  ? -4.986  3.492   -7.438  1.00 24.54 ? 71   TRP A CE3 1 
ATOM   523  C CZ2 . TRP A 1 72  ? -5.117  3.333   -4.601  1.00 22.05 ? 71   TRP A CZ2 1 
ATOM   524  C CZ3 . TRP A 1 72  ? -4.842  2.284   -6.784  1.00 22.77 ? 71   TRP A CZ3 1 
ATOM   525  C CH2 . TRP A 1 72  ? -4.920  2.211   -5.362  1.00 23.22 ? 71   TRP A CH2 1 
ATOM   526  N N   . GLN A 1 73  ? -3.890  6.348   -11.367 1.00 27.54 ? 72   GLN A N   1 
ATOM   527  C CA  . GLN A 1 73  ? -3.810  6.842   -12.745 1.00 29.43 ? 72   GLN A CA  1 
ATOM   528  C C   . GLN A 1 73  ? -5.150  7.143   -13.412 1.00 30.46 ? 72   GLN A C   1 
ATOM   529  O O   . GLN A 1 73  ? -5.195  7.707   -14.512 1.00 30.70 ? 72   GLN A O   1 
ATOM   530  C CB  . GLN A 1 73  ? -2.931  5.931   -13.611 1.00 29.28 ? 72   GLN A CB  1 
ATOM   531  C CG  . GLN A 1 73  ? -1.473  6.039   -13.246 1.00 29.90 ? 72   GLN A CG  1 
ATOM   532  C CD  . GLN A 1 73  ? -0.924  7.449   -13.364 1.00 34.50 ? 72   GLN A CD  1 
ATOM   533  O OE1 . GLN A 1 73  ? -0.971  8.057   -14.439 1.00 36.24 ? 72   GLN A OE1 1 
ATOM   534  N NE2 . GLN A 1 73  ? -0.383  7.978   -12.259 1.00 33.17 ? 72   GLN A NE2 1 
ATOM   535  N N   . PHE A 1 74  ? -6.242  6.819   -12.719 1.00 30.79 ? 73   PHE A N   1 
ATOM   536  C CA  . PHE A 1 74  ? -7.575  6.917   -13.305 1.00 30.57 ? 73   PHE A CA  1 
ATOM   537  C C   . PHE A 1 74  ? -8.524  7.717   -12.409 1.00 30.69 ? 73   PHE A C   1 
ATOM   538  O O   . PHE A 1 74  ? -9.725  7.756   -12.643 1.00 31.22 ? 73   PHE A O   1 
ATOM   539  C CB  . PHE A 1 74  ? -8.120  5.511   -13.468 1.00 30.04 ? 73   PHE A CB  1 
ATOM   540  C CG  . PHE A 1 74  ? -8.206  4.747   -12.159 1.00 30.41 ? 73   PHE A CG  1 
ATOM   541  C CD1 . PHE A 1 74  ? -9.369  4.791   -11.378 1.00 29.95 ? 73   PHE A CD1 1 
ATOM   542  C CD2 . PHE A 1 74  ? -7.116  4.006   -11.694 1.00 26.91 ? 73   PHE A CD2 1 
ATOM   543  C CE1 . PHE A 1 74  ? -9.443  4.090   -10.148 1.00 28.11 ? 73   PHE A CE1 1 
ATOM   544  C CE2 . PHE A 1 74  ? -7.192  3.307   -10.490 1.00 25.95 ? 73   PHE A CE2 1 
ATOM   545  C CZ  . PHE A 1 74  ? -8.361  3.357   -9.721  1.00 27.36 ? 73   PHE A CZ  1 
ATOM   546  N N   . ALA A 1 75  ? -7.987  8.314   -11.349 1.00 30.29 ? 74   ALA A N   1 
ATOM   547  C CA  . ALA A 1 75  ? -8.811  8.997   -10.370 1.00 29.55 ? 74   ALA A CA  1 
ATOM   548  C C   . ALA A 1 75  ? -8.081  10.223  -9.866  1.00 29.23 ? 74   ALA A C   1 
ATOM   549  O O   . ALA A 1 75  ? -6.856  10.234  -9.818  1.00 28.67 ? 74   ALA A O   1 
ATOM   550  C CB  . ALA A 1 75  ? -9.137  8.057   -9.215  1.00 29.51 ? 74   ALA A CB  1 
ATOM   551  N N   . ASP A 1 76  ? -8.828  11.249  -9.470  1.00 29.26 ? 75   ASP A N   1 
ATOM   552  C CA  . ASP A 1 76  ? -8.209  12.442  -8.895  1.00 29.89 ? 75   ASP A CA  1 
ATOM   553  C C   . ASP A 1 76  ? -7.682  12.253  -7.471  1.00 29.00 ? 75   ASP A C   1 
ATOM   554  O O   . ASP A 1 76  ? -7.054  13.142  -6.907  1.00 30.48 ? 75   ASP A O   1 
ATOM   555  C CB  . ASP A 1 76  ? -9.152  13.640  -8.979  1.00 30.30 ? 75   ASP A CB  1 
ATOM   556  C CG  . ASP A 1 76  ? -9.280  14.168  -10.404 1.00 33.48 ? 75   ASP A CG  1 
ATOM   557  O OD1 . ASP A 1 76  ? -8.425  13.793  -11.245 1.00 32.19 ? 75   ASP A OD1 1 
ATOM   558  O OD2 . ASP A 1 76  ? -10.223 14.952  -10.675 1.00 36.24 ? 75   ASP A OD2 1 
ATOM   559  N N   . SER A 1 77  ? -7.856  11.072  -6.926  1.00 27.85 ? 76   SER A N   1 
ATOM   560  C CA  . SER A 1 77  ? -7.535  10.830  -5.531  1.00 25.88 ? 76   SER A CA  1 
ATOM   561  C C   . SER A 1 77  ? -6.088  10.392  -5.269  1.00 24.82 ? 76   SER A C   1 
ATOM   562  O O   . SER A 1 77  ? -5.302  10.207  -6.201  1.00 24.64 ? 76   SER A O   1 
ATOM   563  C CB  . SER A 1 77  ? -8.494  9.774   -5.044  1.00 25.55 ? 76   SER A CB  1 
ATOM   564  O OG  . SER A 1 77  ? -8.264  8.608   -5.797  1.00 27.99 ? 76   SER A OG  1 
ATOM   565  N N   . THR A 1 78  ? -5.747  10.239  -3.988  1.00 22.40 ? 77   THR A N   1 
ATOM   566  C CA  . THR A 1 78  ? -4.457  9.744   -3.570  1.00 21.11 ? 77   THR A CA  1 
ATOM   567  C C   . THR A 1 78  ? -4.671  8.878   -2.330  1.00 19.55 ? 77   THR A C   1 
ATOM   568  O O   . THR A 1 78  ? -5.410  9.262   -1.439  1.00 18.54 ? 77   THR A O   1 
ATOM   569  C CB  . THR A 1 78  ? -3.481  10.901  -3.248  1.00 20.56 ? 77   THR A CB  1 
ATOM   570  O OG1 . THR A 1 78  ? -3.275  11.696  -4.430  1.00 22.07 ? 77   THR A OG1 1 
ATOM   571  C CG2 . THR A 1 78  ? -2.184  10.374  -2.849  1.00 17.98 ? 77   THR A CG2 1 
ATOM   572  N N   . THR A 1 79  ? -4.083  7.689   -2.306  1.00 18.63 ? 78   THR A N   1 
ATOM   573  C CA  . THR A 1 79  ? -4.110  6.861   -1.103  1.00 17.18 ? 78   THR A CA  1 
ATOM   574  C C   . THR A 1 79  ? -2.735  6.759   -0.509  1.00 17.42 ? 78   THR A C   1 
ATOM   575  O O   . THR A 1 79  ? -1.743  6.639   -1.239  1.00 17.92 ? 78   THR A O   1 
ATOM   576  C CB  . THR A 1 79  ? -4.620  5.423   -1.351  1.00 18.09 ? 78   THR A CB  1 
ATOM   577  O OG1 . THR A 1 79  ? -5.930  5.471   -1.902  1.00 14.55 ? 78   THR A OG1 1 
ATOM   578  C CG2 . THR A 1 79  ? -4.721  4.660   -0.006  1.00 14.64 ? 78   THR A CG2 1 
ATOM   579  N N   . VAL A 1 80  ? -2.668  6.757   0.823   1.00 17.00 ? 79   VAL A N   1 
ATOM   580  C CA  . VAL A 1 80  ? -1.419  6.432   1.501   1.00 16.71 ? 79   VAL A CA  1 
ATOM   581  C C   . VAL A 1 80  ? -1.652  5.234   2.383   1.00 17.11 ? 79   VAL A C   1 
ATOM   582  O O   . VAL A 1 80  ? -2.707  5.082   2.926   1.00 18.70 ? 79   VAL A O   1 
ATOM   583  C CB  . VAL A 1 80  ? -0.858  7.607   2.344   1.00 15.54 ? 79   VAL A CB  1 
ATOM   584  C CG1 . VAL A 1 80  ? -0.368  8.666   1.435   1.00 15.68 ? 79   VAL A CG1 1 
ATOM   585  C CG2 . VAL A 1 80  ? -1.912  8.126   3.338   1.00 13.69 ? 79   VAL A CG2 1 
ATOM   586  N N   . PHE A 1 81  ? -0.662  4.368   2.498   1.00 17.19 ? 80   PHE A N   1 
ATOM   587  C CA  . PHE A 1 81  ? -0.830  3.144   3.241   1.00 17.40 ? 80   PHE A CA  1 
ATOM   588  C C   . PHE A 1 81  ? 0.314   3.152   4.233   1.00 17.82 ? 80   PHE A C   1 
ATOM   589  O O   . PHE A 1 81  ? 1.425   3.534   3.893   1.00 17.88 ? 80   PHE A O   1 
ATOM   590  C CB  . PHE A 1 81  ? -0.599  1.969   2.339   1.00 17.24 ? 80   PHE A CB  1 
ATOM   591  C CG  . PHE A 1 81  ? -1.752  1.588   1.468   1.00 18.93 ? 80   PHE A CG  1 
ATOM   592  C CD1 . PHE A 1 81  ? -2.570  0.494   1.819   1.00 20.13 ? 80   PHE A CD1 1 
ATOM   593  C CD2 . PHE A 1 81  ? -1.966  2.236   0.243   1.00 18.42 ? 80   PHE A CD2 1 
ATOM   594  C CE1 . PHE A 1 81  ? -3.636  0.083   0.985   1.00 19.83 ? 80   PHE A CE1 1 
ATOM   595  C CE2 . PHE A 1 81  ? -3.013  1.839   -0.608  1.00 18.56 ? 80   PHE A CE2 1 
ATOM   596  C CZ  . PHE A 1 81  ? -3.859  0.749   -0.241  1.00 19.13 ? 80   PHE A CZ  1 
ATOM   597  N N   . VAL A 1 82  ? 0.062   2.698   5.440   1.00 19.23 ? 81   VAL A N   1 
ATOM   598  C CA  . VAL A 1 82  ? 1.121   2.583   6.416   1.00 19.25 ? 81   VAL A CA  1 
ATOM   599  C C   . VAL A 1 82  ? 0.987   1.196   7.114   1.00 21.40 ? 81   VAL A C   1 
ATOM   600  O O   . VAL A 1 82  ? -0.139  0.698   7.339   1.00 21.58 ? 81   VAL A O   1 
ATOM   601  C CB  . VAL A 1 82  ? 1.127   3.836   7.342   1.00 19.49 ? 81   VAL A CB  1 
ATOM   602  C CG1 . VAL A 1 82  ? -0.101  3.862   8.283   1.00 17.99 ? 81   VAL A CG1 1 
ATOM   603  C CG2 . VAL A 1 82  ? 2.443   3.979   8.109   1.00 17.77 ? 81   VAL A CG2 1 
ATOM   604  N N   . GLY A 1 83  ? 2.125   0.540   7.389   1.00 21.85 ? 82   GLY A N   1 
ATOM   605  C CA  . GLY A 1 83  ? 2.094   -0.835  7.840   1.00 22.73 ? 82   GLY A CA  1 
ATOM   606  C C   . GLY A 1 83  ? 3.371   -1.427  8.391   1.00 24.62 ? 82   GLY A C   1 
ATOM   607  O O   . GLY A 1 83  ? 4.374   -0.739  8.519   1.00 24.62 ? 82   GLY A O   1 
ATOM   608  N N   . GLN A 1 84  ? 3.277   -2.707  8.757   1.00 25.94 ? 83   GLN A N   1 
ATOM   609  C CA  . GLN A 1 84  ? 4.367   -3.536  9.236   1.00 27.72 ? 83   GLN A CA  1 
ATOM   610  C C   . GLN A 1 84  ? 4.095   -4.958  8.734   1.00 28.55 ? 83   GLN A C   1 
ATOM   611  O O   . GLN A 1 84  ? 2.941   -5.367  8.607   1.00 29.20 ? 83   GLN A O   1 
ATOM   612  C CB  . GLN A 1 84  ? 4.406   -3.525  10.759  1.00 27.61 ? 83   GLN A CB  1 
ATOM   613  C CG  . GLN A 1 84  ? 5.625   -4.197  11.388  1.00 27.76 ? 83   GLN A CG  1 
ATOM   614  C CD  . GLN A 1 84  ? 5.608   -4.075  12.888  1.00 29.76 ? 83   GLN A CD  1 
ATOM   615  O OE1 . GLN A 1 84  ? 4.971   -3.182  13.430  1.00 32.26 ? 83   GLN A OE1 1 
ATOM   616  N NE2 . GLN A 1 84  ? 6.314   -4.959  13.569  1.00 30.76 ? 83   GLN A NE2 1 
ATOM   617  N N   . CYS A 1 85  ? 5.164   -5.690  8.437   1.00 30.37 ? 84   CYS A N   1 
ATOM   618  C CA  . CYS A 1 85  ? 5.098   -7.084  8.030   1.00 30.60 ? 84   CYS A CA  1 
ATOM   619  C C   . CYS A 1 85  ? 5.286   -7.975  9.239   1.00 31.08 ? 84   CYS A C   1 
ATOM   620  O O   . CYS A 1 85  ? 6.020   -7.628  10.143  1.00 29.87 ? 84   CYS A O   1 
ATOM   621  C CB  . CYS A 1 85  ? 6.202   -7.417  7.033   1.00 31.03 ? 84   CYS A CB  1 
ATOM   622  S SG  . CYS A 1 85  ? 6.066   -9.101  6.297   1.00 31.92 ? 84   CYS A SG  1 
ATOM   623  N N   . PHE A 1 86  ? 4.614   -9.126  9.229   1.00 32.05 ? 85   PHE A N   1 
ATOM   624  C CA  . PHE A 1 86  ? 4.762   -10.139 10.276  1.00 33.80 ? 85   PHE A CA  1 
ATOM   625  C C   . PHE A 1 86  ? 4.920   -11.494 9.641   1.00 35.52 ? 85   PHE A C   1 
ATOM   626  O O   . PHE A 1 86  ? 4.377   -11.744 8.571   1.00 35.31 ? 85   PHE A O   1 
ATOM   627  C CB  . PHE A 1 86  ? 3.549   -10.154 11.214  1.00 32.62 ? 85   PHE A CB  1 
ATOM   628  C CG  . PHE A 1 86  ? 3.331   -8.852  11.927  1.00 31.84 ? 85   PHE A CG  1 
ATOM   629  C CD1 . PHE A 1 86  ? 3.946   -8.604  13.146  1.00 29.86 ? 85   PHE A CD1 1 
ATOM   630  C CD2 . PHE A 1 86  ? 2.544   -7.853  11.356  1.00 29.39 ? 85   PHE A CD2 1 
ATOM   631  C CE1 . PHE A 1 86  ? 3.767   -7.394  13.786  1.00 29.25 ? 85   PHE A CE1 1 
ATOM   632  C CE2 . PHE A 1 86  ? 2.379   -6.631  11.996  1.00 27.91 ? 85   PHE A CE2 1 
ATOM   633  C CZ  . PHE A 1 86  ? 2.976   -6.410  13.203  1.00 28.47 ? 85   PHE A CZ  1 
ATOM   634  N N   . VAL A 1 87  ? 5.697   -12.353 10.289  1.00 38.44 ? 86   VAL A N   1 
ATOM   635  C CA  . VAL A 1 87  ? 5.787   -13.762 9.905   1.00 41.62 ? 86   VAL A CA  1 
ATOM   636  C C   . VAL A 1 87  ? 5.252   -14.600 11.051  1.00 43.54 ? 86   VAL A C   1 
ATOM   637  O O   . VAL A 1 87  ? 5.696   -14.455 12.200  1.00 44.06 ? 86   VAL A O   1 
ATOM   638  C CB  . VAL A 1 87  ? 7.234   -14.233 9.630   1.00 41.51 ? 86   VAL A CB  1 
ATOM   639  C CG1 . VAL A 1 87  ? 7.212   -15.495 8.772   1.00 42.23 ? 86   VAL A CG1 1 
ATOM   640  C CG2 . VAL A 1 87  ? 8.043   -13.149 8.965   1.00 41.66 ? 86   VAL A CG2 1 
ATOM   641  N N   . ASP A 1 88  ? 4.305   -15.479 10.744  1.00 45.92 ? 87   ASP A N   1 
ATOM   642  C CA  . ASP A 1 88  ? 3.749   -16.363 11.768  1.00 48.33 ? 87   ASP A CA  1 
ATOM   643  C C   . ASP A 1 88  ? 4.562   -17.672 11.968  1.00 49.84 ? 87   ASP A C   1 
ATOM   644  O O   . ASP A 1 88  ? 5.740   -17.760 11.573  1.00 49.69 ? 87   ASP A O   1 
ATOM   645  C CB  . ASP A 1 88  ? 2.250   -16.615 11.512  1.00 48.44 ? 87   ASP A CB  1 
ATOM   646  C CG  . ASP A 1 88  ? 1.998   -17.545 10.347  1.00 48.99 ? 87   ASP A CG  1 
ATOM   647  O OD1 . ASP A 1 88  ? 2.920   -18.312 9.999   1.00 48.94 ? 87   ASP A OD1 1 
ATOM   648  O OD2 . ASP A 1 88  ? 0.874   -17.515 9.791   1.00 49.07 ? 87   ASP A OD2 1 
ATOM   649  N N   . ARG A 1 89  ? 3.919   -18.665 12.592  1.00 51.93 ? 88   ARG A N   1 
ATOM   650  C CA  . ARG A 1 89  ? 4.517   -19.977 12.911  1.00 54.00 ? 88   ARG A CA  1 
ATOM   651  C C   . ARG A 1 89  ? 5.009   -20.713 11.658  1.00 54.65 ? 88   ARG A C   1 
ATOM   652  O O   . ARG A 1 89  ? 6.213   -20.951 11.494  1.00 55.03 ? 88   ARG A O   1 
ATOM   653  C CB  . ARG A 1 89  ? 3.514   -20.856 13.681  1.00 54.18 ? 88   ARG A CB  1 
ATOM   654  C CG  . ARG A 1 89  ? 2.882   -20.191 14.910  1.00 57.77 ? 88   ARG A CG  1 
ATOM   655  C CD  . ARG A 1 89  ? 1.781   -19.163 14.521  1.00 61.67 ? 88   ARG A CD  1 
ATOM   656  N NE  . ARG A 1 89  ? 2.017   -17.843 15.119  1.00 63.80 ? 88   ARG A NE  1 
ATOM   657  C CZ  . ARG A 1 89  ? 1.217   -16.785 14.971  1.00 64.92 ? 88   ARG A CZ  1 
ATOM   658  N NH1 . ARG A 1 89  ? 0.107   -16.870 14.246  1.00 65.07 ? 88   ARG A NH1 1 
ATOM   659  N NH2 . ARG A 1 89  ? 1.529   -15.635 15.553  1.00 64.84 ? 88   ARG A NH2 1 
ATOM   660  N N   . ARG A 1 90  ? 4.071   -21.043 10.771  1.00 55.11 ? 89   ARG A N   1 
ATOM   661  C CA  . ARG A 1 90  ? 4.361   -21.826 9.571   1.00 55.85 ? 89   ARG A CA  1 
ATOM   662  C C   . ARG A 1 90  ? 5.001   -21.000 8.431   1.00 54.56 ? 89   ARG A C   1 
ATOM   663  O O   . ARG A 1 90  ? 4.844   -21.320 7.242   1.00 55.05 ? 89   ARG A O   1 
ATOM   664  C CB  . ARG A 1 90  ? 3.087   -22.553 9.100   1.00 56.10 ? 89   ARG A CB  1 
ATOM   665  C CG  . ARG A 1 90  ? 2.397   -23.396 10.192  1.00 57.94 ? 89   ARG A CG  1 
ATOM   666  C CD  . ARG A 1 90  ? 1.273   -24.254 9.604   1.00 59.24 ? 89   ARG A CD  1 
ATOM   667  N NE  . ARG A 1 90  ? 0.860   -25.343 10.503  1.00 65.66 ? 89   ARG A NE  1 
ATOM   668  C CZ  . ARG A 1 90  ? 0.047   -26.348 10.167  1.00 67.35 ? 89   ARG A CZ  1 
ATOM   669  N NH1 . ARG A 1 90  ? -0.457  -26.442 8.936   1.00 68.20 ? 89   ARG A NH1 1 
ATOM   670  N NH2 . ARG A 1 90  ? -0.261  -27.276 11.068  1.00 69.19 ? 89   ARG A NH2 1 
ATOM   671  N N   . GLY A 1 91  ? 5.729   -19.946 8.808   1.00 53.36 ? 90   GLY A N   1 
ATOM   672  C CA  . GLY A 1 91  ? 6.507   -19.121 7.871   1.00 50.66 ? 90   GLY A CA  1 
ATOM   673  C C   . GLY A 1 91  ? 5.739   -18.136 6.999   1.00 48.80 ? 90   GLY A C   1 
ATOM   674  O O   . GLY A 1 91  ? 6.328   -17.514 6.112   1.00 48.84 ? 90   GLY A O   1 
ATOM   675  N N   . LYS A 1 92  ? 4.438   -17.983 7.252   1.00 46.81 ? 91   LYS A N   1 
ATOM   676  C CA  . LYS A 1 92  ? 3.565   -17.139 6.430   1.00 45.01 ? 91   LYS A CA  1 
ATOM   677  C C   . LYS A 1 92  ? 3.706   -15.649 6.788   1.00 43.68 ? 91   LYS A C   1 
ATOM   678  O O   . LYS A 1 92  ? 3.599   -15.269 7.961   1.00 43.73 ? 91   LYS A O   1 
ATOM   679  C CB  . LYS A 1 92  ? 2.116   -17.590 6.581   1.00 45.53 ? 91   LYS A CB  1 
ATOM   680  C CG  . LYS A 1 92  ? 1.130   -16.977 5.600   1.00 45.80 ? 91   LYS A CG  1 
ATOM   681  C CD  . LYS A 1 92  ? -0.282  -17.037 6.185   1.00 48.49 ? 91   LYS A CD  1 
ATOM   682  C CE  . LYS A 1 92  ? -1.364  -16.887 5.108   1.00 50.20 ? 91   LYS A CE  1 
ATOM   683  N NZ  . LYS A 1 92  ? -2.728  -16.944 5.714   1.00 50.03 ? 91   LYS A NZ  1 
ATOM   684  N N   . GLU A 1 93  ? 3.945   -14.835 5.754   1.00 41.59 ? 92   GLU A N   1 
ATOM   685  C CA  . GLU A 1 93  ? 4.148   -13.387 5.845   1.00 39.23 ? 92   GLU A CA  1 
ATOM   686  C C   . GLU A 1 93  ? 2.848   -12.638 5.647   1.00 37.72 ? 92   GLU A C   1 
ATOM   687  O O   . GLU A 1 93  ? 2.042   -13.012 4.803   1.00 36.31 ? 92   GLU A O   1 
ATOM   688  C CB  . GLU A 1 93  ? 5.117   -12.924 4.754   1.00 39.27 ? 92   GLU A CB  1 
ATOM   689  C CG  . GLU A 1 93  ? 6.551   -13.427 4.919   1.00 39.34 ? 92   GLU A CG  1 
ATOM   690  C CD  . GLU A 1 93  ? 7.270   -13.576 3.604   1.00 38.24 ? 92   GLU A CD  1 
ATOM   691  O OE1 . GLU A 1 93  ? 6.783   -14.331 2.748   1.00 40.41 ? 92   GLU A OE1 1 
ATOM   692  O OE2 . GLU A 1 93  ? 8.314   -12.926 3.410   1.00 38.92 ? 92   GLU A OE2 1 
ATOM   693  N N   . MET A 1 94  ? 2.661   -11.554 6.400   1.00 36.02 ? 93   MET A N   1 
ATOM   694  C CA  . MET A 1 94  ? 1.475   -10.715 6.232   1.00 35.91 ? 93   MET A CA  1 
ATOM   695  C C   . MET A 1 94  ? 1.815   -9.266  6.447   1.00 32.73 ? 93   MET A C   1 
ATOM   696  O O   . MET A 1 94  ? 2.454   -8.935  7.424   1.00 31.86 ? 93   MET A O   1 
ATOM   697  C CB  . MET A 1 94  ? 0.385   -11.098 7.241   1.00 35.91 ? 93   MET A CB  1 
ATOM   698  C CG  . MET A 1 94  ? 0.165   -12.608 7.409   1.00 38.96 ? 93   MET A CG  1 
ATOM   699  S SD  . MET A 1 94  ? -1.026  -12.938 8.705   1.00 42.80 ? 93   MET A SD  1 
ATOM   700  C CE  . MET A 1 94  ? -2.543  -12.787 7.759   1.00 42.23 ? 93   MET A CE  1 
ATOM   701  N N   . LEU A 1 95  ? 1.369   -8.406  5.536   1.00 30.44 ? 94   LEU A N   1 
ATOM   702  C CA  . LEU A 1 95  ? 1.439   -6.959  5.741   1.00 28.64 ? 94   LEU A CA  1 
ATOM   703  C C   . LEU A 1 95  ? 0.128   -6.446  6.354   1.00 26.93 ? 94   LEU A C   1 
ATOM   704  O O   . LEU A 1 95  ? -0.938  -6.566  5.749   1.00 26.18 ? 94   LEU A O   1 
ATOM   705  C CB  . LEU A 1 95  ? 1.700   -6.228  4.413   1.00 28.84 ? 94   LEU A CB  1 
ATOM   706  C CG  . LEU A 1 95  ? 2.867   -6.716  3.549   1.00 29.29 ? 94   LEU A CG  1 
ATOM   707  C CD1 . LEU A 1 95  ? 2.859   -5.963  2.226   1.00 26.04 ? 94   LEU A CD1 1 
ATOM   708  C CD2 . LEU A 1 95  ? 4.189   -6.535  4.283   1.00 26.70 ? 94   LEU A CD2 1 
ATOM   709  N N   . GLU A 1 96  ? 0.232   -5.895  7.558   1.00 26.02 ? 95   GLU A N   1 
ATOM   710  C CA  . GLU A 1 96  ? -0.872  -5.213  8.230   1.00 25.28 ? 95   GLU A CA  1 
ATOM   711  C C   . GLU A 1 96  ? -0.772  -3.734  7.915   1.00 24.58 ? 95   GLU A C   1 
ATOM   712  O O   . GLU A 1 96  ? 0.230   -3.085  8.277   1.00 25.54 ? 95   GLU A O   1 
ATOM   713  C CB  . GLU A 1 96  ? -0.802  -5.402  9.753   1.00 25.54 ? 95   GLU A CB  1 
ATOM   714  C CG  . GLU A 1 96  ? -0.871  -6.832  10.223  1.00 26.39 ? 95   GLU A CG  1 
ATOM   715  C CD  . GLU A 1 96  ? -2.256  -7.470  10.033  1.00 30.56 ? 95   GLU A CD  1 
ATOM   716  O OE1 . GLU A 1 96  ? -3.294  -6.749  9.876   1.00 25.92 ? 95   GLU A OE1 1 
ATOM   717  O OE2 . GLU A 1 96  ? -2.284  -8.712  10.042  1.00 29.91 ? 95   GLU A OE2 1 
ATOM   718  N N   . MET A 1 97  ? -1.815  -3.213  7.263   1.00 22.31 ? 96   MET A N   1 
ATOM   719  C CA  . MET A 1 97  ? -1.798  -1.851  6.731   1.00 21.24 ? 96   MET A CA  1 
ATOM   720  C C   . MET A 1 97  ? -3.045  -1.088  7.098   1.00 19.97 ? 96   MET A C   1 
ATOM   721  O O   . MET A 1 97  ? -4.094  -1.663  7.265   1.00 20.14 ? 96   MET A O   1 
ATOM   722  C CB  . MET A 1 97  ? -1.616  -1.838  5.219   1.00 19.94 ? 96   MET A CB  1 
ATOM   723  C CG  . MET A 1 97  ? -0.292  -2.472  4.782   1.00 19.37 ? 96   MET A CG  1 
ATOM   724  S SD  . MET A 1 97  ? 0.469   -1.805  3.324   1.00 23.87 ? 96   MET A SD  1 
ATOM   725  C CE  . MET A 1 97  ? 1.433   -0.438  4.077   1.00 26.27 ? 96   MET A CE  1 
ATOM   726  N N   . ALA A 1 98  ? -2.885  0.215   7.291   1.00 18.50 ? 97   ALA A N   1 
ATOM   727  C CA  . ALA A 1 98  ? -3.995  1.120   7.487   1.00 17.74 ? 97   ALA A CA  1 
ATOM   728  C C   . ALA A 1 98  ? -3.761  2.143   6.406   1.00 17.86 ? 97   ALA A C   1 
ATOM   729  O O   . ALA A 1 98  ? -2.615  2.345   5.967   1.00 17.27 ? 97   ALA A O   1 
ATOM   730  C CB  . ALA A 1 98  ? -3.954  1.772   8.898   1.00 17.59 ? 97   ALA A CB  1 
ATOM   731  N N   . TRP A 1 99  ? -4.846  2.750   5.932   1.00 18.21 ? 98   TRP A N   1 
ATOM   732  C CA  . TRP A 1 99  ? -4.770  3.627   4.777   1.00 17.27 ? 98   TRP A CA  1 
ATOM   733  C C   . TRP A 1 99  ? -5.749  4.778   4.863   1.00 17.27 ? 98   TRP A C   1 
ATOM   734  O O   . TRP A 1 99  ? -6.730  4.723   5.594   1.00 16.12 ? 98   TRP A O   1 
ATOM   735  C CB  . TRP A 1 99  ? -4.991  2.833   3.473   1.00 17.13 ? 98   TRP A CB  1 
ATOM   736  C CG  . TRP A 1 99  ? -6.300  2.060   3.374   1.00 16.33 ? 98   TRP A CG  1 
ATOM   737  C CD1 . TRP A 1 99  ? -6.451  0.695   3.499   1.00 15.13 ? 98   TRP A CD1 1 
ATOM   738  C CD2 . TRP A 1 99  ? -7.628  2.585   3.067   1.00 14.97 ? 98   TRP A CD2 1 
ATOM   739  N NE1 . TRP A 1 99  ? -7.788  0.354   3.313   1.00 16.37 ? 98   TRP A NE1 1 
ATOM   740  C CE2 . TRP A 1 99  ? -8.520  1.487   3.052   1.00 14.10 ? 98   TRP A CE2 1 
ATOM   741  C CE3 . TRP A 1 99  ? -8.142  3.879   2.815   1.00 14.90 ? 98   TRP A CE3 1 
ATOM   742  C CZ2 . TRP A 1 99  ? -9.890  1.638   2.813   1.00 15.25 ? 98   TRP A CZ2 1 
ATOM   743  C CZ3 . TRP A 1 99  ? -9.491  4.020   2.544   1.00 15.20 ? 98   TRP A CZ3 1 
ATOM   744  C CH2 . TRP A 1 99  ? -10.357 2.913   2.557   1.00 15.09 ? 98   TRP A CH2 1 
ATOM   745  N N   . LEU A 1 100 ? -5.444  5.833   4.117   1.00 17.53 ? 99   LEU A N   1 
ATOM   746  C CA  . LEU A 1 100 ? -6.339  6.978   3.956   1.00 18.46 ? 99   LEU A CA  1 
ATOM   747  C C   . LEU A 1 100 ? -6.466  7.244   2.476   1.00 18.41 ? 99   LEU A C   1 
ATOM   748  O O   . LEU A 1 100 ? -5.464  7.349   1.777   1.00 18.98 ? 99   LEU A O   1 
ATOM   749  C CB  . LEU A 1 100 ? -5.778  8.237   4.615   1.00 17.32 ? 99   LEU A CB  1 
ATOM   750  C CG  . LEU A 1 100 ? -5.556  8.239   6.136   1.00 19.72 ? 99   LEU A CG  1 
ATOM   751  C CD1 . LEU A 1 100 ? -4.735  9.471   6.545   1.00 17.55 ? 99   LEU A CD1 1 
ATOM   752  C CD2 . LEU A 1 100 ? -6.849  8.172   6.921   1.00 15.94 ? 99   LEU A CD2 1 
ATOM   753  N N   . LEU A 1 101 ? -7.692  7.351   2.003   1.00 19.10 ? 100  LEU A N   1 
ATOM   754  C CA  . LEU A 1 101 ? -7.938  7.661   0.601   1.00 19.91 ? 100  LEU A CA  1 
ATOM   755  C C   . LEU A 1 101 ? -8.463  9.075   0.567   1.00 20.75 ? 100  LEU A C   1 
ATOM   756  O O   . LEU A 1 101 ? -9.488  9.364   1.168   1.00 20.72 ? 100  LEU A O   1 
ATOM   757  C CB  . LEU A 1 101 ? -8.961  6.698   0.020   1.00 19.05 ? 100  LEU A CB  1 
ATOM   758  C CG  . LEU A 1 101 ? -9.676  7.052   -1.306  1.00 21.09 ? 100  LEU A CG  1 
ATOM   759  C CD1 . LEU A 1 101 ? -8.708  7.342   -2.432  1.00 18.89 ? 100  LEU A CD1 1 
ATOM   760  C CD2 . LEU A 1 101 ? -10.575 5.862   -1.722  1.00 21.06 ? 100  LEU A CD2 1 
ATOM   761  N N   . ARG A 1 102 ? -7.777  9.943   -0.167  1.00 22.22 ? 101  ARG A N   1 
ATOM   762  C CA  . ARG A 1 102 ? -8.107  11.372  -0.205  1.00 24.10 ? 101  ARG A CA  1 
ATOM   763  C C   . ARG A 1 102 ? -8.649  11.722  -1.572  1.00 24.82 ? 101  ARG A C   1 
ATOM   764  O O   . ARG A 1 102 ? -7.918  11.636  -2.554  1.00 24.31 ? 101  ARG A O   1 
ATOM   765  C CB  . ARG A 1 102 ? -6.857  12.210  0.024   1.00 24.24 ? 101  ARG A CB  1 
ATOM   766  C CG  . ARG A 1 102 ? -7.071  13.754  -0.039  1.00 25.24 ? 101  ARG A CG  1 
ATOM   767  C CD  . ARG A 1 102 ? -7.427  14.129  1.301   1.00 28.02 ? 101  ARG A CD  1 
ATOM   768  N NE  . ARG A 1 102 ? -7.641  15.538  1.578   1.00 28.88 ? 101  ARG A NE  1 
ATOM   769  C CZ  . ARG A 1 102 ? -7.432  16.014  2.797   1.00 29.22 ? 101  ARG A CZ  1 
ATOM   770  N NH1 . ARG A 1 102 ? -6.949  15.186  3.741   1.00 29.30 ? 101  ARG A NH1 1 
ATOM   771  N NH2 . ARG A 1 102 ? -7.666  17.271  3.074   1.00 27.55 ? 101  ARG A NH2 1 
ATOM   772  N N   . GLU A 1 103 ? -9.926  12.095  -1.637  1.00 26.48 ? 102  GLU A N   1 
ATOM   773  C CA  . GLU A 1 103 ? -10.494 12.595  -2.879  1.00 28.90 ? 102  GLU A CA  1 
ATOM   774  C C   . GLU A 1 103 ? -10.226 14.086  -3.066  1.00 28.14 ? 102  GLU A C   1 
ATOM   775  O O   . GLU A 1 103 ? -10.198 14.859  -2.113  1.00 26.67 ? 102  GLU A O   1 
ATOM   776  C CB  . GLU A 1 103 ? -11.991 12.224  -3.020  1.00 30.66 ? 102  GLU A CB  1 
ATOM   777  C CG  . GLU A 1 103 ? -12.224 10.685  -2.845  1.00 36.97 ? 102  GLU A CG  1 
ATOM   778  C CD  . GLU A 1 103 ? -12.959 10.000  -3.997  1.00 45.95 ? 102  GLU A CD  1 
ATOM   779  O OE1 . GLU A 1 103 ? -14.190 10.229  -4.118  1.00 50.56 ? 102  GLU A OE1 1 
ATOM   780  O OE2 . GLU A 1 103 ? -12.331 9.203   -4.763  1.00 49.69 ? 102  GLU A OE2 1 
ATOM   781  N N   . GLU A 1 104 ? -9.999  14.481  -4.318  1.00 28.41 ? 103  GLU A N   1 
ATOM   782  C CA  . GLU A 1 104 ? -9.810  15.890  -4.636  1.00 29.09 ? 103  GLU A CA  1 
ATOM   783  C C   . GLU A 1 104 ? -11.144 16.614  -4.508  1.00 28.27 ? 103  GLU A C   1 
ATOM   784  O O   . GLU A 1 104 ? -12.153 16.149  -5.040  1.00 27.17 ? 103  GLU A O   1 
ATOM   785  C CB  . GLU A 1 104 ? -9.222  16.047  -6.039  1.00 28.37 ? 103  GLU A CB  1 
ATOM   786  C CG  . GLU A 1 104 ? -8.811  17.480  -6.401  1.00 30.71 ? 103  GLU A CG  1 
ATOM   787  C CD  . GLU A 1 104 ? -8.447  17.632  -7.886  1.00 33.12 ? 103  GLU A CD  1 
ATOM   788  O OE1 . GLU A 1 104 ? -9.022  16.912  -8.762  1.00 37.78 ? 103  GLU A OE1 1 
ATOM   789  O OE2 . GLU A 1 104 ? -7.575  18.468  -8.184  1.00 37.89 ? 103  GLU A OE2 1 
ATOM   790  N N   . VAL A 1 105 ? -11.156 17.741  -3.794  1.00 28.28 ? 104  VAL A N   1 
ATOM   791  C CA  . VAL A 1 105 ? -12.402 18.491  -3.647  1.00 28.93 ? 104  VAL A CA  1 
ATOM   792  C C   . VAL A 1 105 ? -12.335 19.914  -4.243  1.00 30.34 ? 104  VAL A C   1 
ATOM   793  O O   . VAL A 1 105 ? -11.267 20.525  -4.259  1.00 30.73 ? 104  VAL A O   1 
ATOM   794  C CB  . VAL A 1 105 ? -12.961 18.486  -2.181  1.00 27.91 ? 104  VAL A CB  1 
ATOM   795  C CG1 . VAL A 1 105 ? -13.324 17.075  -1.745  1.00 26.17 ? 104  VAL A CG1 1 
ATOM   796  C CG2 . VAL A 1 105 ? -12.006 19.152  -1.232  1.00 27.40 ? 104  VAL A CG2 1 
ATOM   797  N N   . PRO A 1 106 ? -13.476 20.436  -4.735  1.00 32.04 ? 105  PRO A N   1 
ATOM   798  C CA  . PRO A 1 106 ? -13.480 21.757  -5.383  1.00 33.10 ? 105  PRO A CA  1 
ATOM   799  C C   . PRO A 1 106 ? -13.078 22.928  -4.468  1.00 33.80 ? 105  PRO A C   1 
ATOM   800  O O   . PRO A 1 106 ? -12.350 23.819  -4.911  1.00 34.69 ? 105  PRO A O   1 
ATOM   801  C CB  . PRO A 1 106 ? -14.922 21.912  -5.875  1.00 33.26 ? 105  PRO A CB  1 
ATOM   802  C CG  . PRO A 1 106 ? -15.709 21.018  -5.055  1.00 33.41 ? 105  PRO A CG  1 
ATOM   803  C CD  . PRO A 1 106 ? -14.816 19.835  -4.753  1.00 32.62 ? 105  PRO A CD  1 
ATOM   804  N N   . SER A 1 107 ? -13.523 22.950  -3.219  1.00 34.18 ? 106  SER A N   1 
ATOM   805  C CA  . SER A 1 107 ? -13.114 24.066  -2.352  1.00 34.85 ? 106  SER A CA  1 
ATOM   806  C C   . SER A 1 107 ? -12.723 23.626  -0.960  1.00 34.50 ? 106  SER A C   1 
ATOM   807  O O   . SER A 1 107 ? -12.995 22.489  -0.573  1.00 33.44 ? 106  SER A O   1 
ATOM   808  C CB  . SER A 1 107 ? -14.164 25.196  -2.340  1.00 35.68 ? 106  SER A CB  1 
ATOM   809  O OG  . SER A 1 107 ? -15.224 24.971  -1.429  1.00 37.83 ? 106  SER A OG  1 
ATOM   810  N N   . ARG A 1 108 ? -12.071 24.524  -0.224  1.00 34.97 ? 107  ARG A N   1 
ATOM   811  C CA  . ARG A 1 108 ? -11.552 24.212  1.098   1.00 36.99 ? 107  ARG A CA  1 
ATOM   812  C C   . ARG A 1 108 ? -12.632 23.709  2.064   1.00 36.76 ? 107  ARG A C   1 
ATOM   813  O O   . ARG A 1 108 ? -12.356 22.899  2.969   1.00 37.30 ? 107  ARG A O   1 
ATOM   814  C CB  . ARG A 1 108 ? -10.798 25.410  1.694   1.00 36.65 ? 107  ARG A CB  1 
ATOM   815  C CG  . ARG A 1 108 ? -9.880  25.005  2.834   1.00 38.27 ? 107  ARG A CG  1 
ATOM   816  C CD  . ARG A 1 108 ? -9.258  26.168  3.584   1.00 40.33 ? 107  ARG A CD  1 
ATOM   817  N NE  . ARG A 1 108 ? -10.154 27.331  3.661   1.00 48.46 ? 107  ARG A NE  1 
ATOM   818  C CZ  . ARG A 1 108 ? -10.210 28.190  4.681   1.00 51.81 ? 107  ARG A CZ  1 
ATOM   819  N NH1 . ARG A 1 108 ? -9.431  28.035  5.750   1.00 52.80 ? 107  ARG A NH1 1 
ATOM   820  N NH2 . ARG A 1 108 ? -11.060 29.220  4.630   1.00 54.31 ? 107  ARG A NH2 1 
ATOM   821  N N   . LYS A 1 109 ? -13.857 24.176  1.847   1.00 36.89 ? 108  LYS A N   1 
ATOM   822  C CA  . LYS A 1 109 ? -14.987 23.880  2.721   1.00 37.31 ? 108  LYS A CA  1 
ATOM   823  C C   . LYS A 1 109 ? -15.460 22.436  2.572   1.00 35.30 ? 108  LYS A C   1 
ATOM   824  O O   . LYS A 1 109 ? -16.156 21.936  3.441   1.00 36.24 ? 108  LYS A O   1 
ATOM   825  C CB  . LYS A 1 109 ? -16.158 24.832  2.424   1.00 37.98 ? 108  LYS A CB  1 
ATOM   826  C CG  . LYS A 1 109 ? -17.022 24.358  1.233   1.00 39.59 ? 108  LYS A CG  1 
ATOM   827  C CD  . LYS A 1 109 ? -17.980 25.407  0.727   1.00 40.97 ? 108  LYS A CD  1 
ATOM   828  C CE  . LYS A 1 109 ? -18.724 24.866  -0.494  1.00 46.76 ? 108  LYS A CE  1 
ATOM   829  N NZ  . LYS A 1 109 ? -19.397 25.974  -1.237  1.00 50.56 ? 108  LYS A NZ  1 
ATOM   830  N N   . ASP A 1 110 ? -15.108 21.780  1.473   1.00 33.29 ? 109  ASP A N   1 
ATOM   831  C CA  . ASP A 1 110 ? -15.448 20.367  1.293   1.00 31.39 ? 109  ASP A CA  1 
ATOM   832  C C   . ASP A 1 110 ? -14.372 19.431  1.860   1.00 29.57 ? 109  ASP A C   1 
ATOM   833  O O   . ASP A 1 110 ? -14.507 18.235  1.734   1.00 27.65 ? 109  ASP A O   1 
ATOM   834  C CB  . ASP A 1 110 ? -15.612 20.009  -0.189  1.00 31.73 ? 109  ASP A CB  1 
ATOM   835  C CG  . ASP A 1 110 ? -16.722 20.750  -0.861  1.00 34.19 ? 109  ASP A CG  1 
ATOM   836  O OD1 . ASP A 1 110 ? -17.819 20.921  -0.280  1.00 37.13 ? 109  ASP A OD1 1 
ATOM   837  O OD2 . ASP A 1 110 ? -16.503 21.138  -2.022  1.00 40.06 ? 109  ASP A OD2 1 
ATOM   838  N N   . THR A 1 111 ? -13.288 19.963  2.420   1.00 27.87 ? 110  THR A N   1 
ATOM   839  C CA  . THR A 1 111 ? -12.241 19.079  2.895   1.00 27.02 ? 110  THR A CA  1 
ATOM   840  C C   . THR A 1 111 ? -12.746 18.123  3.988   1.00 25.58 ? 110  THR A C   1 
ATOM   841  O O   . THR A 1 111 ? -12.272 17.003  4.050   1.00 26.02 ? 110  THR A O   1 
ATOM   842  C CB  . THR A 1 111 ? -10.887 19.789  3.370   1.00 27.58 ? 110  THR A CB  1 
ATOM   843  O OG1 . THR A 1 111 ? -11.043 20.325  4.672   1.00 31.84 ? 110  THR A OG1 1 
ATOM   844  C CG2 . THR A 1 111 ? -10.455 20.855  2.504   1.00 26.90 ? 110  THR A CG2 1 
ATOM   845  N N   . TRP A 1 112 ? -13.710 18.531  4.827   1.00 24.00 ? 111  TRP A N   1 
ATOM   846  C CA  . TRP A 1 112 ? -14.190 17.660  5.919   1.00 22.56 ? 111  TRP A CA  1 
ATOM   847  C C   . TRP A 1 112 ? -14.569 16.243  5.443   1.00 21.66 ? 111  TRP A C   1 
ATOM   848  O O   . TRP A 1 112 ? -14.413 15.292  6.186   1.00 21.10 ? 111  TRP A O   1 
ATOM   849  C CB  . TRP A 1 112 ? -15.367 18.278  6.715   1.00 21.62 ? 111  TRP A CB  1 
ATOM   850  C CG  . TRP A 1 112 ? -16.643 18.221  5.912   1.00 21.42 ? 111  TRP A CG  1 
ATOM   851  C CD1 . TRP A 1 112 ? -17.097 19.161  5.013   1.00 19.68 ? 111  TRP A CD1 1 
ATOM   852  C CD2 . TRP A 1 112 ? -17.592 17.154  5.896   1.00 21.78 ? 111  TRP A CD2 1 
ATOM   853  N NE1 . TRP A 1 112 ? -18.265 18.736  4.442   1.00 22.48 ? 111  TRP A NE1 1 
ATOM   854  C CE2 . TRP A 1 112 ? -18.602 17.511  4.972   1.00 21.82 ? 111  TRP A CE2 1 
ATOM   855  C CE3 . TRP A 1 112 ? -17.704 15.933  6.598   1.00 21.73 ? 111  TRP A CE3 1 
ATOM   856  C CZ2 . TRP A 1 112 ? -19.698 16.695  4.723   1.00 22.42 ? 111  TRP A CZ2 1 
ATOM   857  C CZ3 . TRP A 1 112 ? -18.791 15.113  6.327   1.00 19.75 ? 111  TRP A CZ3 1 
ATOM   858  C CH2 . TRP A 1 112 ? -19.772 15.497  5.408   1.00 21.35 ? 111  TRP A CH2 1 
ATOM   859  N N   . LYS A 1 113 ? -15.083 16.114  4.225   1.00 21.58 ? 112  LYS A N   1 
ATOM   860  C CA  . LYS A 1 113 ? -15.560 14.823  3.699   1.00 21.00 ? 112  LYS A CA  1 
ATOM   861  C C   . LYS A 1 113 ? -14.585 14.102  2.749   1.00 20.29 ? 112  LYS A C   1 
ATOM   862  O O   . LYS A 1 113 ? -14.936 13.095  2.112   1.00 19.54 ? 112  LYS A O   1 
ATOM   863  C CB  . LYS A 1 113 ? -16.914 15.024  2.993   1.00 22.26 ? 112  LYS A CB  1 
ATOM   864  C CG  . LYS A 1 113 ? -16.911 16.031  1.858   1.00 24.18 ? 112  LYS A CG  1 
ATOM   865  C CD  . LYS A 1 113 ? -18.222 15.960  1.053   1.00 23.39 ? 112  LYS A CD  1 
ATOM   866  C CE  . LYS A 1 113 ? -17.944 16.224  -0.422  1.00 28.15 ? 112  LYS A CE  1 
ATOM   867  N NZ  . LYS A 1 113 ? -19.151 16.778  -1.118  1.00 29.70 ? 112  LYS A NZ  1 
ATOM   868  N N   . ALA A 1 114 ? -13.366 14.606  2.654   1.00 19.21 ? 113  ALA A N   1 
ATOM   869  C CA  . ALA A 1 114 ? -12.436 14.184  1.618   1.00 19.91 ? 113  ALA A CA  1 
ATOM   870  C C   . ALA A 1 114 ? -11.627 12.906  1.925   1.00 20.64 ? 113  ALA A C   1 
ATOM   871  O O   . ALA A 1 114 ? -10.926 12.397  1.039   1.00 21.16 ? 113  ALA A O   1 
ATOM   872  C CB  . ALA A 1 114 ? -11.483 15.363  1.265   1.00 18.74 ? 113  ALA A CB  1 
ATOM   873  N N   . THR A 1 115 ? -11.718 12.375  3.142   1.00 19.92 ? 114  THR A N   1 
ATOM   874  C CA  . THR A 1 115 ? -10.770 11.327  3.562   1.00 20.88 ? 114  THR A CA  1 
ATOM   875  C C   . THR A 1 115 ? -11.514 10.127  4.072   1.00 19.68 ? 114  THR A C   1 
ATOM   876  O O   . THR A 1 115 ? -12.213 10.217  5.050   1.00 19.91 ? 114  THR A O   1 
ATOM   877  C CB  . THR A 1 115 ? -9.834  11.841  4.689   1.00 20.60 ? 114  THR A CB  1 
ATOM   878  O OG1 . THR A 1 115 ? -9.205  13.032  4.248   1.00 24.29 ? 114  THR A OG1 1 
ATOM   879  C CG2 . THR A 1 115 ? -8.757  10.852  5.022   1.00 19.72 ? 114  THR A CG2 1 
ATOM   880  N N   . ARG A 1 116 ? -11.343 9.005   3.395   1.00 20.76 ? 115  ARG A N   1 
ATOM   881  C CA  . ARG A 1 116 ? -11.821 7.723   3.851   1.00 20.21 ? 115  ARG A CA  1 
ATOM   882  C C   . ARG A 1 116 ? -10.635 6.996   4.472   1.00 19.82 ? 115  ARG A C   1 
ATOM   883  O O   . ARG A 1 116 ? -9.494  7.225   4.063   1.00 19.76 ? 115  ARG A O   1 
ATOM   884  C CB  . ARG A 1 116 ? -12.344 6.920   2.649   1.00 21.42 ? 115  ARG A CB  1 
ATOM   885  C CG  . ARG A 1 116 ? -13.712 7.339   2.169   1.00 23.51 ? 115  ARG A CG  1 
ATOM   886  C CD  . ARG A 1 116 ? -14.043 6.619   0.869   1.00 28.63 ? 115  ARG A CD  1 
ATOM   887  N NE  . ARG A 1 116 ? -14.728 7.540   -0.034  1.00 36.93 ? 115  ARG A NE  1 
ATOM   888  C CZ  . ARG A 1 116 ? -15.903 7.320   -0.603  1.00 37.64 ? 115  ARG A CZ  1 
ATOM   889  N NH1 . ARG A 1 116 ? -16.546 6.192   -0.407  1.00 42.37 ? 115  ARG A NH1 1 
ATOM   890  N NH2 . ARG A 1 116 ? -16.437 8.241   -1.377  1.00 43.58 ? 115  ARG A NH2 1 
ATOM   891  N N   . VAL A 1 117 ? -10.914 6.136   5.454   1.00 18.35 ? 116  VAL A N   1 
ATOM   892  C CA  . VAL A 1 117 ? -9.925  5.375   6.194   1.00 16.57 ? 116  VAL A CA  1 
ATOM   893  C C   . VAL A 1 117 ? -10.321 3.887   6.184   1.00 16.14 ? 116  VAL A C   1 
ATOM   894  O O   . VAL A 1 117 ? -11.488 3.544   6.083   1.00 15.67 ? 116  VAL A O   1 
ATOM   895  C CB  . VAL A 1 117 ? -9.860  5.854   7.671   1.00 17.10 ? 116  VAL A CB  1 
ATOM   896  C CG1 . VAL A 1 117 ? -11.167 5.554   8.416   1.00 14.64 ? 116  VAL A CG1 1 
ATOM   897  C CG2 . VAL A 1 117 ? -8.698  5.218   8.423   1.00 16.98 ? 116  VAL A CG2 1 
ATOM   898  N N   . GLY A 1 118 ? -9.346  2.992   6.297   1.00 17.63 ? 117  GLY A N   1 
ATOM   899  C CA  . GLY A 1 118 ? -9.663  1.585   6.434   1.00 16.74 ? 117  GLY A CA  1 
ATOM   900  C C   . GLY A 1 118 ? -8.382  0.825   6.640   1.00 18.18 ? 117  GLY A C   1 
ATOM   901  O O   . GLY A 1 118 ? -7.325  1.436   6.790   1.00 17.32 ? 117  GLY A O   1 
ATOM   902  N N   . THR A 1 119 ? -8.478  -0.507  6.653   1.00 17.86 ? 118  THR A N   1 
ATOM   903  C CA  . THR A 1 119 ? -7.292  -1.349  6.814   1.00 18.94 ? 118  THR A CA  1 
ATOM   904  C C   . THR A 1 119 ? -7.241  -2.382  5.689   1.00 20.23 ? 118  THR A C   1 
ATOM   905  O O   . THR A 1 119 ? -8.262  -2.653  5.054   1.00 21.56 ? 118  THR A O   1 
ATOM   906  C CB  . THR A 1 119 ? -7.316  -2.061  8.197   1.00 19.32 ? 118  THR A CB  1 
ATOM   907  O OG1 . THR A 1 119 ? -8.553  -2.743  8.351   1.00 18.32 ? 118  THR A OG1 1 
ATOM   908  C CG2 . THR A 1 119 ? -7.193  -1.036  9.378   1.00 16.51 ? 118  THR A CG2 1 
ATOM   909  N N   . ASN A 1 120 ? -6.065  -2.958  5.434   1.00 21.15 ? 119  ASN A N   1 
ATOM   910  C CA  . ASN A 1 120 ? -5.925  -4.085  4.487   1.00 21.68 ? 119  ASN A CA  1 
ATOM   911  C C   . ASN A 1 120 ? -4.938  -5.088  5.069   1.00 22.46 ? 119  ASN A C   1 
ATOM   912  O O   . ASN A 1 120 ? -4.102  -4.721  5.880   1.00 21.51 ? 119  ASN A O   1 
ATOM   913  C CB  . ASN A 1 120 ? -5.413  -3.612  3.117   1.00 21.87 ? 119  ASN A CB  1 
ATOM   914  C CG  . ASN A 1 120 ? -6.515  -3.039  2.231   1.00 22.68 ? 119  ASN A CG  1 
ATOM   915  O OD1 . ASN A 1 120 ? -6.298  -2.101  1.464   1.00 21.78 ? 119  ASN A OD1 1 
ATOM   916  N ND2 . ASN A 1 120 ? -7.692  -3.641  2.294   1.00 21.09 ? 119  ASN A ND2 1 
ATOM   917  N N   . VAL A 1 121 ? -5.068  -6.359  4.694   1.00 23.05 ? 120  VAL A N   1 
ATOM   918  C CA  . VAL A 1 121 ? -4.079  -7.379  5.068   1.00 24.37 ? 120  VAL A CA  1 
ATOM   919  C C   . VAL A 1 121 ? -3.569  -7.973  3.772   1.00 24.18 ? 120  VAL A C   1 
ATOM   920  O O   . VAL A 1 121 ? -4.361  -8.419  2.955   1.00 24.43 ? 120  VAL A O   1 
ATOM   921  C CB  . VAL A 1 121 ? -4.656  -8.505  5.949   1.00 24.51 ? 120  VAL A CB  1 
ATOM   922  C CG1 . VAL A 1 121 ? -3.510  -9.460  6.430   1.00 24.43 ? 120  VAL A CG1 1 
ATOM   923  C CG2 . VAL A 1 121 ? -5.331  -7.924  7.165   1.00 27.77 ? 120  VAL A CG2 1 
ATOM   924  N N   . PHE A 1 122 ? -2.259  -7.928  3.561   1.00 25.02 ? 121  PHE A N   1 
ATOM   925  C CA  . PHE A 1 122 ? -1.677  -8.463  2.317   1.00 25.95 ? 121  PHE A CA  1 
ATOM   926  C C   . PHE A 1 122 ? -0.920  -9.745  2.604   1.00 26.49 ? 121  PHE A C   1 
ATOM   927  O O   . PHE A 1 122 ? -0.241  -9.856  3.620   1.00 26.47 ? 121  PHE A O   1 
ATOM   928  C CB  . PHE A 1 122 ? -0.686  -7.489  1.663   1.00 25.26 ? 121  PHE A CB  1 
ATOM   929  C CG  . PHE A 1 122 ? -1.287  -6.203  1.183   1.00 25.18 ? 121  PHE A CG  1 
ATOM   930  C CD1 . PHE A 1 122 ? -1.468  -5.972  -0.169  1.00 25.46 ? 121  PHE A CD1 1 
ATOM   931  C CD2 . PHE A 1 122 ? -1.631  -5.208  2.075   1.00 23.54 ? 121  PHE A CD2 1 
ATOM   932  C CE1 . PHE A 1 122 ? -1.986  -4.766  -0.616  1.00 25.12 ? 121  PHE A CE1 1 
ATOM   933  C CE2 . PHE A 1 122 ? -2.176  -4.037  1.642   1.00 23.12 ? 121  PHE A CE2 1 
ATOM   934  C CZ  . PHE A 1 122 ? -2.337  -3.799  0.299   1.00 24.08 ? 121  PHE A CZ  1 
ATOM   935  N N   . THR A 1 123 ? -1.016  -10.696 1.690   1.00 26.90 ? 122  THR A N   1 
ATOM   936  C CA  . THR A 1 123 ? -0.111  -11.835 1.740   1.00 28.38 ? 122  THR A CA  1 
ATOM   937  C C   . THR A 1 123 ? 0.602   -11.959 0.395   1.00 28.93 ? 122  THR A C   1 
ATOM   938  O O   . THR A 1 123 ? 0.137   -11.407 -0.626  1.00 28.62 ? 122  THR A O   1 
ATOM   939  C CB  . THR A 1 123 ? -0.844  -13.144 2.171   1.00 28.38 ? 122  THR A CB  1 
ATOM   940  O OG1 . THR A 1 123 ? -1.947  -13.375 1.301   1.00 29.31 ? 122  THR A OG1 1 
ATOM   941  C CG2 . THR A 1 123 ? -1.365  -13.029 3.609   1.00 26.29 ? 122  THR A CG2 1 
ATOM   942  N N   . ARG A 1 124 ? 1.752   -12.633 0.404   1.00 29.61 ? 123  ARG A N   1 
ATOM   943  C CA  . ARG A 1 124 ? 2.576   -12.785 -0.796  1.00 30.88 ? 123  ARG A CA  1 
ATOM   944  C C   . ARG A 1 124 ? 1.909   -13.705 -1.825  1.00 31.92 ? 123  ARG A C   1 
ATOM   945  O O   . ARG A 1 124 ? 1.489   -14.795 -1.464  1.00 33.44 ? 123  ARG A O   1 
ATOM   946  C CB  . ARG A 1 124 ? 3.932   -13.344 -0.398  1.00 30.41 ? 123  ARG A CB  1 
ATOM   947  C CG  . ARG A 1 124 ? 5.007   -12.975 -1.336  1.00 31.50 ? 123  ARG A CG  1 
ATOM   948  C CD  . ARG A 1 124 ? 6.307   -13.580 -0.944  1.00 29.30 ? 123  ARG A CD  1 
ATOM   949  N NE  . ARG A 1 124 ? 7.057   -12.841 0.070   1.00 31.20 ? 123  ARG A NE  1 
ATOM   950  C CZ  . ARG A 1 124 ? 7.643   -11.651 -0.089  1.00 28.87 ? 123  ARG A CZ  1 
ATOM   951  N NH1 . ARG A 1 124 ? 7.521   -10.951 -1.219  1.00 26.76 ? 123  ARG A NH1 1 
ATOM   952  N NH2 . ARG A 1 124 ? 8.321   -11.143 0.928   1.00 25.44 ? 123  ARG A NH2 1 
ATOM   953  N N   . VAL A 1 125 ? 1.806   -13.273 -3.081  1.00 33.34 ? 124  VAL A N   1 
ATOM   954  C CA  . VAL A 1 125 ? 1.248   -14.116 -4.179  1.00 35.31 ? 124  VAL A CA  1 
ATOM   955  C C   . VAL A 1 125 ? 2.191   -15.305 -4.476  1.00 36.33 ? 124  VAL A C   1 
ATOM   956  O O   . VAL A 1 125 ? 3.408   -15.138 -4.610  1.00 35.64 ? 124  VAL A O   1 
ATOM   957  C CB  . VAL A 1 125 ? 0.966   -13.305 -5.483  1.00 35.30 ? 124  VAL A CB  1 
ATOM   958  C CG1 . VAL A 1 125 ? 0.661   -14.240 -6.680  1.00 36.40 ? 124  VAL A CG1 1 
ATOM   959  C CG2 . VAL A 1 125 ? -0.197  -12.341 -5.293  1.00 34.24 ? 124  VAL A CG2 1 
ATOM   960  N N   . LYS A 1 126 ? 1.628   -16.505 -4.558  1.00 38.63 ? 125  LYS A N   1 
ATOM   961  C CA  . LYS A 1 126 ? 2.456   -17.716 -4.574  1.00 40.42 ? 125  LYS A CA  1 
ATOM   962  C C   . LYS A 1 126 ? 3.236   -17.846 -5.872  1.00 41.06 ? 125  LYS A C   1 
ATOM   963  O O   . LYS A 1 126 ? 2.821   -17.342 -6.933  1.00 41.36 ? 125  LYS A O   1 
ATOM   964  C CB  . LYS A 1 126 ? 1.622   -18.969 -4.299  1.00 41.15 ? 125  LYS A CB  1 
ATOM   965  C CG  . LYS A 1 126 ? 1.104   -19.072 -2.875  1.00 43.36 ? 125  LYS A CG  1 
ATOM   966  C CD  . LYS A 1 126 ? 0.101   -20.215 -2.772  1.00 47.95 ? 125  LYS A CD  1 
ATOM   967  C CE  . LYS A 1 126 ? -1.021  -19.881 -1.812  1.00 51.49 ? 125  LYS A CE  1 
ATOM   968  N NZ  . LYS A 1 126 ? -0.515  -19.818 -0.412  1.00 53.69 ? 125  LYS A NZ  1 
ATOM   969  O OXT . LYS A 1 126 ? 4.316   -18.442 -5.858  1.00 41.69 ? 125  LYS A OXT 1 
HETATM 970  C C11 . BTN B 2 .   ? -10.260 5.721   -5.937  1.00 27.18 ? 1126 BTN A C11 1 
HETATM 971  O O11 . BTN B 2 .   ? -10.392 6.979   -5.926  1.00 24.93 ? 1126 BTN A O11 1 
HETATM 972  O O12 . BTN B 2 .   ? -11.284 5.025   -5.792  1.00 25.74 ? 1126 BTN A O12 1 
HETATM 973  C C10 . BTN B 2 .   ? -8.907  5.050   -6.175  1.00 25.31 ? 1126 BTN A C10 1 
HETATM 974  C C9  . BTN B 2 .   ? -8.945  3.540   -5.918  1.00 23.38 ? 1126 BTN A C9  1 
HETATM 975  C C8  . BTN B 2 .   ? -8.653  3.350   -4.422  1.00 20.76 ? 1126 BTN A C8  1 
HETATM 976  C C7  . BTN B 2 .   ? -8.761  1.911   -3.951  1.00 18.73 ? 1126 BTN A C7  1 
HETATM 977  C C2  . BTN B 2 .   ? -8.670  1.836   -2.422  1.00 19.90 ? 1126 BTN A C2  1 
HETATM 978  S S1  . BTN B 2 .   ? -7.155  2.298   -1.794  1.00 20.01 ? 1126 BTN A S1  1 
HETATM 979  C C6  . BTN B 2 .   ? -7.577  1.487   -0.250  1.00 17.86 ? 1126 BTN A C6  1 
HETATM 980  C C5  . BTN B 2 .   ? -8.435  0.286   -0.518  1.00 17.82 ? 1126 BTN A C5  1 
HETATM 981  N N1  . BTN B 2 .   ? -7.527  -0.833  -0.591  1.00 19.06 ? 1126 BTN A N1  1 
HETATM 982  C C3  . BTN B 2 .   ? -7.438  -1.259  -1.839  1.00 18.57 ? 1126 BTN A C3  1 
HETATM 983  O O3  . BTN B 2 .   ? -6.628  -2.328  -2.186  1.00 19.13 ? 1126 BTN A O3  1 
HETATM 984  N N2  . BTN B 2 .   ? -8.199  -0.548  -2.684  1.00 17.57 ? 1126 BTN A N2  1 
HETATM 985  C C4  . BTN B 2 .   ? -8.970  0.421   -1.943  1.00 18.26 ? 1126 BTN A C4  1 
HETATM 986  C C1  . GOL C 3 .   ? 16.346  8.243   -2.268  1.00 53.95 ? 1127 GOL A C1  1 
HETATM 987  O O1  . GOL C 3 .   ? 16.373  7.105   -1.421  1.00 50.51 ? 1127 GOL A O1  1 
HETATM 988  C C2  . GOL C 3 .   ? 15.994  7.860   -3.711  1.00 54.02 ? 1127 GOL A C2  1 
HETATM 989  O O2  . GOL C 3 .   ? 17.170  7.853   -4.501  1.00 55.07 ? 1127 GOL A O2  1 
HETATM 990  C C3  . GOL C 3 .   ? 14.993  8.834   -4.330  1.00 54.57 ? 1127 GOL A C3  1 
HETATM 991  O O3  . GOL C 3 .   ? 14.357  9.596   -3.329  1.00 54.73 ? 1127 GOL A O3  1 
HETATM 992  O O   . HOH D 4 .   ? 9.590   -5.820  6.446   1.00 26.66 ? 2001 HOH A O   1 
HETATM 993  O O   . HOH D 4 .   ? 10.223  -14.114 -0.960  1.00 46.56 ? 2002 HOH A O   1 
HETATM 994  O O   . HOH D 4 .   ? 13.029  -6.138  -0.001  1.00 49.97 ? 2003 HOH A O   1 
HETATM 995  O O   . HOH D 4 .   ? 16.650  -8.358  -5.152  1.00 64.00 ? 2004 HOH A O   1 
HETATM 996  O O   . HOH D 4 .   ? -5.738  -1.727  -18.126 1.00 43.24 ? 2005 HOH A O   1 
HETATM 997  O O   . HOH D 4 .   ? -6.428  -6.999  -9.117  1.00 49.26 ? 2006 HOH A O   1 
HETATM 998  O O   . HOH D 4 .   ? 9.476   -0.158  -10.056 1.00 53.36 ? 2007 HOH A O   1 
HETATM 999  O O   . HOH D 4 .   ? -7.750  10.731  -14.182 1.00 34.40 ? 2008 HOH A O   1 
HETATM 1000 O O   . HOH D 4 .   ? 20.692  2.515   -3.739  1.00 44.58 ? 2009 HOH A O   1 
HETATM 1001 O O   . HOH D 4 .   ? 14.094  2.696   -5.287  1.00 43.05 ? 2010 HOH A O   1 
HETATM 1002 O O   . HOH D 4 .   ? 6.010   2.645   -10.846 1.00 47.80 ? 2011 HOH A O   1 
HETATM 1003 O O   . HOH D 4 .   ? 0.920   -4.628  -9.752  1.00 44.20 ? 2012 HOH A O   1 
HETATM 1004 O O   . HOH D 4 .   ? 6.484   -1.884  -10.968 1.00 31.14 ? 2013 HOH A O   1 
HETATM 1005 O O   . HOH D 4 .   ? -6.787  -4.362  11.683  1.00 38.63 ? 2014 HOH A O   1 
HETATM 1006 O O   . HOH D 4 .   ? -8.259  -4.291  -11.025 1.00 42.62 ? 2015 HOH A O   1 
HETATM 1007 O O   . HOH D 4 .   ? -15.204 -1.072  -7.397  1.00 28.12 ? 2016 HOH A O   1 
HETATM 1008 O O   . HOH D 4 .   ? -18.875 3.202   -7.520  1.00 51.75 ? 2017 HOH A O   1 
HETATM 1009 O O   . HOH D 4 .   ? -15.207 13.672  -1.500  1.00 37.83 ? 2018 HOH A O   1 
HETATM 1010 O O   . HOH D 4 .   ? -16.106 9.088   -10.417 1.00 48.91 ? 2019 HOH A O   1 
HETATM 1011 O O   . HOH D 4 .   ? -12.367 -2.583  -18.987 1.00 40.13 ? 2020 HOH A O   1 
HETATM 1012 O O   . HOH D 4 .   ? -12.531 -0.900  -13.424 1.00 43.75 ? 2021 HOH A O   1 
HETATM 1013 O O   . HOH D 4 .   ? -4.839  0.520   -9.672  1.00 23.27 ? 2022 HOH A O   1 
HETATM 1014 O O   . HOH D 4 .   ? -4.325  -1.942  -15.467 1.00 27.63 ? 2023 HOH A O   1 
HETATM 1015 O O   . HOH D 4 .   ? 5.170   8.023   0.042   0.50 15.15 ? 2024 HOH A O   1 
HETATM 1016 O O   . HOH D 4 .   ? 15.584  1.707   5.617   1.00 46.28 ? 2025 HOH A O   1 
HETATM 1017 O O   . HOH D 4 .   ? 14.347  -2.098  5.420   1.00 45.55 ? 2026 HOH A O   1 
HETATM 1018 O O   . HOH D 4 .   ? 12.097  -5.003  3.129   1.00 28.63 ? 2027 HOH A O   1 
HETATM 1019 O O   . HOH D 4 .   ? 10.469  -10.656 11.765  1.00 51.05 ? 2028 HOH A O   1 
HETATM 1020 O O   . HOH D 4 .   ? 7.541   -4.446  7.612   1.00 29.25 ? 2029 HOH A O   1 
HETATM 1021 O O   . HOH D 4 .   ? -4.896  10.717  -12.348 1.00 48.20 ? 2030 HOH A O   1 
HETATM 1022 O O   . HOH D 4 .   ? -6.020  15.165  -7.632  1.00 25.43 ? 2031 HOH A O   1 
HETATM 1023 O O   . HOH D 4 .   ? -11.784 11.024  -9.910  1.00 32.92 ? 2032 HOH A O   1 
HETATM 1024 O O   . HOH D 4 .   ? -0.470  11.251  -5.672  1.00 32.04 ? 2033 HOH A O   1 
HETATM 1025 O O   . HOH D 4 .   ? 7.199   -7.757  12.424  1.00 32.58 ? 2034 HOH A O   1 
HETATM 1026 O O   . HOH D 4 .   ? 6.820   -11.467 12.585  1.00 40.68 ? 2035 HOH A O   1 
HETATM 1027 O O   . HOH D 4 .   ? 2.041   -14.492 2.580   1.00 28.52 ? 2036 HOH A O   1 
HETATM 1028 O O   . HOH D 4 .   ? 4.354   -15.880 2.879   1.00 35.93 ? 2037 HOH A O   1 
HETATM 1029 O O   . HOH D 4 .   ? -4.469  -4.510  9.001   1.00 21.77 ? 2038 HOH A O   1 
HETATM 1030 O O   . HOH D 4 .   ? -12.092 9.525   -0.146  1.00 21.05 ? 2039 HOH A O   1 
HETATM 1031 O O   . HOH D 4 .   ? -7.821  17.401  5.945   1.00 33.46 ? 2040 HOH A O   1 
HETATM 1032 O O   . HOH D 4 .   ? -9.025  18.397  1.122   1.00 39.34 ? 2041 HOH A O   1 
HETATM 1033 O O   . HOH D 4 .   ? -16.525 9.460   -3.882  1.00 43.06 ? 2042 HOH A O   1 
HETATM 1034 O O   . HOH D 4 .   ? -8.838  16.618  -0.648  1.00 25.39 ? 2043 HOH A O   1 
HETATM 1035 O O   . HOH D 4 .   ? -11.422 12.820  -6.515  1.00 46.58 ? 2044 HOH A O   1 
HETATM 1036 O O   . HOH D 4 .   ? -14.104 26.833  0.502   1.00 50.29 ? 2045 HOH A O   1 
HETATM 1037 O O   . HOH D 4 .   ? -14.291 21.411  5.374   1.00 36.21 ? 2046 HOH A O   1 
HETATM 1038 O O   . HOH D 4 .   ? -11.983 22.823  7.003   1.00 45.07 ? 2047 HOH A O   1 
HETATM 1039 O O   . HOH D 4 .   ? -19.834 20.028  2.261   1.00 30.93 ? 2048 HOH A O   1 
HETATM 1040 O O   . HOH D 4 .   ? -13.335 12.983  5.566   1.00 28.42 ? 2049 HOH A O   1 
HETATM 1041 O O   . HOH D 4 .   ? -14.323 11.168  0.292   1.00 31.18 ? 2050 HOH A O   1 
HETATM 1042 O O   . HOH D 4 .   ? -10.229 15.441  5.379   1.00 24.78 ? 2051 HOH A O   1 
HETATM 1043 O O   . HOH D 4 .   ? -19.559 5.844   -1.852  1.00 47.78 ? 2052 HOH A O   1 
HETATM 1044 O O   . HOH D 4 .   ? -12.746 1.100   5.542   1.00 25.98 ? 2053 HOH A O   1 
HETATM 1045 O O   . HOH D 4 .   ? -10.273 -1.895  3.213   1.00 22.21 ? 2054 HOH A O   1 
HETATM 1046 O O   . HOH D 4 .   ? -11.430 -1.040  6.010   1.00 18.19 ? 2055 HOH A O   1 
HETATM 1047 O O   . HOH D 4 .   ? -8.265  -5.398  7.039   1.00 34.15 ? 2056 HOH A O   1 
HETATM 1048 O O   . HOH D 4 .   ? -5.577  -10.918 2.846   1.00 45.92 ? 2057 HOH A O   1 
HETATM 1049 O O   . HOH D 4 .   ? -4.863  -12.670 0.708   1.00 37.99 ? 2058 HOH A O   1 
HETATM 1050 O O   . HOH D 4 .   ? 6.690   -12.024 -3.886  1.00 45.32 ? 2059 HOH A O   1 
HETATM 1051 O O   . HOH D 4 .   ? -1.022  -16.906 -4.625  1.00 46.15 ? 2060 HOH A O   1 
HETATM 1052 O O   . HOH D 4 .   ? 5.470   -15.312 -7.494  1.00 50.91 ? 2061 HOH A O   1 
# 
